data_7S8W
#
_entry.id   7S8W
#
_cell.length_a   213.742
_cell.length_b   213.742
_cell.length_c   253.077
_cell.angle_alpha   90.000
_cell.angle_beta   90.000
_cell.angle_gamma   120.000
#
_symmetry.space_group_name_H-M   'H 3 2'
#
loop_
_entity.id
_entity.type
_entity.pdbx_description
1 polymer 'N-succinylamino acid racemase/O-succinylbenzoate synthase'
2 non-polymer N-succinyl-L-phenylglycine
3 non-polymer 'MAGNESIUM ION'
4 non-polymer 'PENTAETHYLENE GLYCOL'
5 water water
#
_entity_poly.entity_id   1
_entity_poly.type   'polypeptide(L)'
_entity_poly.pdbx_seq_one_letter_code
;MKLSGVELRRVQMPLVAPFRTSFGTQSVRELLLLRAVTPAGEGWGECVTMAGPLYSSEYNDGAEHVLRHYLIPALLAAED
ITAAKVTPLLAKFKGHRMAKGALEMAVLDAELRAHERSFAAELGSVRDSVPCGVSVGIMDTIPQLLDVVGGYLDEGYVRI
KLKIEPGWDVEPVRAVRERFGDDVLLQVDANTAYTLGDAPQLARLDPFGLLLIEQPLEEEDVLGHAELARRIQTPICLDE
SIVSARAAADAIKLGAVQIVNIKPGQVGGYLEARRVHDVCAAHGIPVWCGGMIETGLGRAANVALASLPNFTLPGDTSAS
DRFYKTDITEPFVLSGGHLPVPTGPGLGVAPIPELLDEVTTAKVWIGS
;
_entity_poly.pdbx_strand_id   A,B,C,D
#
loop_
_chem_comp.id
_chem_comp.type
_chem_comp.name
_chem_comp.formula
1PE non-polymer 'PENTAETHYLENE GLYCOL' 'C10 H22 O6'
8JI non-polymer N-succinyl-L-phenylglycine 'C12 H13 N O5'
MG non-polymer 'MAGNESIUM ION' 'Mg 2'
#
# COMPACT_ATOMS: atom_id res chain seq x y z
N MET A 1 -4.81 -25.52 -14.40
CA MET A 1 -5.44 -26.46 -15.32
C MET A 1 -5.94 -25.64 -16.47
N LYS A 2 -6.95 -26.20 -17.11
CA LYS A 2 -7.75 -25.52 -18.11
C LYS A 2 -9.19 -25.65 -17.61
N LEU A 3 -9.95 -24.56 -17.62
CA LEU A 3 -11.29 -24.62 -17.06
C LEU A 3 -12.17 -25.46 -17.98
N SER A 4 -12.74 -26.52 -17.41
CA SER A 4 -13.63 -27.38 -18.17
C SER A 4 -15.04 -26.79 -18.21
N GLY A 5 -15.47 -26.18 -17.12
CA GLY A 5 -16.76 -25.49 -17.18
C GLY A 5 -17.15 -24.90 -15.84
N VAL A 6 -18.30 -24.24 -15.85
CA VAL A 6 -18.84 -23.58 -14.66
C VAL A 6 -20.33 -23.86 -14.60
N GLU A 7 -20.80 -24.39 -13.48
CA GLU A 7 -22.23 -24.50 -13.22
C GLU A 7 -22.65 -23.24 -12.48
N LEU A 8 -23.52 -22.48 -13.11
CA LEU A 8 -24.09 -21.28 -12.50
C LEU A 8 -25.42 -21.65 -11.87
N ARG A 9 -25.60 -21.34 -10.60
CA ARG A 9 -26.79 -21.76 -9.85
C ARG A 9 -27.39 -20.58 -9.08
N ARG A 10 -28.71 -20.39 -9.20
CA ARG A 10 -29.41 -19.34 -8.48
C ARG A 10 -30.10 -19.93 -7.26
N VAL A 11 -29.93 -19.30 -6.11
CA VAL A 11 -30.37 -19.84 -4.83
C VAL A 11 -31.21 -18.78 -4.11
N GLN A 12 -32.23 -19.22 -3.38
CA GLN A 12 -33.08 -18.32 -2.61
C GLN A 12 -33.18 -18.85 -1.20
N MET A 13 -32.67 -18.10 -0.22
CA MET A 13 -32.64 -18.58 1.15
C MET A 13 -33.32 -17.60 2.08
N PRO A 14 -34.31 -18.04 2.85
CA PRO A 14 -35.04 -17.12 3.72
C PRO A 14 -34.26 -16.79 4.99
N LEU A 15 -34.41 -15.56 5.43
CA LEU A 15 -33.71 -15.08 6.62
C LEU A 15 -34.54 -15.33 7.87
N VAL A 16 -33.84 -15.61 8.97
CA VAL A 16 -34.48 -15.77 10.27
C VAL A 16 -35.35 -14.57 10.61
N ALA A 17 -34.88 -13.38 10.29
CA ALA A 17 -35.64 -12.17 10.57
C ALA A 17 -35.33 -11.14 9.49
N PRO A 18 -36.26 -10.25 9.19
CA PRO A 18 -35.96 -9.19 8.22
C PRO A 18 -34.77 -8.36 8.70
N PHE A 19 -34.01 -7.86 7.73
CA PHE A 19 -32.81 -7.07 7.95
C PHE A 19 -33.00 -5.74 7.23
N ARG A 20 -33.09 -4.64 7.97
CA ARG A 20 -33.43 -3.35 7.38
C ARG A 20 -32.22 -2.42 7.38
N THR A 21 -31.96 -1.81 6.23
CA THR A 21 -30.89 -0.84 6.05
C THR A 21 -31.48 0.40 5.40
N SER A 22 -30.66 1.45 5.33
CA SER A 22 -31.11 2.72 4.78
C SER A 22 -31.67 2.61 3.37
N PHE A 23 -31.43 1.49 2.67
CA PHE A 23 -31.90 1.32 1.31
C PHE A 23 -32.90 0.18 1.15
N GLY A 24 -33.37 -0.41 2.23
CA GLY A 24 -34.43 -1.39 2.09
C GLY A 24 -34.36 -2.45 3.16
N THR A 25 -35.43 -3.24 3.23
CA THR A 25 -35.50 -4.37 4.13
C THR A 25 -35.34 -5.64 3.31
N GLN A 26 -34.44 -6.50 3.76
CA GLN A 26 -34.20 -7.77 3.12
C GLN A 26 -34.77 -8.84 3.99
N SER A 27 -35.48 -9.76 3.39
CA SER A 27 -36.11 -10.87 4.10
C SER A 27 -35.75 -12.20 3.45
N VAL A 28 -35.48 -12.20 2.14
CA VAL A 28 -35.05 -13.40 1.46
C VAL A 28 -33.77 -13.02 0.73
N ARG A 29 -32.72 -13.83 0.89
CA ARG A 29 -31.44 -13.56 0.25
C ARG A 29 -31.41 -14.37 -1.04
N GLU A 30 -31.40 -13.68 -2.17
CA GLU A 30 -31.26 -14.31 -3.47
C GLU A 30 -29.79 -14.22 -3.88
N LEU A 31 -29.19 -15.37 -4.14
CA LEU A 31 -27.76 -15.50 -4.32
C LEU A 31 -27.45 -16.21 -5.63
N LEU A 32 -26.21 -16.02 -6.06
CA LEU A 32 -25.68 -16.66 -7.24
C LEU A 32 -24.45 -17.46 -6.82
N LEU A 33 -24.44 -18.75 -7.13
CA LEU A 33 -23.36 -19.66 -6.78
C LEU A 33 -22.73 -20.21 -8.04
N LEU A 34 -21.43 -20.47 -7.97
CA LEU A 34 -20.63 -20.92 -9.10
C LEU A 34 -19.91 -22.20 -8.70
N ARG A 35 -19.94 -23.19 -9.57
CA ARG A 35 -19.17 -24.43 -9.39
C ARG A 35 -18.23 -24.54 -10.60
N ALA A 36 -16.96 -24.21 -10.40
CA ALA A 36 -15.96 -24.37 -11.44
C ALA A 36 -15.40 -25.79 -11.41
N VAL A 37 -15.29 -26.41 -12.58
CA VAL A 37 -14.76 -27.77 -12.71
C VAL A 37 -13.59 -27.73 -13.68
N THR A 38 -12.47 -28.29 -13.22
CA THR A 38 -11.22 -28.46 -13.93
C THR A 38 -10.89 -29.95 -13.90
N PRO A 39 -9.95 -30.41 -14.75
CA PRO A 39 -9.46 -31.79 -14.58
C PRO A 39 -9.03 -32.11 -13.16
N ALA A 40 -8.59 -31.11 -12.39
CA ALA A 40 -8.16 -31.37 -11.02
C ALA A 40 -9.32 -31.54 -10.06
N GLY A 41 -10.44 -30.86 -10.28
CA GLY A 41 -11.57 -31.05 -9.39
C GLY A 41 -12.51 -29.85 -9.41
N GLU A 42 -13.30 -29.75 -8.34
CA GLU A 42 -14.35 -28.76 -8.21
C GLU A 42 -13.91 -27.60 -7.32
N GLY A 43 -14.55 -26.47 -7.52
CA GLY A 43 -14.40 -25.32 -6.63
C GLY A 43 -15.70 -24.54 -6.60
N TRP A 44 -15.99 -23.92 -5.46
CA TRP A 44 -17.25 -23.20 -5.26
C TRP A 44 -16.97 -21.72 -5.02
N GLY A 45 -17.74 -20.88 -5.71
CA GLY A 45 -17.69 -19.45 -5.49
C GLY A 45 -19.10 -18.92 -5.24
N GLU A 46 -19.15 -17.80 -4.51
CA GLU A 46 -20.41 -17.15 -4.18
C GLU A 46 -20.34 -15.69 -4.61
N CYS A 47 -21.40 -15.22 -5.25
CA CYS A 47 -21.53 -13.82 -5.60
C CYS A 47 -22.34 -13.09 -4.53
N VAL A 48 -21.91 -11.88 -4.20
CA VAL A 48 -22.54 -11.12 -3.13
C VAL A 48 -23.50 -10.06 -3.67
N THR A 49 -23.81 -10.09 -4.97
CA THR A 49 -24.84 -9.24 -5.53
C THR A 49 -26.20 -9.58 -4.92
N MET A 50 -27.11 -8.62 -5.01
CA MET A 50 -28.48 -8.84 -4.58
C MET A 50 -29.39 -8.87 -5.80
N ALA A 51 -30.69 -9.00 -5.53
CA ALA A 51 -31.68 -9.10 -6.60
C ALA A 51 -31.65 -7.86 -7.48
N GLY A 52 -31.69 -6.68 -6.87
CA GLY A 52 -31.69 -5.45 -7.62
C GLY A 52 -30.50 -4.58 -7.32
N PRO A 53 -30.26 -3.58 -8.17
CA PRO A 53 -29.08 -2.69 -8.01
C PRO A 53 -29.30 -1.59 -6.98
N LEU A 54 -29.64 -2.00 -5.75
CA LEU A 54 -29.95 -1.07 -4.68
C LEU A 54 -28.74 -0.75 -3.81
N TYR A 55 -27.81 -1.69 -3.67
CA TYR A 55 -26.59 -1.48 -2.92
C TYR A 55 -25.46 -0.97 -3.81
N SER A 56 -25.33 -1.55 -5.00
CA SER A 56 -24.39 -1.12 -6.02
C SER A 56 -25.03 -1.32 -7.39
N SER A 57 -24.26 -1.04 -8.44
CA SER A 57 -24.76 -1.21 -9.81
C SER A 57 -24.93 -2.68 -10.19
N GLU A 58 -24.31 -3.59 -9.45
CA GLU A 58 -24.37 -5.00 -9.78
C GLU A 58 -25.55 -5.69 -9.09
N TYR A 59 -26.26 -6.53 -9.86
CA TYR A 59 -27.35 -7.32 -9.31
C TYR A 59 -27.33 -8.70 -9.95
N ASN A 60 -28.08 -9.63 -9.35
CA ASN A 60 -28.03 -11.05 -9.71
C ASN A 60 -28.15 -11.28 -11.22
N ASP A 61 -29.22 -10.78 -11.83
CA ASP A 61 -29.42 -11.01 -13.26
C ASP A 61 -28.27 -10.46 -14.09
N GLY A 62 -27.80 -9.26 -13.76
CA GLY A 62 -26.71 -8.67 -14.50
C GLY A 62 -25.41 -9.42 -14.30
N ALA A 63 -25.19 -9.92 -13.07
CA ALA A 63 -24.04 -10.77 -12.81
C ALA A 63 -24.09 -12.05 -13.64
N GLU A 64 -25.25 -12.71 -13.65
CA GLU A 64 -25.38 -13.93 -14.43
C GLU A 64 -25.10 -13.68 -15.90
N HIS A 65 -25.62 -12.57 -16.43
CA HIS A 65 -25.41 -12.30 -17.84
C HIS A 65 -23.93 -12.05 -18.15
N VAL A 66 -23.27 -11.19 -17.36
CA VAL A 66 -21.88 -10.89 -17.69
C VAL A 66 -21.00 -12.12 -17.49
N LEU A 67 -21.30 -12.95 -16.50
CA LEU A 67 -20.58 -14.20 -16.32
C LEU A 67 -20.76 -15.10 -17.52
N ARG A 68 -22.01 -15.28 -17.94
CA ARG A 68 -22.34 -16.28 -18.95
C ARG A 68 -21.81 -15.90 -20.33
N HIS A 69 -21.77 -14.60 -20.63
CA HIS A 69 -21.44 -14.14 -21.97
C HIS A 69 -20.05 -13.56 -22.12
N TYR A 70 -19.32 -13.31 -21.02
CA TYR A 70 -18.02 -12.66 -21.14
C TYR A 70 -16.94 -13.28 -20.25
N LEU A 71 -17.20 -13.38 -18.95
CA LEU A 71 -16.15 -13.78 -18.01
C LEU A 71 -15.85 -15.26 -18.13
N ILE A 72 -16.87 -16.11 -17.99
CA ILE A 72 -16.65 -17.55 -18.11
C ILE A 72 -16.13 -17.93 -19.51
N PRO A 73 -16.72 -17.42 -20.61
CA PRO A 73 -16.08 -17.67 -21.90
C PRO A 73 -14.61 -17.28 -21.96
N ALA A 74 -14.26 -16.11 -21.41
CA ALA A 74 -12.86 -15.67 -21.46
C ALA A 74 -11.95 -16.62 -20.71
N LEU A 75 -12.39 -17.13 -19.55
CA LEU A 75 -11.56 -18.08 -18.81
C LEU A 75 -11.50 -19.42 -19.53
N LEU A 76 -12.60 -19.89 -20.11
CA LEU A 76 -12.60 -21.16 -20.82
C LEU A 76 -11.64 -21.14 -22.01
N ALA A 77 -11.45 -19.96 -22.61
CA ALA A 77 -10.63 -19.80 -23.80
C ALA A 77 -9.14 -19.69 -23.51
N ALA A 78 -8.74 -19.58 -22.26
CA ALA A 78 -7.33 -19.52 -21.93
C ALA A 78 -6.78 -20.93 -21.93
N GLU A 79 -5.61 -21.07 -22.48
CA GLU A 79 -4.89 -22.34 -22.40
C GLU A 79 -4.57 -22.74 -20.97
N ASP A 80 -4.06 -21.82 -20.16
CA ASP A 80 -3.89 -22.17 -18.76
C ASP A 80 -4.51 -21.12 -17.84
N ILE A 81 -5.07 -21.58 -16.71
CA ILE A 81 -5.69 -20.67 -15.74
C ILE A 81 -5.08 -20.95 -14.37
N THR A 82 -4.89 -19.88 -13.62
CA THR A 82 -4.65 -19.95 -12.20
C THR A 82 -5.50 -18.86 -11.59
N ALA A 83 -5.72 -18.95 -10.27
CA ALA A 83 -6.50 -17.91 -9.60
C ALA A 83 -5.85 -16.55 -9.84
N ALA A 84 -4.51 -16.50 -9.83
CA ALA A 84 -3.85 -15.22 -10.05
C ALA A 84 -4.05 -14.71 -11.47
N LYS A 85 -4.10 -15.60 -12.47
CA LYS A 85 -4.29 -15.14 -13.84
C LYS A 85 -5.72 -14.75 -14.16
N VAL A 86 -6.66 -15.00 -13.25
CA VAL A 86 -8.05 -14.66 -13.52
C VAL A 86 -8.17 -13.15 -13.74
N THR A 87 -7.47 -12.35 -12.93
CA THR A 87 -7.54 -10.89 -13.07
C THR A 87 -7.00 -10.38 -14.40
N PRO A 88 -5.79 -10.76 -14.86
CA PRO A 88 -5.36 -10.29 -16.19
C PRO A 88 -6.25 -10.79 -17.31
N LEU A 89 -6.83 -11.98 -17.18
CA LEU A 89 -7.65 -12.49 -18.26
C LEU A 89 -8.97 -11.72 -18.36
N LEU A 90 -9.54 -11.32 -17.23
CA LEU A 90 -10.79 -10.56 -17.21
C LEU A 90 -10.57 -9.05 -17.16
N ALA A 91 -9.33 -8.61 -17.35
CA ALA A 91 -9.02 -7.19 -17.24
C ALA A 91 -9.66 -6.36 -18.36
N LYS A 92 -9.80 -6.91 -19.57
CA LYS A 92 -10.37 -6.10 -20.65
C LYS A 92 -11.83 -5.75 -20.41
N PHE A 93 -12.50 -6.40 -19.45
CA PHE A 93 -13.91 -6.14 -19.12
C PHE A 93 -14.00 -5.14 -17.97
N LYS A 94 -14.44 -3.92 -18.26
CA LYS A 94 -14.49 -2.87 -17.26
C LYS A 94 -15.57 -3.17 -16.21
N GLY A 95 -15.20 -3.09 -14.94
CA GLY A 95 -16.21 -3.15 -13.90
C GLY A 95 -16.53 -4.54 -13.43
N HIS A 96 -17.78 -4.75 -13.01
CA HIS A 96 -18.33 -6.06 -12.63
C HIS A 96 -17.41 -6.79 -11.66
N ARG A 97 -17.04 -6.09 -10.57
CA ARG A 97 -16.10 -6.64 -9.62
C ARG A 97 -16.67 -7.84 -8.86
N MET A 98 -17.95 -7.81 -8.51
CA MET A 98 -18.49 -8.88 -7.67
C MET A 98 -18.61 -10.19 -8.43
N ALA A 99 -19.03 -10.13 -9.69
CA ALA A 99 -19.06 -11.32 -10.52
C ALA A 99 -17.64 -11.87 -10.72
N LYS A 100 -16.69 -10.98 -11.06
CA LYS A 100 -15.30 -11.41 -11.21
C LYS A 100 -14.80 -12.05 -9.94
N GLY A 101 -15.11 -11.46 -8.78
CA GLY A 101 -14.63 -11.99 -7.52
C GLY A 101 -15.22 -13.36 -7.21
N ALA A 102 -16.51 -13.55 -7.53
CA ALA A 102 -17.11 -14.87 -7.35
C ALA A 102 -16.46 -15.91 -8.24
N LEU A 103 -16.24 -15.56 -9.51
CA LEU A 103 -15.56 -16.48 -10.44
C LEU A 103 -14.16 -16.84 -9.95
N GLU A 104 -13.40 -15.82 -9.51
CA GLU A 104 -12.08 -16.07 -8.94
C GLU A 104 -12.17 -16.95 -7.70
N MET A 105 -13.19 -16.74 -6.87
CA MET A 105 -13.37 -17.54 -5.67
C MET A 105 -13.52 -19.02 -6.04
N ALA A 106 -14.32 -19.31 -7.07
CA ALA A 106 -14.51 -20.71 -7.47
C ALA A 106 -13.22 -21.31 -8.05
N VAL A 107 -12.54 -20.56 -8.92
CA VAL A 107 -11.26 -21.02 -9.48
C VAL A 107 -10.24 -21.28 -8.36
N LEU A 108 -10.20 -20.38 -7.37
CA LEU A 108 -9.23 -20.52 -6.29
C LEU A 108 -9.58 -21.70 -5.40
N ASP A 109 -10.87 -21.93 -5.14
CA ASP A 109 -11.28 -23.11 -4.39
C ASP A 109 -10.79 -24.38 -5.07
N ALA A 110 -11.04 -24.48 -6.39
CA ALA A 110 -10.57 -25.66 -7.12
C ALA A 110 -9.04 -25.78 -7.07
N GLU A 111 -8.34 -24.67 -7.33
CA GLU A 111 -6.87 -24.69 -7.32
C GLU A 111 -6.30 -25.14 -5.99
N LEU A 112 -6.84 -24.59 -4.90
CA LEU A 112 -6.32 -24.89 -3.57
C LEU A 112 -6.67 -26.31 -3.16
N ARG A 113 -7.84 -26.80 -3.55
CA ARG A 113 -8.17 -28.20 -3.29
C ARG A 113 -7.20 -29.13 -4.00
N ALA A 114 -6.83 -28.80 -5.25
CA ALA A 114 -5.86 -29.63 -5.96
C ALA A 114 -4.52 -29.71 -5.22
N HIS A 115 -4.20 -28.72 -4.39
CA HIS A 115 -2.96 -28.72 -3.63
C HIS A 115 -3.17 -29.07 -2.16
N GLU A 116 -4.38 -29.47 -1.78
CA GLU A 116 -4.74 -29.74 -0.39
C GLU A 116 -4.29 -28.61 0.55
N ARG A 117 -4.73 -27.40 0.23
CA ARG A 117 -4.32 -26.19 0.93
C ARG A 117 -5.55 -25.35 1.26
N SER A 118 -5.61 -24.83 2.49
CA SER A 118 -6.81 -24.09 2.89
C SER A 118 -6.72 -22.66 2.40
N PHE A 119 -7.89 -21.99 2.36
CA PHE A 119 -7.91 -20.55 2.11
C PHE A 119 -7.03 -19.82 3.13
N ALA A 120 -7.13 -20.22 4.41
CA ALA A 120 -6.37 -19.55 5.45
C ALA A 120 -4.87 -19.60 5.18
N ALA A 121 -4.38 -20.74 4.67
CA ALA A 121 -2.96 -20.87 4.34
C ALA A 121 -2.57 -19.94 3.19
N GLU A 122 -3.36 -19.96 2.12
CA GLU A 122 -3.04 -19.17 0.94
C GLU A 122 -3.08 -17.68 1.22
N LEU A 123 -4.07 -17.23 2.00
CA LEU A 123 -4.22 -15.81 2.29
C LEU A 123 -3.23 -15.32 3.33
N GLY A 124 -2.73 -16.21 4.18
CA GLY A 124 -1.75 -15.85 5.18
C GLY A 124 -2.30 -15.70 6.59
N SER A 125 -3.12 -16.67 7.00
CA SER A 125 -3.70 -16.63 8.34
C SER A 125 -2.62 -16.68 9.42
N VAL A 126 -2.91 -16.03 10.56
CA VAL A 126 -2.05 -16.06 11.74
C VAL A 126 -2.82 -16.41 13.01
N ARG A 127 -4.12 -16.65 12.92
CA ARG A 127 -4.96 -16.99 14.04
C ARG A 127 -5.75 -18.24 13.66
N ASP A 128 -6.14 -19.01 14.67
CA ASP A 128 -6.93 -20.21 14.42
C ASP A 128 -8.42 -19.97 14.56
N SER A 129 -8.81 -18.88 15.23
CA SER A 129 -10.19 -18.45 15.31
C SER A 129 -10.24 -16.93 15.24
N VAL A 130 -11.40 -16.41 14.86
CA VAL A 130 -11.57 -14.97 14.70
C VAL A 130 -12.67 -14.48 15.65
N PRO A 131 -12.52 -13.28 16.21
CA PRO A 131 -13.61 -12.69 17.01
C PRO A 131 -14.67 -12.08 16.10
N CYS A 132 -15.94 -12.24 16.50
CA CYS A 132 -17.08 -11.95 15.64
C CYS A 132 -18.00 -10.90 16.25
N GLY A 133 -18.32 -9.87 15.46
CA GLY A 133 -19.40 -8.96 15.78
C GLY A 133 -20.68 -9.34 15.02
N VAL A 134 -21.72 -8.57 15.30
CA VAL A 134 -23.00 -8.78 14.62
C VAL A 134 -23.51 -7.42 14.16
N SER A 135 -24.21 -7.44 13.02
CA SER A 135 -24.80 -6.27 12.37
C SER A 135 -26.31 -6.32 12.58
N VAL A 136 -26.84 -5.32 13.30
CA VAL A 136 -28.25 -5.23 13.65
C VAL A 136 -28.92 -4.18 12.76
N GLY A 137 -30.02 -4.54 12.11
CA GLY A 137 -30.71 -3.61 11.23
C GLY A 137 -31.55 -2.56 11.93
N ILE A 138 -32.16 -1.69 11.12
CA ILE A 138 -33.04 -0.66 11.63
C ILE A 138 -34.30 -1.30 12.18
N MET A 139 -34.71 -0.84 13.35
CA MET A 139 -35.85 -1.39 14.08
C MET A 139 -37.01 -0.40 14.11
N ASP A 140 -38.18 -0.90 14.50
CA ASP A 140 -39.37 -0.04 14.56
C ASP A 140 -39.41 0.77 15.84
N THR A 141 -38.94 0.20 16.96
CA THR A 141 -38.96 0.89 18.23
C THR A 141 -37.59 0.77 18.88
N ILE A 142 -37.32 1.65 19.83
CA ILE A 142 -36.13 1.50 20.65
C ILE A 142 -36.19 0.27 21.57
N PRO A 143 -37.30 -0.03 22.25
CA PRO A 143 -37.30 -1.28 23.05
C PRO A 143 -37.06 -2.54 22.21
N GLN A 144 -37.51 -2.57 20.97
CA GLN A 144 -37.25 -3.71 20.14
C GLN A 144 -35.78 -3.80 19.93
N LEU A 145 -35.17 -2.72 19.51
CA LEU A 145 -33.74 -2.72 19.25
C LEU A 145 -32.96 -3.16 20.49
N LEU A 146 -33.33 -2.64 21.66
CA LEU A 146 -32.63 -3.01 22.89
C LEU A 146 -32.76 -4.50 23.17
N ASP A 147 -33.93 -5.08 22.89
CA ASP A 147 -34.09 -6.51 23.11
C ASP A 147 -33.27 -7.35 22.13
N VAL A 148 -33.26 -6.96 20.85
CA VAL A 148 -32.47 -7.72 19.86
C VAL A 148 -30.98 -7.61 20.19
N VAL A 149 -30.52 -6.42 20.58
CA VAL A 149 -29.11 -6.23 20.87
C VAL A 149 -28.70 -6.99 22.11
N GLY A 150 -29.55 -6.98 23.15
CA GLY A 150 -29.27 -7.80 24.31
C GLY A 150 -29.24 -9.27 23.99
N GLY A 151 -30.14 -9.71 23.09
CA GLY A 151 -30.13 -11.10 22.68
C GLY A 151 -28.83 -11.50 21.99
N TYR A 152 -28.31 -10.61 21.14
CA TYR A 152 -27.04 -10.90 20.48
C TYR A 152 -25.86 -10.83 21.46
N LEU A 153 -25.92 -9.96 22.47
CA LEU A 153 -24.86 -9.92 23.48
C LEU A 153 -24.88 -11.17 24.34
N ASP A 154 -26.08 -11.65 24.68
CA ASP A 154 -26.21 -12.89 25.45
C ASP A 154 -25.73 -14.09 24.64
N GLU A 155 -25.85 -14.05 23.30
CA GLU A 155 -25.26 -15.11 22.49
C GLU A 155 -23.74 -15.07 22.52
N GLY A 156 -23.16 -13.95 22.98
CA GLY A 156 -21.73 -13.84 23.13
C GLY A 156 -20.99 -13.04 22.07
N TYR A 157 -21.70 -12.37 21.16
CA TYR A 157 -21.02 -11.55 20.16
C TYR A 157 -20.24 -10.42 20.83
N VAL A 158 -19.06 -10.12 20.29
CA VAL A 158 -18.13 -9.21 20.95
C VAL A 158 -18.22 -7.78 20.43
N ARG A 159 -19.04 -7.52 19.41
CA ARG A 159 -19.20 -6.18 18.88
C ARG A 159 -20.60 -6.05 18.29
N ILE A 160 -21.20 -4.88 18.50
CA ILE A 160 -22.51 -4.56 17.98
C ILE A 160 -22.36 -3.45 16.94
N LYS A 161 -22.95 -3.66 15.77
CA LYS A 161 -22.96 -2.67 14.69
C LYS A 161 -24.42 -2.35 14.39
N LEU A 162 -24.75 -1.06 14.40
CA LEU A 162 -26.13 -0.62 14.21
C LEU A 162 -26.25 0.03 12.85
N LYS A 163 -27.16 -0.47 12.03
CA LYS A 163 -27.48 0.25 10.80
C LYS A 163 -28.26 1.51 11.15
N ILE A 164 -27.78 2.65 10.67
CA ILE A 164 -28.43 3.93 10.93
C ILE A 164 -28.84 4.60 9.62
N GLU A 165 -29.74 5.56 9.75
CA GLU A 165 -30.33 6.29 8.64
C GLU A 165 -30.82 7.62 9.18
N PRO A 166 -31.13 8.59 8.32
CA PRO A 166 -31.76 9.82 8.83
C PRO A 166 -33.04 9.49 9.58
N GLY A 167 -33.12 10.00 10.83
CA GLY A 167 -34.22 9.73 11.72
C GLY A 167 -34.00 8.58 12.69
N TRP A 168 -32.95 7.75 12.46
CA TRP A 168 -32.63 6.59 13.28
C TRP A 168 -31.12 6.56 13.47
N ASP A 169 -30.62 7.41 14.37
CA ASP A 169 -29.17 7.47 14.58
C ASP A 169 -28.80 7.80 16.02
N VAL A 170 -28.95 9.07 16.43
CA VAL A 170 -28.52 9.46 17.77
C VAL A 170 -29.31 8.70 18.83
N GLU A 171 -30.61 8.55 18.62
CA GLU A 171 -31.45 7.89 19.63
C GLU A 171 -31.12 6.42 19.81
N PRO A 172 -31.03 5.59 18.76
CA PRO A 172 -30.64 4.19 19.00
C PRO A 172 -29.30 4.05 19.69
N VAL A 173 -28.32 4.88 19.34
CA VAL A 173 -27.00 4.76 19.97
C VAL A 173 -27.08 5.17 21.43
N ARG A 174 -27.78 6.26 21.75
CA ARG A 174 -27.95 6.61 23.16
C ARG A 174 -28.66 5.51 23.93
N ALA A 175 -29.71 4.95 23.35
CA ALA A 175 -30.45 3.87 24.02
C ALA A 175 -29.54 2.68 24.30
N VAL A 176 -28.74 2.28 23.31
CA VAL A 176 -27.86 1.13 23.50
C VAL A 176 -26.82 1.42 24.58
N ARG A 177 -26.24 2.63 24.56
CA ARG A 177 -25.23 2.97 25.56
C ARG A 177 -25.81 3.00 26.96
N GLU A 178 -27.03 3.55 27.11
CA GLU A 178 -27.63 3.65 28.43
C GLU A 178 -28.04 2.28 28.97
N ARG A 179 -28.58 1.42 28.10
CA ARG A 179 -29.05 0.13 28.56
C ARG A 179 -27.91 -0.87 28.79
N PHE A 180 -26.82 -0.78 28.02
CA PHE A 180 -25.78 -1.81 28.06
C PHE A 180 -24.39 -1.31 28.45
N GLY A 181 -24.19 -0.02 28.63
CA GLY A 181 -22.94 0.44 29.21
C GLY A 181 -21.94 0.97 28.20
N ASP A 182 -20.76 1.27 28.71
CA ASP A 182 -19.69 1.89 27.94
C ASP A 182 -18.64 0.91 27.45
N ASP A 183 -18.74 -0.37 27.84
CA ASP A 183 -17.72 -1.34 27.46
C ASP A 183 -18.07 -2.13 26.21
N VAL A 184 -19.28 -1.96 25.68
CA VAL A 184 -19.69 -2.68 24.48
C VAL A 184 -19.06 -2.00 23.26
N LEU A 185 -18.37 -2.79 22.45
CA LEU A 185 -17.84 -2.31 21.18
C LEU A 185 -19.01 -1.94 20.28
N LEU A 186 -19.20 -0.66 20.03
CA LEU A 186 -20.38 -0.19 19.31
C LEU A 186 -19.96 0.63 18.10
N GLN A 187 -20.65 0.42 16.97
CA GLN A 187 -20.38 1.17 15.76
C GLN A 187 -21.65 1.24 14.93
N VAL A 188 -21.66 2.13 13.94
CA VAL A 188 -22.85 2.39 13.13
C VAL A 188 -22.49 2.36 11.65
N ASP A 189 -23.48 2.03 10.83
CA ASP A 189 -23.30 1.95 9.38
C ASP A 189 -24.51 2.61 8.73
N ALA A 190 -24.25 3.57 7.82
CA ALA A 190 -25.31 4.37 7.23
C ALA A 190 -25.65 4.01 5.79
N ASN A 191 -24.77 3.30 5.09
CA ASN A 191 -25.00 2.90 3.69
C ASN A 191 -25.29 4.09 2.78
N THR A 192 -24.44 5.12 2.89
CA THR A 192 -24.42 6.31 2.03
C THR A 192 -25.62 7.22 2.25
N ALA A 193 -26.34 7.06 3.36
CA ALA A 193 -27.65 7.70 3.53
C ALA A 193 -27.59 9.14 3.99
N TYR A 194 -26.40 9.69 4.24
CA TYR A 194 -26.26 11.07 4.71
C TYR A 194 -25.55 11.92 3.66
N THR A 195 -25.50 13.22 3.94
CA THR A 195 -24.92 14.24 3.08
C THR A 195 -23.98 15.08 3.92
N LEU A 196 -22.97 15.66 3.26
CA LEU A 196 -22.01 16.51 3.96
C LEU A 196 -22.71 17.55 4.82
N GLY A 197 -23.83 18.11 4.31
CA GLY A 197 -24.63 19.06 5.05
C GLY A 197 -25.25 18.50 6.31
N ASP A 198 -25.41 17.18 6.40
CA ASP A 198 -25.89 16.56 7.63
C ASP A 198 -24.77 16.38 8.66
N ALA A 199 -23.61 16.99 8.43
CA ALA A 199 -22.49 16.85 9.36
C ALA A 199 -22.83 17.20 10.82
N PRO A 200 -23.59 18.25 11.14
CA PRO A 200 -23.88 18.52 12.57
C PRO A 200 -24.57 17.35 13.27
N GLN A 201 -25.60 16.77 12.66
CA GLN A 201 -26.32 15.67 13.30
C GLN A 201 -25.40 14.48 13.56
N LEU A 202 -24.53 14.14 12.60
CA LEU A 202 -23.59 13.06 12.83
C LEU A 202 -22.59 13.41 13.92
N ALA A 203 -22.25 14.68 14.07
CA ALA A 203 -21.40 15.08 15.18
C ALA A 203 -22.09 14.83 16.53
N ARG A 204 -23.43 14.77 16.54
CA ARG A 204 -24.16 14.44 17.75
C ARG A 204 -23.88 13.02 18.23
N LEU A 205 -23.16 12.23 17.43
CA LEU A 205 -22.75 10.89 17.85
C LEU A 205 -21.42 10.89 18.57
N ASP A 206 -20.75 12.04 18.69
CA ASP A 206 -19.42 12.06 19.30
C ASP A 206 -19.37 11.55 20.74
N PRO A 207 -20.31 11.91 21.64
CA PRO A 207 -20.11 11.55 23.07
C PRO A 207 -20.16 10.06 23.36
N PHE A 208 -20.68 9.24 22.46
CA PHE A 208 -20.95 7.83 22.78
C PHE A 208 -19.77 6.90 22.50
N GLY A 209 -18.65 7.41 21.98
CA GLY A 209 -17.47 6.60 21.84
C GLY A 209 -17.61 5.40 20.92
N LEU A 210 -18.21 5.62 19.75
CA LEU A 210 -18.29 4.57 18.74
C LEU A 210 -16.92 4.25 18.18
N LEU A 211 -16.74 2.99 17.74
CA LEU A 211 -15.49 2.64 17.08
C LEU A 211 -15.33 3.40 15.77
N LEU A 212 -16.42 3.55 15.03
CA LEU A 212 -16.34 4.09 13.68
C LEU A 212 -17.77 4.41 13.22
N ILE A 213 -17.85 5.24 12.18
CA ILE A 213 -19.06 5.44 11.39
C ILE A 213 -18.78 4.94 9.98
N GLU A 214 -19.58 3.97 9.52
CA GLU A 214 -19.33 3.28 8.27
C GLU A 214 -20.10 3.93 7.13
N GLN A 215 -19.38 4.27 6.04
CA GLN A 215 -19.90 4.90 4.83
C GLN A 215 -20.99 5.93 5.14
N PRO A 216 -20.63 7.08 5.72
CA PRO A 216 -21.66 8.11 5.93
C PRO A 216 -22.18 8.68 4.62
N LEU A 217 -21.31 8.94 3.65
CA LEU A 217 -21.69 9.59 2.41
C LEU A 217 -21.58 8.60 1.26
N GLU A 218 -21.84 9.13 0.06
CA GLU A 218 -21.91 8.35 -1.16
C GLU A 218 -20.68 7.63 -1.66
N GLU A 219 -20.82 6.74 -2.60
CA GLU A 219 -19.65 5.96 -2.98
C GLU A 219 -18.49 6.76 -3.48
N GLU A 220 -18.76 7.81 -4.23
CA GLU A 220 -17.68 8.56 -4.84
C GLU A 220 -17.24 9.83 -4.19
N ASP A 221 -17.91 10.22 -3.14
CA ASP A 221 -17.53 11.43 -2.39
C ASP A 221 -16.49 11.06 -1.32
N VAL A 222 -15.27 10.79 -1.80
CA VAL A 222 -14.17 10.50 -0.89
C VAL A 222 -13.69 11.79 -0.25
N LEU A 223 -13.56 12.85 -1.05
CA LEU A 223 -13.18 14.15 -0.53
C LEU A 223 -14.16 14.62 0.53
N GLY A 224 -15.45 14.38 0.29
CA GLY A 224 -16.46 14.73 1.28
C GLY A 224 -16.27 14.00 2.59
N HIS A 225 -15.81 12.75 2.53
CA HIS A 225 -15.53 12.01 3.74
C HIS A 225 -14.35 12.60 4.49
N ALA A 226 -13.34 13.07 3.76
CA ALA A 226 -12.22 13.73 4.43
C ALA A 226 -12.67 15.00 5.13
N GLU A 227 -13.58 15.74 4.49
CA GLU A 227 -14.16 16.92 5.12
C GLU A 227 -14.95 16.54 6.37
N LEU A 228 -15.76 15.49 6.26
CA LEU A 228 -16.57 15.04 7.38
C LEU A 228 -15.67 14.66 8.55
N ALA A 229 -14.50 14.06 8.23
CA ALA A 229 -13.54 13.68 9.26
C ALA A 229 -12.95 14.90 9.94
N ARG A 230 -12.83 16.00 9.21
CA ARG A 230 -12.42 17.24 9.87
C ARG A 230 -13.53 17.79 10.77
N ARG A 231 -14.79 17.50 10.46
CA ARG A 231 -15.90 18.07 11.22
C ARG A 231 -16.43 17.19 12.37
N ILE A 232 -16.20 15.87 12.35
CA ILE A 232 -16.67 14.99 13.43
C ILE A 232 -15.49 14.27 14.09
N GLN A 233 -15.77 13.61 15.21
CA GLN A 233 -14.75 12.96 16.02
C GLN A 233 -14.78 11.45 15.95
N THR A 234 -15.92 10.87 15.63
CA THR A 234 -16.01 9.43 15.48
C THR A 234 -15.21 9.03 14.25
N PRO A 235 -14.32 8.05 14.36
CA PRO A 235 -13.51 7.65 13.19
C PRO A 235 -14.39 7.23 12.04
N ILE A 236 -13.91 7.49 10.82
CA ILE A 236 -14.66 7.17 9.62
C ILE A 236 -14.17 5.86 9.03
N CYS A 237 -15.11 4.98 8.70
CA CYS A 237 -14.85 3.71 8.06
C CYS A 237 -15.49 3.72 6.69
N LEU A 238 -14.74 3.35 5.67
CA LEU A 238 -15.29 3.31 4.32
C LEU A 238 -15.55 1.87 3.92
N ASP A 239 -16.69 1.66 3.23
CA ASP A 239 -17.16 0.35 2.80
C ASP A 239 -17.42 0.35 1.30
N GLU A 240 -18.56 0.91 0.89
CA GLU A 240 -18.95 0.94 -0.52
C GLU A 240 -17.87 1.60 -1.38
N SER A 241 -17.08 2.53 -0.82
CA SER A 241 -16.02 3.17 -1.59
C SER A 241 -14.80 2.29 -1.78
N ILE A 242 -14.56 1.31 -0.91
CA ILE A 242 -13.34 0.52 -0.98
C ILE A 242 -13.61 -0.60 -1.98
N VAL A 243 -13.24 -0.35 -3.24
CA VAL A 243 -13.47 -1.30 -4.32
C VAL A 243 -12.18 -1.89 -4.85
N SER A 244 -11.03 -1.48 -4.33
CA SER A 244 -9.74 -1.98 -4.81
C SER A 244 -8.67 -1.53 -3.84
N ALA A 245 -7.49 -2.14 -3.96
CA ALA A 245 -6.34 -1.69 -3.20
C ALA A 245 -5.97 -0.25 -3.57
N ARG A 246 -6.05 0.10 -4.86
CA ARG A 246 -5.78 1.48 -5.29
C ARG A 246 -6.79 2.44 -4.70
N ALA A 247 -8.07 2.02 -4.60
CA ALA A 247 -9.08 2.90 -4.04
C ALA A 247 -8.79 3.20 -2.59
N ALA A 248 -8.37 2.16 -1.85
CA ALA A 248 -7.99 2.34 -0.45
C ALA A 248 -6.75 3.20 -0.33
N ALA A 249 -5.76 2.97 -1.18
CA ALA A 249 -4.57 3.83 -1.18
C ALA A 249 -4.96 5.28 -1.36
N ASP A 250 -5.80 5.56 -2.36
CA ASP A 250 -6.18 6.93 -2.63
C ASP A 250 -6.96 7.52 -1.47
N ALA A 251 -7.88 6.77 -0.87
CA ALA A 251 -8.68 7.29 0.22
C ALA A 251 -7.81 7.56 1.45
N ILE A 252 -6.80 6.72 1.68
CA ILE A 252 -5.88 6.96 2.79
C ILE A 252 -5.06 8.22 2.51
N LYS A 253 -4.54 8.36 1.29
CA LYS A 253 -3.76 9.54 0.93
C LYS A 253 -4.54 10.83 1.15
N LEU A 254 -5.87 10.81 0.95
CA LEU A 254 -6.71 12.00 1.06
C LEU A 254 -7.27 12.22 2.46
N GLY A 255 -6.86 11.42 3.44
CA GLY A 255 -7.38 11.57 4.78
C GLY A 255 -8.87 11.33 4.89
N ALA A 256 -9.42 10.46 4.05
CA ALA A 256 -10.85 10.19 4.01
C ALA A 256 -11.26 8.95 4.80
N VAL A 257 -10.32 8.19 5.36
CA VAL A 257 -10.66 6.92 5.98
C VAL A 257 -9.62 6.58 7.04
N GLN A 258 -10.10 6.10 8.18
CA GLN A 258 -9.23 5.65 9.25
C GLN A 258 -9.36 4.18 9.59
N ILE A 259 -10.46 3.56 9.20
CA ILE A 259 -10.64 2.11 9.33
C ILE A 259 -11.31 1.65 8.05
N VAL A 260 -10.84 0.54 7.49
CA VAL A 260 -11.36 0.05 6.22
C VAL A 260 -12.13 -1.25 6.43
N ASN A 261 -13.33 -1.31 5.84
CA ASN A 261 -14.12 -2.54 5.76
C ASN A 261 -13.78 -3.23 4.44
N ILE A 262 -13.20 -4.42 4.52
CA ILE A 262 -12.86 -5.19 3.33
C ILE A 262 -14.00 -6.17 3.04
N LYS A 263 -14.72 -5.95 1.95
CA LYS A 263 -15.68 -6.91 1.41
C LYS A 263 -15.08 -7.58 0.19
N PRO A 264 -14.69 -8.84 0.30
CA PRO A 264 -13.97 -9.50 -0.81
C PRO A 264 -14.70 -9.41 -2.15
N GLY A 265 -16.02 -9.64 -2.16
CA GLY A 265 -16.73 -9.55 -3.43
C GLY A 265 -16.71 -8.15 -4.01
N GLN A 266 -16.80 -7.14 -3.14
CA GLN A 266 -16.86 -5.75 -3.57
C GLN A 266 -15.54 -5.30 -4.22
N VAL A 267 -14.41 -5.82 -3.75
CA VAL A 267 -13.11 -5.45 -4.30
C VAL A 267 -12.66 -6.37 -5.45
N GLY A 268 -13.46 -7.36 -5.81
CA GLY A 268 -13.16 -8.19 -6.95
C GLY A 268 -12.45 -9.50 -6.67
N GLY A 269 -12.58 -10.04 -5.47
CA GLY A 269 -12.00 -11.34 -5.15
C GLY A 269 -11.21 -11.29 -3.86
N TYR A 270 -10.87 -12.48 -3.38
CA TYR A 270 -10.14 -12.59 -2.13
C TYR A 270 -8.67 -12.25 -2.29
N LEU A 271 -8.11 -12.45 -3.49
CA LEU A 271 -6.73 -12.03 -3.73
C LEU A 271 -6.62 -10.51 -3.63
N GLU A 272 -7.50 -9.78 -4.33
CA GLU A 272 -7.54 -8.34 -4.18
C GLU A 272 -7.85 -7.94 -2.73
N ALA A 273 -8.68 -8.73 -2.04
CA ALA A 273 -8.96 -8.44 -0.63
C ALA A 273 -7.69 -8.49 0.22
N ARG A 274 -6.84 -9.49 -0.02
CA ARG A 274 -5.56 -9.53 0.68
C ARG A 274 -4.70 -8.32 0.32
N ARG A 275 -4.71 -7.92 -0.96
CA ARG A 275 -3.96 -6.73 -1.35
C ARG A 275 -4.47 -5.48 -0.61
N VAL A 276 -5.79 -5.35 -0.46
CA VAL A 276 -6.34 -4.23 0.31
C VAL A 276 -5.85 -4.29 1.75
N HIS A 277 -5.92 -5.49 2.37
CA HIS A 277 -5.41 -5.65 3.72
C HIS A 277 -3.97 -5.19 3.85
N ASP A 278 -3.13 -5.55 2.87
CA ASP A 278 -1.71 -5.22 2.95
C ASP A 278 -1.45 -3.73 2.73
N VAL A 279 -2.16 -3.12 1.78
CA VAL A 279 -2.02 -1.69 1.54
C VAL A 279 -2.41 -0.93 2.81
N CYS A 280 -3.56 -1.28 3.39
CA CYS A 280 -3.99 -0.64 4.64
C CYS A 280 -2.97 -0.82 5.75
N ALA A 281 -2.41 -2.02 5.89
CA ALA A 281 -1.43 -2.25 6.93
C ALA A 281 -0.20 -1.35 6.77
N ALA A 282 0.30 -1.20 5.54
CA ALA A 282 1.48 -0.35 5.38
C ALA A 282 1.24 1.10 5.81
N HIS A 283 -0.03 1.55 5.81
CA HIS A 283 -0.36 2.92 6.19
C HIS A 283 -0.89 3.02 7.61
N GLY A 284 -0.83 1.94 8.39
CA GLY A 284 -1.30 2.00 9.76
C GLY A 284 -2.79 2.01 9.88
N ILE A 285 -3.50 1.51 8.89
CA ILE A 285 -4.96 1.58 8.81
C ILE A 285 -5.51 0.20 9.19
N PRO A 286 -6.26 0.09 10.28
CA PRO A 286 -6.86 -1.21 10.63
C PRO A 286 -7.96 -1.60 9.65
N VAL A 287 -8.09 -2.91 9.42
CA VAL A 287 -9.16 -3.45 8.57
C VAL A 287 -9.97 -4.45 9.37
N TRP A 288 -11.20 -4.68 8.91
CA TRP A 288 -12.05 -5.78 9.37
C TRP A 288 -12.84 -6.30 8.18
N CYS A 289 -13.35 -7.53 8.33
CA CYS A 289 -14.02 -8.21 7.23
C CYS A 289 -15.51 -7.87 7.19
N GLY A 290 -16.01 -7.60 5.99
CA GLY A 290 -17.40 -7.23 5.80
C GLY A 290 -18.26 -8.39 5.37
N GLY A 291 -19.54 -8.31 5.71
CA GLY A 291 -20.46 -9.37 5.36
C GLY A 291 -21.44 -8.97 4.28
N MET A 292 -22.01 -9.96 3.61
CA MET A 292 -23.07 -9.73 2.64
C MET A 292 -24.16 -10.79 2.80
N ILE A 293 -24.39 -11.26 4.03
CA ILE A 293 -25.36 -12.31 4.32
C ILE A 293 -25.05 -13.49 3.41
N GLU A 294 -23.81 -13.96 3.44
CA GLU A 294 -23.41 -15.02 2.55
C GLU A 294 -23.80 -16.39 3.13
N THR A 295 -23.73 -17.40 2.27
CA THR A 295 -23.90 -18.77 2.73
C THR A 295 -22.63 -19.22 3.45
N GLY A 296 -22.60 -20.49 3.85
CA GLY A 296 -21.41 -21.03 4.47
C GLY A 296 -20.18 -20.98 3.60
N LEU A 297 -20.35 -20.96 2.27
CA LEU A 297 -19.20 -20.88 1.37
C LEU A 297 -18.46 -19.56 1.53
N GLY A 298 -19.17 -18.46 1.25
CA GLY A 298 -18.58 -17.14 1.43
C GLY A 298 -18.22 -16.89 2.88
N ARG A 299 -19.01 -17.42 3.81
CA ARG A 299 -18.70 -17.24 5.23
C ARG A 299 -17.37 -17.90 5.59
N ALA A 300 -17.08 -19.08 5.02
CA ALA A 300 -15.82 -19.76 5.30
C ALA A 300 -14.65 -18.97 4.73
N ALA A 301 -14.77 -18.55 3.47
CA ALA A 301 -13.69 -17.73 2.92
C ALA A 301 -13.52 -16.43 3.73
N ASN A 302 -14.61 -15.89 4.26
CA ASN A 302 -14.52 -14.66 5.05
C ASN A 302 -13.80 -14.91 6.37
N VAL A 303 -14.06 -16.04 7.02
CA VAL A 303 -13.37 -16.35 8.28
C VAL A 303 -11.88 -16.52 8.03
N ALA A 304 -11.52 -17.26 6.98
CA ALA A 304 -10.12 -17.36 6.58
C ALA A 304 -9.49 -15.98 6.43
N LEU A 305 -10.11 -15.13 5.60
CA LEU A 305 -9.59 -13.78 5.39
C LEU A 305 -9.48 -13.02 6.71
N ALA A 306 -10.49 -13.10 7.56
CA ALA A 306 -10.52 -12.35 8.81
C ALA A 306 -9.49 -12.83 9.83
N SER A 307 -8.81 -13.96 9.58
CA SER A 307 -7.70 -14.39 10.43
C SER A 307 -6.33 -13.84 9.99
N LEU A 308 -6.29 -12.88 9.04
CA LEU A 308 -5.02 -12.24 8.68
C LEU A 308 -4.59 -11.20 9.72
N PRO A 309 -3.30 -10.81 9.71
CA PRO A 309 -2.77 -10.06 10.86
C PRO A 309 -3.37 -8.67 11.09
N ASN A 310 -3.75 -7.93 10.05
CA ASN A 310 -4.20 -6.56 10.24
C ASN A 310 -5.71 -6.45 10.45
N PHE A 311 -6.41 -7.58 10.54
CA PHE A 311 -7.83 -7.56 10.87
C PHE A 311 -7.90 -7.46 12.40
N THR A 312 -7.69 -6.25 12.89
CA THR A 312 -7.55 -6.00 14.32
C THR A 312 -8.83 -5.50 14.98
N LEU A 313 -9.95 -5.48 14.26
CA LEU A 313 -11.28 -5.18 14.80
C LEU A 313 -12.22 -6.31 14.38
N PRO A 314 -13.16 -6.69 15.24
CA PRO A 314 -14.03 -7.82 14.90
C PRO A 314 -14.87 -7.52 13.67
N GLY A 315 -14.98 -8.52 12.80
CA GLY A 315 -15.69 -8.36 11.55
C GLY A 315 -17.15 -8.79 11.63
N ASP A 316 -17.85 -8.58 10.50
CA ASP A 316 -19.23 -9.03 10.30
C ASP A 316 -19.23 -10.50 9.91
N THR A 317 -18.47 -11.30 10.66
CA THR A 317 -18.38 -12.74 10.44
C THR A 317 -19.21 -13.45 11.50
N SER A 318 -20.53 -13.23 11.44
CA SER A 318 -21.44 -13.81 12.40
C SER A 318 -21.62 -15.31 12.16
N ALA A 319 -22.33 -15.96 13.08
CA ALA A 319 -22.62 -17.38 12.96
C ALA A 319 -23.68 -17.61 11.90
N SER A 320 -23.76 -18.85 11.41
CA SER A 320 -24.77 -19.15 10.40
C SER A 320 -26.18 -18.89 10.92
N ASP A 321 -26.45 -19.26 12.18
CA ASP A 321 -27.82 -19.12 12.66
C ASP A 321 -28.35 -17.74 13.00
N ARG A 322 -27.60 -16.69 12.68
CA ARG A 322 -28.08 -15.32 12.88
C ARG A 322 -28.86 -14.92 11.66
N PHE A 323 -28.66 -15.65 10.60
CA PHE A 323 -29.29 -15.38 9.32
C PHE A 323 -30.09 -16.58 8.84
N TYR A 324 -29.59 -17.80 8.99
CA TYR A 324 -30.21 -18.97 8.38
C TYR A 324 -30.47 -20.04 9.42
N LYS A 325 -31.71 -20.56 9.46
CA LYS A 325 -31.97 -21.73 10.30
C LYS A 325 -31.22 -22.97 9.82
N THR A 326 -30.86 -23.07 8.54
CA THR A 326 -30.22 -24.31 8.09
C THR A 326 -28.85 -24.11 7.48
N ASP A 327 -28.75 -23.34 6.39
CA ASP A 327 -27.52 -23.07 5.65
C ASP A 327 -27.10 -24.30 4.85
N ILE A 328 -26.59 -24.06 3.64
CA ILE A 328 -26.28 -25.12 2.69
C ILE A 328 -25.00 -25.88 2.99
N THR A 329 -24.24 -25.50 4.01
CA THR A 329 -23.02 -26.21 4.34
C THR A 329 -23.07 -26.61 5.81
N GLU A 330 -22.00 -27.26 6.26
CA GLU A 330 -21.84 -27.47 7.69
C GLU A 330 -21.89 -26.11 8.37
N PRO A 331 -22.71 -25.94 9.41
CA PRO A 331 -22.92 -24.60 9.98
C PRO A 331 -21.72 -24.05 10.73
N PHE A 332 -21.64 -22.71 10.76
CA PHE A 332 -20.64 -21.98 11.53
C PHE A 332 -21.28 -21.62 12.86
N VAL A 333 -20.77 -22.21 13.94
CA VAL A 333 -21.38 -22.12 15.26
C VAL A 333 -20.47 -21.26 16.13
N LEU A 334 -21.05 -20.22 16.72
CA LEU A 334 -20.29 -19.32 17.58
C LEU A 334 -19.90 -20.05 18.85
N SER A 335 -18.62 -19.94 19.22
CA SER A 335 -18.12 -20.56 20.45
C SER A 335 -17.26 -19.53 21.18
N GLY A 336 -17.77 -19.02 22.29
CA GLY A 336 -17.04 -17.98 23.02
C GLY A 336 -16.80 -16.73 22.20
N GLY A 337 -17.81 -16.30 21.43
CA GLY A 337 -17.67 -15.11 20.61
C GLY A 337 -16.74 -15.26 19.42
N HIS A 338 -16.27 -16.46 19.14
CA HIS A 338 -15.32 -16.70 18.07
C HIS A 338 -15.88 -17.69 17.07
N LEU A 339 -15.33 -17.63 15.86
CA LEU A 339 -15.57 -18.67 14.89
C LEU A 339 -14.26 -19.33 14.53
N PRO A 340 -14.26 -20.64 14.33
CA PRO A 340 -13.01 -21.34 14.01
C PRO A 340 -12.67 -21.23 12.53
N VAL A 341 -11.40 -20.96 12.25
CA VAL A 341 -10.91 -20.87 10.88
C VAL A 341 -10.91 -22.27 10.25
N PRO A 342 -11.59 -22.48 9.12
CA PRO A 342 -11.61 -23.82 8.51
C PRO A 342 -10.20 -24.31 8.24
N THR A 343 -10.01 -25.63 8.33
CA THR A 343 -8.70 -26.24 8.15
C THR A 343 -8.63 -27.20 6.98
N GLY A 344 -9.77 -27.61 6.41
CA GLY A 344 -9.79 -28.47 5.26
C GLY A 344 -9.19 -27.81 4.04
N PRO A 345 -8.94 -28.60 2.98
CA PRO A 345 -8.44 -27.99 1.75
C PRO A 345 -9.46 -27.04 1.15
N GLY A 346 -8.94 -26.00 0.48
CA GLY A 346 -9.81 -25.01 -0.15
C GLY A 346 -10.60 -24.21 0.89
N LEU A 347 -11.89 -24.03 0.61
CA LEU A 347 -12.77 -23.34 1.54
C LEU A 347 -12.85 -24.04 2.88
N GLY A 348 -12.53 -25.33 2.94
CA GLY A 348 -12.74 -26.11 4.14
C GLY A 348 -14.18 -26.46 4.41
N VAL A 349 -15.08 -26.18 3.47
CA VAL A 349 -16.49 -26.50 3.61
C VAL A 349 -17.03 -26.66 2.19
N ALA A 350 -18.14 -27.38 2.06
CA ALA A 350 -18.74 -27.62 0.76
C ALA A 350 -20.25 -27.74 0.94
N PRO A 351 -21.04 -27.50 -0.11
CA PRO A 351 -22.49 -27.61 0.04
C PRO A 351 -22.94 -29.05 0.32
N ILE A 352 -23.96 -29.16 1.18
CA ILE A 352 -24.62 -30.44 1.42
C ILE A 352 -25.72 -30.60 0.38
N PRO A 353 -25.63 -31.57 -0.53
CA PRO A 353 -26.44 -31.52 -1.76
C PRO A 353 -27.92 -31.54 -1.42
N GLU A 354 -28.30 -32.25 -0.38
CA GLU A 354 -29.68 -32.29 0.03
C GLU A 354 -30.18 -30.86 0.23
N LEU A 355 -29.56 -30.16 1.17
CA LEU A 355 -29.90 -28.77 1.41
C LEU A 355 -29.76 -27.80 0.24
N LEU A 356 -28.68 -27.91 -0.55
CA LEU A 356 -28.48 -26.99 -1.67
C LEU A 356 -29.59 -27.13 -2.70
N ASP A 357 -29.96 -28.37 -3.03
CA ASP A 357 -31.03 -28.58 -4.00
C ASP A 357 -32.36 -28.04 -3.47
N GLU A 358 -32.60 -28.11 -2.16
CA GLU A 358 -33.88 -27.60 -1.66
C GLU A 358 -34.07 -26.11 -1.95
N VAL A 359 -32.99 -25.34 -2.07
CA VAL A 359 -33.08 -23.89 -2.21
C VAL A 359 -32.67 -23.39 -3.60
N THR A 360 -32.41 -24.30 -4.55
CA THR A 360 -31.99 -23.92 -5.90
C THR A 360 -33.22 -23.57 -6.75
N THR A 361 -33.24 -22.36 -7.33
CA THR A 361 -34.33 -21.95 -8.20
C THR A 361 -33.97 -22.05 -9.69
N ALA A 362 -32.69 -22.11 -10.04
CA ALA A 362 -32.27 -22.26 -11.43
C ALA A 362 -30.85 -22.79 -11.45
N LYS A 363 -30.52 -23.52 -12.52
CA LYS A 363 -29.13 -23.93 -12.72
C LYS A 363 -28.87 -24.07 -14.21
N VAL A 364 -27.64 -23.75 -14.61
CA VAL A 364 -27.23 -23.82 -16.01
C VAL A 364 -25.75 -24.19 -16.04
N TRP A 365 -25.36 -24.89 -17.10
CA TRP A 365 -23.97 -25.31 -17.31
C TRP A 365 -23.36 -24.53 -18.45
N ILE A 366 -22.23 -23.88 -18.21
CA ILE A 366 -21.49 -23.19 -19.26
C ILE A 366 -20.12 -23.85 -19.43
N GLY A 367 -19.88 -24.40 -20.61
CA GLY A 367 -18.67 -25.17 -20.85
C GLY A 367 -18.24 -25.21 -22.30
N MET B 1 2.20 -27.78 10.41
CA MET B 1 3.62 -28.03 10.22
C MET B 1 4.42 -27.69 11.48
N LYS B 2 5.19 -28.66 11.99
CA LYS B 2 6.10 -28.45 13.10
C LYS B 2 7.54 -28.45 12.58
N LEU B 3 8.34 -27.48 13.02
CA LEU B 3 9.73 -27.41 12.57
C LEU B 3 10.60 -28.42 13.34
N SER B 4 11.22 -29.34 12.61
CA SER B 4 12.08 -30.33 13.25
C SER B 4 13.48 -29.79 13.52
N GLY B 5 13.99 -28.99 12.59
CA GLY B 5 15.28 -28.36 12.81
C GLY B 5 15.73 -27.60 11.58
N VAL B 6 16.92 -27.01 11.70
CA VAL B 6 17.52 -26.26 10.59
C VAL B 6 19.00 -26.55 10.53
N GLU B 7 19.49 -26.92 9.36
CA GLU B 7 20.91 -27.05 9.11
C GLU B 7 21.44 -25.72 8.56
N LEU B 8 22.38 -25.11 9.28
CA LEU B 8 23.08 -23.93 8.79
C LEU B 8 24.33 -24.41 8.08
N ARG B 9 24.50 -23.96 6.85
CA ARG B 9 25.61 -24.40 6.02
C ARG B 9 26.28 -23.14 5.53
N ARG B 10 27.58 -23.05 5.69
CA ARG B 10 28.36 -21.92 5.22
C ARG B 10 29.09 -22.36 3.95
N VAL B 11 28.91 -21.57 2.88
CA VAL B 11 29.30 -21.92 1.52
C VAL B 11 30.16 -20.81 0.93
N GLN B 12 31.16 -21.21 0.15
CA GLN B 12 32.10 -20.28 -0.47
C GLN B 12 32.17 -20.63 -1.95
N MET B 13 31.75 -19.69 -2.81
CA MET B 13 31.70 -19.93 -4.25
C MET B 13 32.48 -18.87 -5.01
N PRO B 14 33.43 -19.27 -5.86
CA PRO B 14 34.26 -18.28 -6.57
C PRO B 14 33.57 -17.70 -7.80
N LEU B 15 33.82 -16.41 -8.05
CA LEU B 15 33.21 -15.69 -9.16
C LEU B 15 34.06 -15.82 -10.42
N VAL B 16 33.39 -15.89 -11.57
CA VAL B 16 34.09 -15.92 -12.86
C VAL B 16 34.92 -14.66 -13.05
N ALA B 17 34.44 -13.52 -12.57
CA ALA B 17 35.18 -12.27 -12.69
C ALA B 17 34.91 -11.44 -11.46
N PRO B 18 35.88 -10.63 -11.01
CA PRO B 18 35.62 -9.77 -9.86
C PRO B 18 34.49 -8.80 -10.12
N PHE B 19 33.80 -8.44 -9.05
CA PHE B 19 32.67 -7.52 -9.05
C PHE B 19 33.01 -6.38 -8.10
N ARG B 20 33.15 -5.17 -8.64
CA ARG B 20 33.58 -4.01 -7.87
C ARG B 20 32.40 -3.06 -7.69
N THR B 21 32.18 -2.63 -6.44
CA THR B 21 31.12 -1.69 -6.07
C THR B 21 31.72 -0.60 -5.17
N SER B 22 30.88 0.39 -4.83
CA SER B 22 31.31 1.55 -4.06
C SER B 22 32.01 1.19 -2.76
N PHE B 23 31.90 -0.05 -2.28
CA PHE B 23 32.53 -0.47 -1.03
C PHE B 23 33.49 -1.64 -1.15
N GLY B 24 33.90 -2.04 -2.36
CA GLY B 24 34.95 -3.03 -2.46
C GLY B 24 34.84 -3.88 -3.72
N THR B 25 35.92 -4.61 -3.98
CA THR B 25 36.00 -5.56 -5.09
C THR B 25 36.00 -6.98 -4.55
N GLN B 26 35.02 -7.78 -4.97
CA GLN B 26 34.96 -9.15 -4.46
C GLN B 26 35.12 -10.16 -5.60
N SER B 27 35.94 -11.16 -5.31
CA SER B 27 36.31 -12.24 -6.20
C SER B 27 35.66 -13.56 -5.81
N VAL B 28 35.28 -13.73 -4.54
CA VAL B 28 34.61 -14.92 -4.03
C VAL B 28 33.42 -14.50 -3.19
N ARG B 29 32.33 -15.25 -3.28
CA ARG B 29 31.12 -14.97 -2.50
C ARG B 29 30.91 -15.95 -1.40
N GLU B 30 30.90 -15.47 -0.18
CA GLU B 30 30.65 -16.31 0.97
C GLU B 30 29.19 -16.26 1.33
N LEU B 31 28.55 -17.41 1.36
CA LEU B 31 27.14 -17.47 1.61
C LEU B 31 26.68 -18.29 2.78
N LEU B 32 25.46 -18.06 3.19
CA LEU B 32 24.87 -18.78 4.32
C LEU B 32 23.59 -19.41 3.79
N LEU B 33 23.50 -20.73 3.87
CA LEU B 33 22.38 -21.51 3.38
C LEU B 33 21.69 -22.21 4.53
N LEU B 34 20.37 -22.35 4.42
CA LEU B 34 19.57 -22.95 5.47
C LEU B 34 18.77 -24.10 4.88
N ARG B 35 18.84 -25.24 5.53
CA ARG B 35 18.03 -26.39 5.15
C ARG B 35 17.09 -26.64 6.32
N ALA B 36 15.84 -26.20 6.19
CA ALA B 36 14.83 -26.45 7.20
C ALA B 36 14.25 -27.84 7.00
N VAL B 37 14.10 -28.57 8.10
CA VAL B 37 13.59 -29.93 8.10
C VAL B 37 12.29 -29.96 8.88
N THR B 38 11.22 -30.40 8.22
CA THR B 38 9.89 -30.60 8.78
C THR B 38 9.45 -32.04 8.51
N PRO B 39 8.44 -32.53 9.25
CA PRO B 39 7.87 -33.85 8.92
C PRO B 39 7.47 -34.01 7.46
N ALA B 40 7.12 -32.90 6.79
CA ALA B 40 6.74 -32.95 5.38
C ALA B 40 7.95 -33.05 4.45
N GLY B 41 9.09 -32.51 4.84
CA GLY B 41 10.27 -32.61 4.01
C GLY B 41 11.23 -31.47 4.27
N GLU B 42 12.08 -31.22 3.28
CA GLU B 42 13.17 -30.26 3.34
C GLU B 42 12.74 -28.96 2.67
N GLY B 43 13.39 -27.88 3.08
CA GLY B 43 13.24 -26.60 2.41
C GLY B 43 14.53 -25.83 2.49
N TRP B 44 14.79 -25.02 1.47
CA TRP B 44 16.05 -24.30 1.38
C TRP B 44 15.84 -22.79 1.41
N GLY B 45 16.68 -22.11 2.17
CA GLY B 45 16.71 -20.66 2.16
C GLY B 45 18.13 -20.17 1.96
N GLU B 46 18.24 -18.97 1.40
CA GLU B 46 19.53 -18.36 1.14
C GLU B 46 19.54 -17.01 1.82
N CYS B 47 20.64 -16.71 2.51
CA CYS B 47 20.83 -15.41 3.12
C CYS B 47 21.64 -14.52 2.17
N VAL B 48 21.28 -13.24 2.12
CA VAL B 48 21.95 -12.33 1.19
C VAL B 48 22.99 -11.48 1.91
N THR B 49 23.30 -11.79 3.17
CA THR B 49 24.43 -11.16 3.83
C THR B 49 25.73 -11.55 3.16
N MET B 50 26.75 -10.72 3.35
CA MET B 50 28.08 -10.99 2.86
C MET B 50 29.03 -11.13 4.05
N ALA B 51 30.32 -11.29 3.75
CA ALA B 51 31.29 -11.54 4.82
C ALA B 51 31.25 -10.45 5.87
N GLY B 52 31.30 -9.19 5.44
CA GLY B 52 31.32 -8.08 6.36
C GLY B 52 30.12 -7.17 6.22
N PRO B 53 29.93 -6.30 7.21
CA PRO B 53 28.80 -5.36 7.18
C PRO B 53 29.11 -4.10 6.35
N LEU B 54 29.42 -4.29 5.07
CA LEU B 54 29.72 -3.13 4.24
C LEU B 54 28.52 -2.62 3.45
N TYR B 55 27.56 -3.48 3.10
CA TYR B 55 26.37 -3.08 2.37
C TYR B 55 25.22 -2.71 3.30
N SER B 56 25.02 -3.50 4.35
CA SER B 56 24.06 -3.23 5.42
C SER B 56 24.70 -3.68 6.72
N SER B 57 23.99 -3.53 7.83
CA SER B 57 24.56 -3.89 9.12
C SER B 57 24.68 -5.40 9.29
N GLU B 58 23.96 -6.18 8.49
CA GLU B 58 23.98 -7.63 8.63
C GLU B 58 25.13 -8.20 7.82
N TYR B 59 25.81 -9.19 8.41
CA TYR B 59 26.85 -9.94 7.73
C TYR B 59 26.74 -11.41 8.15
N ASN B 60 27.45 -12.27 7.41
CA ASN B 60 27.29 -13.73 7.55
C ASN B 60 27.40 -14.22 8.98
N ASP B 61 28.50 -13.90 9.67
CA ASP B 61 28.69 -14.40 11.04
C ASP B 61 27.56 -13.93 11.95
N GLY B 62 27.16 -12.66 11.84
CA GLY B 62 26.10 -12.16 12.69
C GLY B 62 24.76 -12.80 12.38
N ALA B 63 24.50 -13.03 11.09
CA ALA B 63 23.28 -13.73 10.71
C ALA B 63 23.27 -15.13 11.28
N GLU B 64 24.38 -15.86 11.13
CA GLU B 64 24.47 -17.22 11.66
C GLU B 64 24.26 -17.24 13.16
N HIS B 65 24.83 -16.27 13.87
CA HIS B 65 24.67 -16.25 15.32
C HIS B 65 23.23 -15.98 15.72
N VAL B 66 22.61 -14.95 15.13
CA VAL B 66 21.25 -14.61 15.55
C VAL B 66 20.27 -15.70 15.15
N LEU B 67 20.50 -16.36 14.01
CA LEU B 67 19.68 -17.50 13.61
C LEU B 67 19.83 -18.65 14.60
N ARG B 68 21.08 -18.99 14.94
CA ARG B 68 21.34 -20.16 15.77
C ARG B 68 20.85 -19.96 17.21
N HIS B 69 20.89 -18.73 17.73
CA HIS B 69 20.58 -18.53 19.13
C HIS B 69 19.23 -17.89 19.41
N TYR B 70 18.54 -17.37 18.40
CA TYR B 70 17.28 -16.67 18.68
C TYR B 70 16.17 -17.09 17.72
N LEU B 71 16.42 -16.96 16.42
CA LEU B 71 15.35 -17.13 15.44
C LEU B 71 14.96 -18.59 15.28
N ILE B 72 15.93 -19.46 15.02
CA ILE B 72 15.61 -20.87 14.88
C ILE B 72 15.06 -21.45 16.19
N PRO B 73 15.67 -21.22 17.35
CA PRO B 73 15.02 -21.65 18.62
C PRO B 73 13.60 -21.14 18.78
N ALA B 74 13.34 -19.87 18.44
CA ALA B 74 11.99 -19.33 18.56
C ALA B 74 11.00 -20.11 17.68
N LEU B 75 11.39 -20.45 16.45
CA LEU B 75 10.49 -21.24 15.62
C LEU B 75 10.36 -22.68 16.15
N LEU B 76 11.46 -23.27 16.64
CA LEU B 76 11.41 -24.63 17.18
C LEU B 76 10.48 -24.73 18.38
N ALA B 77 10.35 -23.65 19.15
CA ALA B 77 9.53 -23.62 20.36
C ALA B 77 8.04 -23.42 20.07
N ALA B 78 7.70 -23.11 18.83
CA ALA B 78 6.33 -22.81 18.47
C ALA B 78 5.51 -24.09 18.36
N GLU B 79 4.26 -24.01 18.78
CA GLU B 79 3.39 -25.18 18.74
C GLU B 79 3.11 -25.59 17.29
N ASP B 80 2.78 -24.62 16.44
CA ASP B 80 2.61 -24.83 15.01
C ASP B 80 3.37 -23.74 14.25
N ILE B 81 3.84 -24.08 13.05
CA ILE B 81 4.60 -23.16 12.20
C ILE B 81 4.03 -23.18 10.78
N THR B 82 3.91 -22.00 10.17
CA THR B 82 3.71 -21.85 8.74
C THR B 82 4.55 -20.67 8.28
N ALA B 83 4.79 -20.60 6.97
CA ALA B 83 5.59 -19.50 6.46
C ALA B 83 5.01 -18.14 6.84
N ALA B 84 3.68 -17.99 6.81
CA ALA B 84 3.09 -16.71 7.19
C ALA B 84 3.27 -16.44 8.68
N LYS B 85 3.20 -17.48 9.51
CA LYS B 85 3.35 -17.29 10.93
C LYS B 85 4.79 -17.05 11.37
N VAL B 86 5.76 -17.15 10.46
CA VAL B 86 7.15 -16.90 10.84
C VAL B 86 7.34 -15.47 11.33
N THR B 87 6.72 -14.49 10.63
CA THR B 87 6.90 -13.09 11.00
C THR B 87 6.39 -12.78 12.41
N PRO B 88 5.16 -13.13 12.79
CA PRO B 88 4.73 -12.86 14.18
C PRO B 88 5.58 -13.56 15.23
N LEU B 89 6.09 -14.76 14.94
CA LEU B 89 6.85 -15.49 15.95
C LEU B 89 8.23 -14.87 16.20
N LEU B 90 8.87 -14.32 15.17
CA LEU B 90 10.16 -13.67 15.31
C LEU B 90 10.05 -12.15 15.50
N ALA B 91 8.83 -11.65 15.75
CA ALA B 91 8.63 -10.20 15.82
C ALA B 91 9.32 -9.58 17.02
N LYS B 92 9.39 -10.30 18.15
CA LYS B 92 10.03 -9.73 19.33
C LYS B 92 11.52 -9.51 19.14
N PHE B 93 12.12 -10.07 18.09
CA PHE B 93 13.52 -9.84 17.78
C PHE B 93 13.64 -8.69 16.78
N LYS B 94 14.08 -7.53 17.29
CA LYS B 94 14.17 -6.32 16.47
C LYS B 94 15.25 -6.51 15.42
N GLY B 95 14.91 -6.19 14.18
CA GLY B 95 15.90 -6.14 13.13
C GLY B 95 16.16 -7.45 12.39
N HIS B 96 17.41 -7.60 11.94
CA HIS B 96 17.91 -8.83 11.29
C HIS B 96 16.97 -9.33 10.20
N ARG B 97 16.63 -8.43 9.27
CA ARG B 97 15.67 -8.78 8.24
C ARG B 97 16.22 -9.84 7.30
N MET B 98 17.51 -9.80 7.01
CA MET B 98 18.06 -10.75 6.04
C MET B 98 18.05 -12.18 6.60
N ALA B 99 18.40 -12.34 7.87
CA ALA B 99 18.33 -13.66 8.51
C ALA B 99 16.89 -14.15 8.59
N LYS B 100 15.98 -13.27 9.03
CA LYS B 100 14.58 -13.66 9.09
C LYS B 100 14.08 -14.10 7.72
N GLY B 101 14.45 -13.36 6.68
CA GLY B 101 13.98 -13.68 5.35
C GLY B 101 14.53 -14.99 4.85
N ALA B 102 15.79 -15.28 5.15
CA ALA B 102 16.37 -16.56 4.76
C ALA B 102 15.66 -17.73 5.44
N LEU B 103 15.40 -17.58 6.75
CA LEU B 103 14.66 -18.60 7.47
C LEU B 103 13.26 -18.79 6.91
N GLU B 104 12.54 -17.68 6.68
CA GLU B 104 11.21 -17.77 6.09
C GLU B 104 11.27 -18.41 4.71
N MET B 105 12.31 -18.10 3.93
CA MET B 105 12.47 -18.70 2.61
C MET B 105 12.54 -20.21 2.71
N ALA B 106 13.35 -20.71 3.65
CA ALA B 106 13.47 -22.15 3.84
C ALA B 106 12.15 -22.77 4.27
N VAL B 107 11.47 -22.12 5.22
CA VAL B 107 10.18 -22.61 5.70
C VAL B 107 9.17 -22.64 4.55
N LEU B 108 9.12 -21.58 3.75
CA LEU B 108 8.15 -21.51 2.67
C LEU B 108 8.46 -22.54 1.59
N ASP B 109 9.75 -22.76 1.30
CA ASP B 109 10.15 -23.80 0.37
C ASP B 109 9.64 -25.16 0.83
N ALA B 110 9.88 -25.50 2.10
CA ALA B 110 9.42 -26.77 2.62
C ALA B 110 7.89 -26.87 2.57
N GLU B 111 7.21 -25.82 3.04
CA GLU B 111 5.76 -25.83 3.07
C GLU B 111 5.16 -26.01 1.69
N LEU B 112 5.69 -25.28 0.70
CA LEU B 112 5.13 -25.34 -0.64
C LEU B 112 5.44 -26.67 -1.32
N ARG B 113 6.63 -27.24 -1.08
CA ARG B 113 6.92 -28.58 -1.60
C ARG B 113 5.95 -29.61 -1.04
N ALA B 114 5.60 -29.49 0.24
CA ALA B 114 4.60 -30.38 0.82
C ALA B 114 3.25 -30.30 0.12
N HIS B 115 2.93 -29.16 -0.49
CA HIS B 115 1.67 -29.01 -1.20
C HIS B 115 1.84 -29.12 -2.72
N GLU B 116 3.04 -29.49 -3.18
CA GLU B 116 3.38 -29.54 -4.61
C GLU B 116 2.92 -28.27 -5.33
N ARG B 117 3.38 -27.13 -4.80
CA ARG B 117 3.03 -25.79 -5.27
C ARG B 117 4.31 -24.97 -5.37
N SER B 118 4.45 -24.22 -6.46
CA SER B 118 5.66 -23.47 -6.71
C SER B 118 5.66 -22.11 -5.98
N PHE B 119 6.86 -21.53 -5.83
CA PHE B 119 6.92 -20.14 -5.41
C PHE B 119 6.11 -19.25 -6.35
N ALA B 120 6.22 -19.47 -7.66
CA ALA B 120 5.49 -18.62 -8.60
C ALA B 120 4.00 -18.68 -8.35
N ALA B 121 3.47 -19.87 -8.06
CA ALA B 121 2.04 -20.00 -7.79
C ALA B 121 1.65 -19.27 -6.51
N GLU B 122 2.42 -19.46 -5.44
CA GLU B 122 2.10 -18.82 -4.16
C GLU B 122 2.19 -17.30 -4.23
N LEU B 123 3.20 -16.77 -4.92
CA LEU B 123 3.38 -15.33 -5.01
C LEU B 123 2.40 -14.69 -5.99
N GLY B 124 1.86 -15.45 -6.94
CA GLY B 124 0.85 -14.94 -7.83
C GLY B 124 1.40 -14.57 -9.19
N SER B 125 2.23 -15.44 -9.74
CA SER B 125 2.84 -15.19 -11.04
C SER B 125 1.80 -15.06 -12.14
N VAL B 126 2.13 -14.25 -13.14
CA VAL B 126 1.29 -14.04 -14.30
C VAL B 126 2.06 -14.18 -15.60
N ARG B 127 3.37 -14.45 -15.53
CA ARG B 127 4.26 -14.58 -16.67
C ARG B 127 5.03 -15.88 -16.55
N ASP B 128 5.40 -16.45 -17.69
CA ASP B 128 6.15 -17.68 -17.69
C ASP B 128 7.65 -17.45 -17.80
N SER B 129 8.06 -16.28 -18.27
CA SER B 129 9.46 -15.90 -18.31
C SER B 129 9.59 -14.43 -17.93
N VAL B 130 10.79 -14.05 -17.49
CA VAL B 130 11.03 -12.66 -17.08
C VAL B 130 12.15 -12.06 -17.93
N PRO B 131 12.07 -10.78 -18.28
CA PRO B 131 13.19 -10.12 -18.96
C PRO B 131 14.26 -9.69 -17.96
N CYS B 132 15.51 -9.91 -18.35
CA CYS B 132 16.63 -9.84 -17.43
C CYS B 132 17.64 -8.79 -17.88
N GLY B 133 18.00 -7.90 -16.95
CA GLY B 133 19.14 -7.03 -17.11
C GLY B 133 20.36 -7.60 -16.40
N VAL B 134 21.46 -6.87 -16.51
CA VAL B 134 22.71 -7.23 -15.87
C VAL B 134 23.25 -5.98 -15.20
N SER B 135 23.91 -6.18 -14.05
CA SER B 135 24.52 -5.12 -13.26
C SER B 135 26.03 -5.21 -13.46
N VAL B 136 26.62 -4.16 -14.01
CA VAL B 136 28.03 -4.08 -14.31
C VAL B 136 28.66 -3.19 -13.25
N GLY B 137 29.70 -3.69 -12.58
CA GLY B 137 30.34 -2.93 -11.51
C GLY B 137 31.25 -1.82 -12.03
N ILE B 138 31.92 -1.16 -11.07
CA ILE B 138 32.90 -0.13 -11.41
C ILE B 138 34.07 -0.79 -12.14
N MET B 139 34.53 -0.14 -13.20
CA MET B 139 35.65 -0.64 -13.99
C MET B 139 36.86 0.25 -13.76
N ASP B 140 38.03 -0.25 -14.17
CA ASP B 140 39.26 0.52 -13.99
C ASP B 140 39.45 1.54 -15.11
N THR B 141 39.04 1.22 -16.33
CA THR B 141 39.13 2.12 -17.47
C THR B 141 37.80 2.17 -18.20
N ILE B 142 37.61 3.20 -19.01
CA ILE B 142 36.43 3.32 -19.86
C ILE B 142 36.36 2.25 -20.96
N PRO B 143 37.45 1.97 -21.69
CA PRO B 143 37.36 0.90 -22.72
C PRO B 143 36.97 -0.44 -22.13
N GLN B 144 37.46 -0.69 -20.90
CA GLN B 144 37.22 -1.95 -20.21
C GLN B 144 35.71 -2.08 -19.95
N LEU B 145 35.05 -0.97 -19.50
CA LEU B 145 33.60 -0.93 -19.32
C LEU B 145 32.87 -1.12 -20.64
N LEU B 146 33.32 -0.44 -21.70
CA LEU B 146 32.63 -0.59 -23.00
C LEU B 146 32.70 -2.02 -23.48
N ASP B 147 33.83 -2.71 -23.24
CA ASP B 147 33.96 -4.10 -23.67
C ASP B 147 33.03 -5.01 -22.87
N VAL B 148 32.98 -4.83 -21.56
CA VAL B 148 32.11 -5.69 -20.75
C VAL B 148 30.65 -5.46 -21.13
N VAL B 149 30.28 -4.20 -21.36
CA VAL B 149 28.89 -3.86 -21.66
C VAL B 149 28.51 -4.40 -23.03
N GLY B 150 29.42 -4.31 -24.01
CA GLY B 150 29.15 -4.92 -25.31
C GLY B 150 29.01 -6.42 -25.25
N GLY B 151 29.84 -7.08 -24.42
CA GLY B 151 29.72 -8.52 -24.29
C GLY B 151 28.39 -8.94 -23.68
N TYR B 152 27.95 -8.21 -22.65
CA TYR B 152 26.67 -8.53 -22.02
C TYR B 152 25.51 -8.24 -22.97
N LEU B 153 25.63 -7.21 -23.81
CA LEU B 153 24.59 -6.96 -24.80
C LEU B 153 24.59 -8.04 -25.88
N ASP B 154 25.76 -8.55 -26.26
CA ASP B 154 25.83 -9.67 -27.19
C ASP B 154 25.21 -10.93 -26.62
N GLU B 155 25.32 -11.14 -25.31
CA GLU B 155 24.67 -12.29 -24.69
C GLU B 155 23.14 -12.17 -24.69
N GLY B 156 22.61 -10.99 -24.94
CA GLY B 156 21.17 -10.81 -25.04
C GLY B 156 20.48 -10.16 -23.86
N TYR B 157 21.24 -9.67 -22.87
CA TYR B 157 20.61 -8.97 -21.76
C TYR B 157 19.90 -7.72 -22.29
N VAL B 158 18.73 -7.43 -21.73
CA VAL B 158 17.86 -6.38 -22.25
C VAL B 158 18.02 -5.06 -21.51
N ARG B 159 18.86 -5.00 -20.48
CA ARG B 159 19.07 -3.75 -19.75
C ARG B 159 20.46 -3.78 -19.13
N ILE B 160 21.11 -2.61 -19.11
CA ILE B 160 22.43 -2.43 -18.51
C ILE B 160 22.29 -1.53 -17.30
N LYS B 161 22.87 -1.96 -16.17
CA LYS B 161 22.91 -1.16 -14.96
C LYS B 161 24.37 -0.95 -14.59
N LEU B 162 24.77 0.30 -14.42
CA LEU B 162 26.17 0.66 -14.16
C LEU B 162 26.31 1.13 -12.72
N LYS B 163 27.23 0.52 -11.99
CA LYS B 163 27.57 1.07 -10.67
C LYS B 163 28.34 2.36 -10.84
N ILE B 164 27.85 3.44 -10.23
CA ILE B 164 28.52 4.73 -10.33
C ILE B 164 28.96 5.16 -8.95
N GLU B 165 29.87 6.14 -8.95
CA GLU B 165 30.59 6.61 -7.77
C GLU B 165 30.98 8.04 -8.05
N PRO B 166 31.33 8.81 -7.02
CA PRO B 166 31.93 10.13 -7.27
C PRO B 166 33.22 9.95 -8.05
N GLY B 167 33.33 10.65 -9.17
CA GLY B 167 34.48 10.52 -10.04
C GLY B 167 34.31 9.50 -11.13
N TRP B 168 33.29 8.66 -11.06
CA TRP B 168 32.99 7.62 -12.05
C TRP B 168 31.46 7.61 -12.23
N ASP B 169 30.93 8.58 -12.96
CA ASP B 169 29.49 8.67 -13.15
C ASP B 169 29.18 9.25 -14.52
N VAL B 170 29.35 10.52 -14.80
CA VAL B 170 28.95 11.08 -16.09
C VAL B 170 29.80 10.49 -17.18
N GLU B 171 31.06 10.19 -16.93
CA GLU B 171 31.85 9.71 -18.05
C GLU B 171 31.46 8.36 -18.56
N PRO B 172 31.33 7.35 -17.64
CA PRO B 172 30.85 6.10 -18.21
C PRO B 172 29.55 6.21 -18.91
N VAL B 173 28.60 6.94 -18.37
CA VAL B 173 27.30 6.96 -18.94
C VAL B 173 27.43 7.53 -20.32
N ARG B 174 28.15 8.64 -20.44
CA ARG B 174 28.36 9.21 -21.76
C ARG B 174 29.04 8.22 -22.71
N ALA B 175 30.09 7.53 -22.24
CA ALA B 175 30.79 6.57 -23.09
C ALA B 175 29.86 5.47 -23.59
N VAL B 176 29.06 4.90 -22.68
CA VAL B 176 28.14 3.83 -23.03
C VAL B 176 27.07 4.33 -24.00
N ARG B 177 26.52 5.52 -23.74
CA ARG B 177 25.49 6.07 -24.62
C ARG B 177 26.05 6.34 -26.01
N GLU B 178 27.28 6.85 -26.09
CA GLU B 178 27.86 7.18 -27.39
C GLU B 178 28.15 5.92 -28.19
N ARG B 179 28.69 4.89 -27.54
CA ARG B 179 29.07 3.69 -28.30
C ARG B 179 27.86 2.82 -28.65
N PHE B 180 26.81 2.80 -27.82
CA PHE B 180 25.74 1.82 -28.02
C PHE B 180 24.36 2.41 -28.32
N GLY B 181 24.20 3.72 -28.28
CA GLY B 181 22.99 4.37 -28.76
C GLY B 181 22.06 4.73 -27.63
N ASP B 182 20.90 5.27 -28.01
CA ASP B 182 19.93 5.76 -27.05
C ASP B 182 18.78 4.79 -26.82
N ASP B 183 18.75 3.67 -27.51
CA ASP B 183 17.64 2.73 -27.37
C ASP B 183 17.92 1.65 -26.35
N VAL B 184 19.14 1.58 -25.84
CA VAL B 184 19.48 0.62 -24.81
C VAL B 184 18.93 1.09 -23.47
N LEU B 185 18.20 0.22 -22.79
CA LEU B 185 17.73 0.49 -21.44
C LEU B 185 18.93 0.58 -20.50
N LEU B 186 19.20 1.80 -20.01
CA LEU B 186 20.39 2.09 -19.22
C LEU B 186 20.01 2.73 -17.89
N GLN B 187 20.67 2.29 -16.82
CA GLN B 187 20.40 2.84 -15.48
C GLN B 187 21.67 2.73 -14.65
N VAL B 188 21.68 3.43 -13.52
CA VAL B 188 22.87 3.53 -12.67
C VAL B 188 22.48 3.25 -11.22
N ASP B 189 23.46 2.82 -10.44
CA ASP B 189 23.31 2.51 -9.02
C ASP B 189 24.49 3.11 -8.26
N ALA B 190 24.20 3.88 -7.20
CA ALA B 190 25.22 4.63 -6.50
C ALA B 190 25.61 4.06 -5.14
N ASN B 191 24.79 3.18 -4.55
CA ASN B 191 25.10 2.53 -3.28
C ASN B 191 25.41 3.56 -2.19
N THR B 192 24.53 4.56 -2.09
CA THR B 192 24.54 5.58 -1.05
C THR B 192 25.74 6.52 -1.14
N ALA B 193 26.42 6.57 -2.29
CA ALA B 193 27.72 7.22 -2.34
C ALA B 193 27.65 8.74 -2.54
N TYR B 194 26.47 9.32 -2.71
CA TYR B 194 26.34 10.75 -2.92
C TYR B 194 25.59 11.41 -1.76
N THR B 195 25.57 12.73 -1.81
CA THR B 195 24.92 13.58 -0.82
C THR B 195 24.06 14.58 -1.58
N LEU B 196 23.02 15.09 -0.89
CA LEU B 196 22.16 16.10 -1.49
C LEU B 196 22.96 17.24 -2.12
N GLY B 197 24.11 17.58 -1.54
CA GLY B 197 24.97 18.60 -2.11
C GLY B 197 25.53 18.22 -3.47
N ASP B 198 25.60 16.94 -3.79
CA ASP B 198 26.05 16.53 -5.12
C ASP B 198 24.95 16.64 -6.16
N ALA B 199 23.83 17.29 -5.83
CA ALA B 199 22.73 17.42 -6.76
C ALA B 199 23.11 17.98 -8.12
N PRO B 200 23.96 19.02 -8.25
CA PRO B 200 24.32 19.50 -9.60
C PRO B 200 24.98 18.42 -10.45
N GLN B 201 25.97 17.73 -9.88
CA GLN B 201 26.68 16.72 -10.64
C GLN B 201 25.75 15.62 -11.13
N LEU B 202 24.84 15.16 -10.27
CA LEU B 202 23.90 14.12 -10.69
C LEU B 202 22.95 14.63 -11.77
N ALA B 203 22.63 15.93 -11.74
CA ALA B 203 21.79 16.48 -12.79
C ALA B 203 22.49 16.41 -14.15
N ARG B 204 23.82 16.31 -14.15
CA ARG B 204 24.54 16.16 -15.41
C ARG B 204 24.19 14.86 -16.12
N LEU B 205 23.48 13.95 -15.47
CA LEU B 205 23.04 12.71 -16.11
C LEU B 205 21.68 12.84 -16.78
N ASP B 206 21.02 14.00 -16.66
CA ASP B 206 19.69 14.16 -17.24
C ASP B 206 19.65 13.95 -18.76
N PRO B 207 20.61 14.44 -19.56
CA PRO B 207 20.42 14.35 -21.02
C PRO B 207 20.48 12.92 -21.57
N PHE B 208 21.01 11.97 -20.82
CA PHE B 208 21.26 10.62 -21.33
C PHE B 208 20.06 9.70 -21.21
N GLY B 209 18.94 10.16 -20.68
CA GLY B 209 17.73 9.36 -20.70
C GLY B 209 17.81 8.04 -19.94
N LEU B 210 18.39 8.06 -18.75
CA LEU B 210 18.43 6.85 -17.94
C LEU B 210 17.03 6.50 -17.45
N LEU B 211 16.81 5.24 -17.14
CA LEU B 211 15.54 4.83 -16.64
C LEU B 211 15.40 5.25 -15.23
N LEU B 212 16.51 5.27 -14.51
CA LEU B 212 16.44 5.56 -13.08
C LEU B 212 17.86 5.75 -12.55
N ILE B 213 17.95 6.43 -11.41
CA ILE B 213 19.17 6.45 -10.61
C ILE B 213 18.85 5.76 -9.28
N GLU B 214 19.58 4.70 -8.98
CA GLU B 214 19.28 3.86 -7.83
C GLU B 214 20.08 4.30 -6.60
N GLN B 215 19.35 4.54 -5.51
CA GLN B 215 19.90 4.89 -4.20
C GLN B 215 21.11 5.82 -4.27
N PRO B 216 20.94 7.08 -4.68
CA PRO B 216 22.09 8.02 -4.63
C PRO B 216 22.51 8.37 -3.21
N LEU B 217 21.57 8.52 -2.29
CA LEU B 217 21.91 9.00 -0.96
C LEU B 217 21.84 7.84 0.03
N GLU B 218 22.11 8.17 1.29
CA GLU B 218 22.17 7.22 2.40
C GLU B 218 20.84 6.56 2.67
N GLU B 219 20.92 5.39 3.34
CA GLU B 219 19.77 4.49 3.48
C GLU B 219 18.62 5.19 4.17
N GLU B 220 18.93 5.96 5.20
CA GLU B 220 17.95 6.57 6.08
C GLU B 220 17.55 7.96 5.60
N ASP B 221 18.18 8.50 4.55
CA ASP B 221 17.84 9.83 4.04
C ASP B 221 16.74 9.73 2.99
N VAL B 222 15.53 9.47 3.46
CA VAL B 222 14.38 9.39 2.57
C VAL B 222 13.95 10.79 2.14
N LEU B 223 13.88 11.73 3.09
CA LEU B 223 13.54 13.10 2.78
C LEU B 223 14.55 13.71 1.81
N GLY B 224 15.83 13.38 1.98
CA GLY B 224 16.83 13.87 1.06
C GLY B 224 16.58 13.40 -0.36
N HIS B 225 16.11 12.17 -0.50
CA HIS B 225 15.76 11.67 -1.83
C HIS B 225 14.55 12.41 -2.39
N ALA B 226 13.57 12.74 -1.54
CA ALA B 226 12.43 13.51 -2.04
C ALA B 226 12.88 14.88 -2.50
N GLU B 227 13.84 15.47 -1.78
CA GLU B 227 14.40 16.76 -2.18
C GLU B 227 15.15 16.64 -3.51
N LEU B 228 15.98 15.61 -3.64
CA LEU B 228 16.72 15.38 -4.88
C LEU B 228 15.79 15.17 -6.07
N ALA B 229 14.61 14.56 -5.84
CA ALA B 229 13.68 14.34 -6.94
C ALA B 229 13.21 15.65 -7.57
N ARG B 230 13.15 16.72 -6.78
CA ARG B 230 12.81 18.03 -7.32
C ARG B 230 13.94 18.64 -8.15
N ARG B 231 15.20 18.28 -7.88
CA ARG B 231 16.34 18.93 -8.52
C ARG B 231 16.84 18.25 -9.80
N ILE B 232 16.53 16.97 -10.02
CA ILE B 232 16.96 16.29 -11.23
C ILE B 232 15.74 15.77 -11.99
N GLN B 233 16.02 15.25 -13.18
CA GLN B 233 15.00 14.77 -14.12
C GLN B 233 14.94 13.26 -14.19
N THR B 234 16.05 12.58 -13.91
CA THR B 234 16.07 11.13 -13.87
C THR B 234 15.24 10.63 -12.70
N PRO B 235 14.34 9.66 -12.91
CA PRO B 235 13.54 9.13 -11.80
C PRO B 235 14.41 8.55 -10.71
N ILE B 236 13.93 8.64 -9.47
CA ILE B 236 14.68 8.16 -8.30
C ILE B 236 14.21 6.76 -7.98
N CYS B 237 15.17 5.85 -7.82
CA CYS B 237 14.89 4.48 -7.43
C CYS B 237 15.52 4.19 -6.07
N LEU B 238 14.74 3.63 -5.16
CA LEU B 238 15.23 3.30 -3.83
C LEU B 238 15.47 1.81 -3.69
N ASP B 239 16.59 1.46 -3.05
CA ASP B 239 16.99 0.07 -2.87
C ASP B 239 17.23 -0.16 -1.39
N GLU B 240 18.40 0.28 -0.89
CA GLU B 240 18.76 0.04 0.50
C GLU B 240 17.70 0.56 1.47
N SER B 241 16.96 1.62 1.09
CA SER B 241 15.95 2.22 1.97
C SER B 241 14.66 1.40 2.06
N ILE B 242 14.37 0.57 1.05
CA ILE B 242 13.12 -0.19 0.99
C ILE B 242 13.34 -1.49 1.77
N VAL B 243 12.99 -1.46 3.05
CA VAL B 243 13.20 -2.58 3.95
C VAL B 243 11.91 -3.21 4.41
N SER B 244 10.77 -2.68 3.97
CA SER B 244 9.46 -3.15 4.39
C SER B 244 8.41 -2.55 3.47
N ALA B 245 7.21 -3.13 3.52
CA ALA B 245 6.09 -2.51 2.81
C ALA B 245 5.77 -1.14 3.41
N ARG B 246 5.83 -1.01 4.74
CA ARG B 246 5.61 0.30 5.35
C ARG B 246 6.66 1.30 4.91
N ALA B 247 7.92 0.86 4.73
CA ALA B 247 8.96 1.78 4.27
C ALA B 247 8.67 2.28 2.87
N ALA B 248 8.23 1.39 1.96
CA ALA B 248 7.85 1.84 0.63
C ALA B 248 6.65 2.78 0.68
N ALA B 249 5.64 2.45 1.48
CA ALA B 249 4.49 3.33 1.61
C ALA B 249 4.92 4.72 2.02
N ASP B 250 5.75 4.81 3.05
CA ASP B 250 6.17 6.11 3.56
C ASP B 250 7.02 6.84 2.53
N ALA B 251 7.91 6.14 1.83
CA ALA B 251 8.73 6.83 0.85
C ALA B 251 7.88 7.34 -0.31
N ILE B 252 6.83 6.59 -0.69
CA ILE B 252 5.95 7.06 -1.74
C ILE B 252 5.15 8.27 -1.28
N LYS B 253 4.59 8.20 -0.06
CA LYS B 253 3.80 9.32 0.46
C LYS B 253 4.63 10.61 0.49
N LEU B 254 5.92 10.50 0.72
CA LEU B 254 6.81 11.66 0.82
C LEU B 254 7.39 12.06 -0.53
N GLY B 255 7.00 11.40 -1.61
CA GLY B 255 7.56 11.73 -2.93
C GLY B 255 9.04 11.47 -3.05
N ALA B 256 9.56 10.48 -2.33
CA ALA B 256 10.99 10.19 -2.34
C ALA B 256 11.38 9.11 -3.34
N VAL B 257 10.43 8.49 -4.04
CA VAL B 257 10.75 7.35 -4.88
C VAL B 257 9.72 7.28 -6.02
N GLN B 258 10.21 6.99 -7.23
CA GLN B 258 9.34 6.75 -8.38
C GLN B 258 9.39 5.33 -8.90
N ILE B 259 10.46 4.58 -8.60
CA ILE B 259 10.61 3.18 -8.97
C ILE B 259 11.23 2.48 -7.77
N VAL B 260 10.72 1.31 -7.42
CA VAL B 260 11.19 0.60 -6.23
C VAL B 260 11.94 -0.68 -6.64
N ASN B 261 13.12 -0.87 -6.04
CA ASN B 261 13.87 -2.12 -6.15
C ASN B 261 13.48 -3.01 -4.96
N ILE B 262 12.87 -4.16 -5.24
CA ILE B 262 12.49 -5.11 -4.20
C ILE B 262 13.58 -6.18 -4.07
N LYS B 263 14.29 -6.18 -2.93
CA LYS B 263 15.23 -7.22 -2.54
C LYS B 263 14.61 -8.06 -1.45
N PRO B 264 14.16 -9.27 -1.74
CA PRO B 264 13.41 -10.05 -0.74
C PRO B 264 14.15 -10.26 0.57
N GLY B 265 15.46 -10.56 0.53
CA GLY B 265 16.19 -10.72 1.77
C GLY B 265 16.24 -9.41 2.55
N GLN B 266 16.39 -8.30 1.82
CA GLN B 266 16.49 -7.00 2.45
C GLN B 266 15.20 -6.61 3.16
N VAL B 267 14.04 -7.02 2.62
CA VAL B 267 12.77 -6.70 3.24
C VAL B 267 12.30 -7.77 4.22
N GLY B 268 13.07 -8.82 4.45
CA GLY B 268 12.72 -9.80 5.43
C GLY B 268 11.95 -11.02 4.93
N GLY B 269 12.07 -11.36 3.65
CA GLY B 269 11.45 -12.56 3.13
C GLY B 269 10.66 -12.29 1.87
N TYR B 270 10.29 -13.38 1.20
CA TYR B 270 9.56 -13.22 -0.04
C TYR B 270 8.12 -12.81 0.21
N LEU B 271 7.56 -13.18 1.37
CA LEU B 271 6.19 -12.75 1.68
C LEU B 271 6.09 -11.23 1.79
N GLU B 272 6.96 -10.63 2.59
CA GLU B 272 7.02 -9.17 2.63
C GLU B 272 7.36 -8.61 1.26
N ALA B 273 8.20 -9.30 0.48
CA ALA B 273 8.52 -8.80 -0.85
C ALA B 273 7.25 -8.66 -1.69
N ARG B 274 6.37 -9.67 -1.63
CA ARG B 274 5.11 -9.57 -2.37
C ARG B 274 4.27 -8.41 -1.85
N ARG B 275 4.25 -8.22 -0.53
CA ARG B 275 3.51 -7.09 0.04
C ARG B 275 4.05 -5.75 -0.47
N VAL B 276 5.38 -5.63 -0.60
CA VAL B 276 5.96 -4.39 -1.14
C VAL B 276 5.51 -4.18 -2.57
N HIS B 277 5.57 -5.25 -3.38
CA HIS B 277 5.07 -5.20 -4.74
C HIS B 277 3.62 -4.73 -4.78
N ASP B 278 2.81 -5.21 -3.84
CA ASP B 278 1.39 -4.87 -3.84
C ASP B 278 1.13 -3.42 -3.46
N VAL B 279 1.83 -2.89 -2.44
CA VAL B 279 1.60 -1.49 -2.08
C VAL B 279 2.08 -0.58 -3.22
N CYS B 280 3.26 -0.89 -3.78
CA CYS B 280 3.75 -0.09 -4.90
C CYS B 280 2.77 -0.13 -6.05
N ALA B 281 2.20 -1.31 -6.35
CA ALA B 281 1.21 -1.40 -7.41
C ALA B 281 0.01 -0.52 -7.10
N ALA B 282 -0.46 -0.54 -5.84
CA ALA B 282 -1.62 0.30 -5.50
C ALA B 282 -1.33 1.79 -5.65
N HIS B 283 -0.06 2.21 -5.56
CA HIS B 283 0.29 3.62 -5.66
C HIS B 283 0.80 4.02 -7.03
N GLY B 284 0.75 3.13 -8.00
CA GLY B 284 1.24 3.44 -9.34
C GLY B 284 2.75 3.47 -9.48
N ILE B 285 3.46 2.78 -8.61
CA ILE B 285 4.93 2.80 -8.56
C ILE B 285 5.44 1.50 -9.18
N PRO B 286 6.21 1.55 -10.28
CA PRO B 286 6.79 0.32 -10.84
C PRO B 286 7.82 -0.29 -9.89
N VAL B 287 7.90 -1.63 -9.92
CA VAL B 287 8.95 -2.32 -9.17
C VAL B 287 9.75 -3.21 -10.11
N TRP B 288 10.96 -3.55 -9.67
CA TRP B 288 11.77 -4.58 -10.31
C TRP B 288 12.56 -5.32 -9.24
N CYS B 289 13.05 -6.51 -9.59
CA CYS B 289 13.70 -7.38 -8.62
C CYS B 289 15.21 -7.13 -8.55
N GLY B 290 15.73 -7.09 -7.34
CA GLY B 290 17.14 -6.83 -7.11
C GLY B 290 17.92 -8.11 -6.84
N GLY B 291 19.21 -8.08 -7.16
CA GLY B 291 20.06 -9.24 -6.97
C GLY B 291 21.08 -9.07 -5.87
N MET B 292 21.60 -10.19 -5.35
CA MET B 292 22.69 -10.17 -4.38
C MET B 292 23.73 -11.24 -4.69
N ILE B 293 23.95 -11.51 -5.97
CA ILE B 293 24.85 -12.55 -6.42
C ILE B 293 24.47 -13.85 -5.74
N GLU B 294 23.19 -14.23 -5.84
CA GLU B 294 22.74 -15.42 -5.13
C GLU B 294 23.07 -16.69 -5.90
N THR B 295 22.96 -17.82 -5.21
CA THR B 295 23.04 -19.10 -5.89
C THR B 295 21.76 -19.35 -6.65
N GLY B 296 21.67 -20.54 -7.25
CA GLY B 296 20.47 -20.91 -7.97
C GLY B 296 19.23 -20.93 -7.12
N LEU B 297 19.37 -21.13 -5.81
CA LEU B 297 18.21 -21.14 -4.92
C LEU B 297 17.53 -19.78 -4.88
N GLY B 298 18.27 -18.78 -4.38
CA GLY B 298 17.75 -17.43 -4.35
C GLY B 298 17.44 -16.90 -5.72
N ARG B 299 18.23 -17.27 -6.73
CA ARG B 299 17.95 -16.81 -8.08
C ARG B 299 16.60 -17.33 -8.55
N ALA B 300 16.29 -18.59 -8.21
CA ALA B 300 15.00 -19.19 -8.60
C ALA B 300 13.85 -18.49 -7.93
N ALA B 301 13.99 -18.25 -6.62
CA ALA B 301 12.94 -17.52 -5.91
C ALA B 301 12.78 -16.12 -6.48
N ASN B 302 13.89 -15.49 -6.88
CA ASN B 302 13.83 -14.14 -7.42
C ASN B 302 13.14 -14.10 -8.77
N VAL B 303 13.39 -15.09 -9.63
CA VAL B 303 12.71 -15.16 -10.92
C VAL B 303 11.22 -15.35 -10.71
N ALA B 304 10.85 -16.26 -9.80
CA ALA B 304 9.44 -16.41 -9.44
C ALA B 304 8.84 -15.06 -9.07
N LEU B 305 9.46 -14.37 -8.09
CA LEU B 305 8.95 -13.07 -7.67
C LEU B 305 8.85 -12.10 -8.84
N ALA B 306 9.87 -12.08 -9.69
CA ALA B 306 9.96 -11.12 -10.78
C ALA B 306 8.92 -11.36 -11.85
N SER B 307 8.20 -12.49 -11.82
CA SER B 307 7.14 -12.70 -12.81
C SER B 307 5.78 -12.15 -12.37
N LEU B 308 5.73 -11.37 -11.28
CA LEU B 308 4.49 -10.76 -10.81
C LEU B 308 4.10 -9.54 -11.64
N PRO B 309 2.84 -9.10 -11.58
CA PRO B 309 2.34 -8.12 -12.57
C PRO B 309 3.00 -6.75 -12.51
N ASN B 310 3.39 -6.26 -11.34
CA ASN B 310 3.93 -4.91 -11.26
C ASN B 310 5.44 -4.87 -11.48
N PHE B 311 6.05 -5.99 -11.85
CA PHE B 311 7.47 -6.00 -12.22
C PHE B 311 7.60 -5.63 -13.70
N THR B 312 7.47 -4.33 -13.98
CA THR B 312 7.42 -3.83 -15.34
C THR B 312 8.78 -3.35 -15.84
N LEU B 313 9.84 -3.57 -15.05
CA LEU B 313 11.19 -3.26 -15.47
C LEU B 313 12.08 -4.48 -15.29
N PRO B 314 13.04 -4.71 -16.20
CA PRO B 314 13.89 -5.90 -16.05
C PRO B 314 14.70 -5.84 -14.77
N GLY B 315 14.76 -6.98 -14.07
CA GLY B 315 15.42 -7.06 -12.78
C GLY B 315 16.89 -7.46 -12.87
N ASP B 316 17.54 -7.46 -11.70
CA ASP B 316 18.92 -7.93 -11.55
C ASP B 316 18.93 -9.44 -11.40
N THR B 317 18.15 -10.10 -12.25
CA THR B 317 18.03 -11.55 -12.27
C THR B 317 18.79 -12.10 -13.48
N SER B 318 20.12 -11.95 -13.43
CA SER B 318 20.99 -12.38 -14.51
C SER B 318 21.07 -13.91 -14.58
N ALA B 319 21.77 -14.41 -15.60
CA ALA B 319 21.97 -15.84 -15.72
C ALA B 319 22.99 -16.32 -14.68
N SER B 320 22.97 -17.64 -14.42
CA SER B 320 23.89 -18.20 -13.44
C SER B 320 25.35 -17.96 -13.83
N ASP B 321 25.67 -18.14 -15.12
CA ASP B 321 27.07 -18.02 -15.56
C ASP B 321 27.55 -16.59 -15.59
N ARG B 322 26.72 -15.63 -15.20
CA ARG B 322 27.19 -14.27 -15.09
C ARG B 322 28.09 -14.13 -13.86
N PHE B 323 27.96 -15.02 -12.90
CA PHE B 323 28.73 -15.02 -11.66
C PHE B 323 29.47 -16.32 -11.39
N TYR B 324 28.89 -17.47 -11.75
CA TYR B 324 29.42 -18.78 -11.34
C TYR B 324 29.57 -19.71 -12.54
N LYS B 325 30.74 -20.35 -12.66
CA LYS B 325 30.87 -21.32 -13.76
C LYS B 325 30.01 -22.54 -13.47
N THR B 326 29.81 -22.84 -12.19
CA THR B 326 29.07 -24.02 -11.74
C THR B 326 28.15 -23.61 -10.60
N ASP B 327 26.86 -23.55 -10.90
CA ASP B 327 25.87 -23.24 -9.88
C ASP B 327 25.60 -24.50 -9.08
N ILE B 328 25.21 -24.34 -7.82
CA ILE B 328 24.89 -25.51 -7.01
C ILE B 328 23.53 -26.11 -7.34
N THR B 329 22.76 -25.52 -8.25
CA THR B 329 21.45 -26.01 -8.65
C THR B 329 21.41 -26.15 -10.17
N GLU B 330 20.24 -26.52 -10.71
CA GLU B 330 20.05 -26.44 -12.15
C GLU B 330 20.38 -25.01 -12.57
N PRO B 331 21.24 -24.81 -13.57
CA PRO B 331 21.64 -23.45 -13.93
C PRO B 331 20.54 -22.69 -14.64
N PHE B 332 20.56 -21.36 -14.46
CA PHE B 332 19.65 -20.44 -15.13
C PHE B 332 20.34 -19.89 -16.37
N VAL B 333 19.81 -20.25 -17.55
CA VAL B 333 20.43 -19.96 -18.83
C VAL B 333 19.58 -18.94 -19.58
N LEU B 334 20.21 -17.84 -20.00
CA LEU B 334 19.51 -16.77 -20.70
C LEU B 334 19.07 -17.25 -22.07
N SER B 335 17.81 -17.00 -22.41
CA SER B 335 17.27 -17.35 -23.73
C SER B 335 16.45 -16.17 -24.23
N GLY B 336 17.00 -15.45 -25.21
CA GLY B 336 16.35 -14.24 -25.70
C GLY B 336 16.15 -13.18 -24.65
N GLY B 337 17.16 -12.97 -23.80
CA GLY B 337 17.05 -11.98 -22.74
C GLY B 337 16.11 -12.35 -21.62
N HIS B 338 15.60 -13.59 -21.59
CA HIS B 338 14.62 -14.01 -20.60
C HIS B 338 15.13 -15.20 -19.80
N LEU B 339 14.57 -15.33 -18.60
CA LEU B 339 14.73 -16.53 -17.79
C LEU B 339 13.39 -17.19 -17.56
N PRO B 340 13.33 -18.51 -17.57
CA PRO B 340 12.05 -19.20 -17.38
C PRO B 340 11.73 -19.33 -15.91
N VAL B 341 10.47 -19.07 -15.58
CA VAL B 341 10.02 -19.23 -14.19
C VAL B 341 10.01 -20.71 -13.84
N PRO B 342 10.64 -21.12 -12.74
CA PRO B 342 10.61 -22.54 -12.36
C PRO B 342 9.19 -23.03 -12.21
N THR B 343 8.96 -24.32 -12.53
CA THR B 343 7.62 -24.88 -12.45
C THR B 343 7.48 -26.00 -11.44
N GLY B 344 8.58 -26.55 -10.95
CA GLY B 344 8.52 -27.61 -9.96
C GLY B 344 7.92 -27.13 -8.66
N PRO B 345 7.63 -28.07 -7.75
CA PRO B 345 7.15 -27.68 -6.42
C PRO B 345 8.24 -26.90 -5.66
N GLY B 346 7.78 -25.97 -4.83
CA GLY B 346 8.70 -25.15 -4.05
C GLY B 346 9.50 -24.19 -4.91
N LEU B 347 10.80 -24.08 -4.61
CA LEU B 347 11.70 -23.23 -5.39
C LEU B 347 11.83 -23.71 -6.84
N GLY B 348 11.48 -24.96 -7.13
CA GLY B 348 11.74 -25.51 -8.44
C GLY B 348 13.18 -25.84 -8.72
N VAL B 349 14.05 -25.77 -7.71
CA VAL B 349 15.46 -26.10 -7.81
C VAL B 349 15.88 -26.57 -6.43
N ALA B 350 16.95 -27.36 -6.37
CA ALA B 350 17.48 -27.81 -5.10
C ALA B 350 18.97 -27.99 -5.27
N PRO B 351 19.73 -27.95 -4.18
CA PRO B 351 21.18 -28.14 -4.31
C PRO B 351 21.47 -29.55 -4.83
N ILE B 352 22.46 -29.64 -5.70
CA ILE B 352 22.98 -30.93 -6.15
C ILE B 352 24.00 -31.35 -5.11
N PRO B 353 23.77 -32.45 -4.38
CA PRO B 353 24.52 -32.68 -3.13
C PRO B 353 26.04 -32.71 -3.29
N GLU B 354 26.54 -33.33 -4.37
CA GLU B 354 27.98 -33.39 -4.56
C GLU B 354 28.54 -31.99 -4.81
N LEU B 355 27.85 -31.21 -5.65
CA LEU B 355 28.27 -29.84 -5.92
C LEU B 355 28.20 -28.98 -4.68
N LEU B 356 27.11 -29.12 -3.90
CA LEU B 356 26.99 -28.33 -2.69
C LEU B 356 28.09 -28.68 -1.69
N ASP B 357 28.39 -29.97 -1.52
CA ASP B 357 29.44 -30.38 -0.59
C ASP B 357 30.80 -29.84 -1.01
N GLU B 358 31.08 -29.79 -2.33
CA GLU B 358 32.39 -29.25 -2.74
C GLU B 358 32.61 -27.80 -2.34
N VAL B 359 31.55 -27.02 -2.14
CA VAL B 359 31.69 -25.61 -1.77
C VAL B 359 31.32 -25.34 -0.32
N THR B 360 31.00 -26.39 0.46
CA THR B 360 30.60 -26.21 1.86
C THR B 360 31.84 -26.07 2.75
N THR B 361 31.95 -24.94 3.45
CA THR B 361 33.06 -24.75 4.37
C THR B 361 32.68 -24.99 5.82
N ALA B 362 31.38 -24.98 6.13
CA ALA B 362 30.98 -25.28 7.51
C ALA B 362 29.53 -25.75 7.52
N LYS B 363 29.18 -26.57 8.50
CA LYS B 363 27.77 -26.93 8.66
C LYS B 363 27.52 -27.27 10.12
N VAL B 364 26.32 -26.92 10.58
CA VAL B 364 25.91 -27.15 11.96
C VAL B 364 24.42 -27.43 11.96
N TRP B 365 23.97 -28.27 12.89
CA TRP B 365 22.57 -28.63 13.01
C TRP B 365 21.97 -28.01 14.27
N ILE B 366 20.86 -27.30 14.11
CA ILE B 366 20.11 -26.73 15.23
C ILE B 366 18.78 -27.46 15.32
N GLY B 367 18.55 -28.15 16.44
CA GLY B 367 17.36 -28.99 16.57
C GLY B 367 16.87 -29.18 17.99
N MET C 1 48.70 9.95 18.17
CA MET C 1 48.36 8.78 18.94
C MET C 1 48.00 7.72 17.96
N LYS C 2 48.29 6.49 18.30
CA LYS C 2 47.88 5.38 17.49
C LYS C 2 47.25 4.62 18.61
N LEU C 3 46.17 3.91 18.35
CA LEU C 3 45.64 3.09 19.41
C LEU C 3 46.56 1.94 19.55
N SER C 4 47.05 1.71 20.75
CA SER C 4 47.87 0.51 20.95
C SER C 4 47.00 -0.74 21.06
N GLY C 5 45.83 -0.61 21.67
CA GLY C 5 44.96 -1.76 21.71
C GLY C 5 43.70 -1.48 22.50
N VAL C 6 42.85 -2.50 22.58
CA VAL C 6 41.58 -2.40 23.29
C VAL C 6 41.33 -3.70 24.03
N GLU C 7 41.01 -3.59 25.32
CA GLU C 7 40.55 -4.73 26.10
C GLU C 7 39.02 -4.71 26.10
N LEU C 8 38.44 -5.83 25.70
CA LEU C 8 37.01 -6.00 25.75
C LEU C 8 36.80 -6.81 26.98
N ARG C 9 35.93 -6.37 27.85
CA ARG C 9 35.67 -7.01 29.12
C ARG C 9 34.17 -7.16 29.20
N ARG C 10 33.73 -8.36 29.52
CA ARG C 10 32.31 -8.65 29.67
C ARG C 10 31.98 -8.80 31.14
N VAL C 11 30.92 -8.11 31.56
CA VAL C 11 30.60 -7.91 32.97
C VAL C 11 29.14 -8.31 33.22
N GLN C 12 28.90 -8.89 34.38
CA GLN C 12 27.57 -9.36 34.77
C GLN C 12 27.27 -8.80 36.15
N MET C 13 26.25 -7.95 36.26
CA MET C 13 25.96 -7.27 37.51
C MET C 13 24.53 -7.52 37.98
N PRO C 14 24.34 -7.96 39.22
CA PRO C 14 22.99 -8.26 39.69
C PRO C 14 22.24 -6.99 40.05
N LEU C 15 20.94 -6.98 39.77
CA LEU C 15 20.11 -5.81 40.05
C LEU C 15 19.52 -5.92 41.46
N VAL C 16 19.44 -4.77 42.14
CA VAL C 16 18.82 -4.72 43.47
C VAL C 16 17.39 -5.23 43.42
N ALA C 17 16.67 -4.97 42.33
CA ALA C 17 15.29 -5.39 42.16
C ALA C 17 15.06 -5.68 40.69
N PRO C 18 14.14 -6.58 40.36
CA PRO C 18 13.83 -6.85 38.95
C PRO C 18 13.34 -5.60 38.24
N PHE C 19 13.62 -5.52 36.94
CA PHE C 19 13.18 -4.39 36.11
C PHE C 19 12.40 -4.95 34.93
N ARG C 20 11.10 -4.65 34.87
CA ARG C 20 10.23 -5.25 33.86
C ARG C 20 9.81 -4.21 32.82
N THR C 21 9.97 -4.56 31.54
CA THR C 21 9.58 -3.73 30.41
C THR C 21 8.76 -4.55 29.42
N SER C 22 8.25 -3.86 28.40
CA SER C 22 7.37 -4.47 27.41
C SER C 22 7.96 -5.71 26.76
N PHE C 23 9.27 -5.94 26.90
CA PHE C 23 9.90 -7.09 26.27
C PHE C 23 10.58 -8.04 27.26
N GLY C 24 10.31 -7.92 28.55
CA GLY C 24 10.78 -8.94 29.49
C GLY C 24 11.06 -8.36 30.86
N THR C 25 11.23 -9.27 31.84
CA THR C 25 11.60 -8.95 33.21
C THR C 25 13.07 -9.28 33.39
N GLN C 26 13.88 -8.28 33.72
CA GLN C 26 15.32 -8.47 33.80
C GLN C 26 15.83 -8.51 35.21
N SER C 27 16.60 -9.53 35.51
CA SER C 27 17.10 -9.68 36.88
C SER C 27 18.59 -9.36 37.02
N VAL C 28 19.37 -9.53 35.96
CA VAL C 28 20.80 -9.23 35.95
C VAL C 28 21.12 -8.44 34.68
N ARG C 29 22.00 -7.44 34.80
CA ARG C 29 22.42 -6.65 33.64
C ARG C 29 23.77 -7.16 33.11
N GLU C 30 23.80 -7.63 31.87
CA GLU C 30 25.02 -8.05 31.19
C GLU C 30 25.54 -6.93 30.28
N LEU C 31 26.82 -6.58 30.44
CA LEU C 31 27.42 -5.39 29.85
C LEU C 31 28.72 -5.69 29.11
N LEU C 32 29.10 -4.72 28.27
CA LEU C 32 30.41 -4.68 27.60
C LEU C 32 31.17 -3.43 28.00
N LEU C 33 32.42 -3.62 28.39
CA LEU C 33 33.33 -2.55 28.71
C LEU C 33 34.51 -2.64 27.75
N LEU C 34 35.05 -1.48 27.40
CA LEU C 34 36.18 -1.35 26.50
C LEU C 34 37.24 -0.53 27.21
N ARG C 35 38.46 -1.01 27.18
CA ARG C 35 39.60 -0.28 27.74
C ARG C 35 40.52 0.01 26.57
N ALA C 36 40.48 1.24 26.08
CA ALA C 36 41.39 1.66 25.02
C ALA C 36 42.73 2.06 25.64
N VAL C 37 43.82 1.59 25.02
CA VAL C 37 45.18 1.85 25.47
C VAL C 37 45.91 2.55 24.33
N THR C 38 46.44 3.74 24.62
CA THR C 38 47.26 4.57 23.74
C THR C 38 48.57 4.89 24.46
N PRO C 39 49.59 5.35 23.74
CA PRO C 39 50.81 5.84 24.41
C PRO C 39 50.54 6.90 25.46
N ALA C 40 49.48 7.69 25.31
CA ALA C 40 49.17 8.72 26.31
C ALA C 40 48.52 8.14 27.56
N GLY C 41 47.76 7.06 27.44
CA GLY C 41 47.14 6.46 28.61
C GLY C 41 45.92 5.63 28.23
N GLU C 42 45.06 5.45 29.23
CA GLU C 42 43.87 4.60 29.17
C GLU C 42 42.61 5.43 28.95
N GLY C 43 41.59 4.75 28.42
CA GLY C 43 40.24 5.30 28.37
C GLY C 43 39.23 4.19 28.48
N TRP C 44 38.06 4.51 29.04
CA TRP C 44 37.00 3.53 29.26
C TRP C 44 35.75 3.85 28.46
N GLY C 45 35.18 2.82 27.84
CA GLY C 45 33.90 2.94 27.18
C GLY C 45 32.95 1.83 27.61
N GLU C 46 31.66 2.13 27.54
CA GLU C 46 30.62 1.18 27.93
C GLU C 46 29.64 1.03 26.78
N CYS C 47 29.27 -0.21 26.47
CA CYS C 47 28.26 -0.48 25.47
C CYS C 47 26.92 -0.68 26.16
N VAL C 48 25.86 -0.14 25.56
CA VAL C 48 24.54 -0.17 26.17
C VAL C 48 23.68 -1.30 25.59
N THR C 49 24.26 -2.19 24.79
CA THR C 49 23.56 -3.37 24.33
C THR C 49 23.19 -4.26 25.51
N MET C 50 22.18 -5.09 25.29
CA MET C 50 21.76 -6.03 26.30
C MET C 50 22.01 -7.44 25.79
N ALA C 51 21.60 -8.43 26.59
CA ALA C 51 21.90 -9.82 26.27
C ALA C 51 21.36 -10.21 24.90
N GLY C 52 20.09 -9.94 24.63
CA GLY C 52 19.48 -10.29 23.38
C GLY C 52 18.98 -9.09 22.61
N PRO C 53 18.67 -9.28 21.33
CA PRO C 53 18.18 -8.18 20.47
C PRO C 53 16.68 -7.94 20.62
N LEU C 54 16.27 -7.65 21.86
CA LEU C 54 14.87 -7.40 22.16
C LEU C 54 14.51 -5.91 22.16
N TYR C 55 15.47 -5.02 22.48
CA TYR C 55 15.22 -3.59 22.41
C TYR C 55 15.57 -3.00 21.04
N SER C 56 16.71 -3.41 20.49
CA SER C 56 17.15 -3.03 19.15
C SER C 56 17.80 -4.24 18.50
N SER C 57 18.33 -4.05 17.29
CA SER C 57 18.98 -5.17 16.60
C SER C 57 20.31 -5.56 17.23
N GLU C 58 20.91 -4.68 18.03
CA GLU C 58 22.23 -4.95 18.60
C GLU C 58 22.11 -5.63 19.96
N TYR C 59 22.94 -6.65 20.16
CA TYR C 59 22.98 -7.35 21.42
C TYR C 59 24.45 -7.61 21.74
N ASN C 60 24.70 -7.98 23.00
CA ASN C 60 26.06 -8.06 23.53
C ASN C 60 26.99 -8.88 22.64
N ASP C 61 26.63 -10.15 22.36
CA ASP C 61 27.51 -11.01 21.57
C ASP C 61 27.80 -10.41 20.19
N GLY C 62 26.77 -9.87 19.53
CA GLY C 62 26.96 -9.29 18.21
C GLY C 62 27.81 -8.03 18.24
N ALA C 63 27.61 -7.21 19.27
CA ALA C 63 28.44 -6.03 19.46
C ALA C 63 29.91 -6.43 19.64
N GLU C 64 30.16 -7.41 20.52
CA GLU C 64 31.52 -7.86 20.73
C GLU C 64 32.14 -8.37 19.44
N HIS C 65 31.38 -9.11 18.64
CA HIS C 65 31.94 -9.64 17.41
C HIS C 65 32.31 -8.52 16.43
N VAL C 66 31.39 -7.57 16.21
CA VAL C 66 31.69 -6.52 15.25
C VAL C 66 32.83 -5.63 15.75
N LEU C 67 32.92 -5.43 17.07
CA LEU C 67 34.05 -4.71 17.63
C LEU C 67 35.35 -5.45 17.39
N ARG C 68 35.36 -6.76 17.67
CA ARG C 68 36.57 -7.53 17.64
C ARG C 68 37.11 -7.71 16.23
N HIS C 69 36.24 -7.84 15.24
CA HIS C 69 36.69 -8.19 13.90
C HIS C 69 36.65 -7.05 12.90
N TYR C 70 36.03 -5.91 13.22
CA TYR C 70 35.90 -4.84 12.23
C TYR C 70 36.29 -3.50 12.81
N LEU C 71 35.64 -3.08 13.91
CA LEU C 71 35.81 -1.71 14.38
C LEU C 71 37.18 -1.50 15.03
N ILE C 72 37.52 -2.32 16.03
CA ILE C 72 38.82 -2.18 16.67
C ILE C 72 39.96 -2.40 15.69
N PRO C 73 39.95 -3.46 14.85
CA PRO C 73 40.96 -3.54 13.79
C PRO C 73 41.01 -2.31 12.90
N ALA C 74 39.86 -1.75 12.52
CA ALA C 74 39.87 -0.56 11.68
C ALA C 74 40.58 0.60 12.36
N LEU C 75 40.34 0.78 13.67
CA LEU C 75 41.00 1.86 14.39
C LEU C 75 42.50 1.59 14.58
N LEU C 76 42.87 0.35 14.87
CA LEU C 76 44.28 0.02 15.08
C LEU C 76 45.12 0.30 13.83
N ALA C 77 44.50 0.23 12.64
CA ALA C 77 45.18 0.50 11.39
C ALA C 77 45.28 1.99 11.07
N ALA C 78 44.65 2.85 11.88
CA ALA C 78 44.63 4.28 11.60
C ALA C 78 45.97 4.82 12.06
N GLU C 79 46.58 5.71 11.28
CA GLU C 79 47.90 6.25 11.62
C GLU C 79 47.77 7.22 12.75
N ASP C 80 46.85 8.12 12.63
CA ASP C 80 46.50 9.11 13.62
C ASP C 80 45.07 8.80 14.05
N ILE C 81 44.81 8.94 15.35
CA ILE C 81 43.47 8.70 15.87
C ILE C 81 43.08 9.87 16.77
N THR C 82 41.86 10.35 16.59
CA THR C 82 41.19 11.25 17.53
C THR C 82 39.76 10.77 17.64
N ALA C 83 39.08 11.16 18.71
CA ALA C 83 37.69 10.75 18.88
C ALA C 83 36.82 11.19 17.71
N ALA C 84 37.08 12.38 17.16
CA ALA C 84 36.28 12.87 16.04
C ALA C 84 36.52 12.04 14.78
N LYS C 85 37.75 11.56 14.57
CA LYS C 85 38.05 10.75 13.39
C LYS C 85 37.54 9.32 13.53
N VAL C 86 36.99 8.93 14.69
CA VAL C 86 36.46 7.58 14.84
C VAL C 86 35.29 7.37 13.88
N THR C 87 34.40 8.37 13.77
CA THR C 87 33.23 8.23 12.90
C THR C 87 33.59 8.04 11.44
N PRO C 88 34.42 8.88 10.80
CA PRO C 88 34.77 8.61 9.40
C PRO C 88 35.51 7.29 9.20
N LEU C 89 36.34 6.87 10.15
CA LEU C 89 37.10 5.64 9.97
C LEU C 89 36.22 4.41 10.02
N LEU C 90 35.17 4.43 10.83
CA LEU C 90 34.22 3.34 10.90
C LEU C 90 33.01 3.55 10.00
N ALA C 91 33.05 4.54 9.11
CA ALA C 91 31.86 4.85 8.31
C ALA C 91 31.53 3.73 7.32
N LYS C 92 32.53 3.04 6.79
CA LYS C 92 32.28 1.99 5.80
C LYS C 92 31.55 0.78 6.40
N PHE C 93 31.49 0.67 7.74
CA PHE C 93 30.75 -0.40 8.40
C PHE C 93 29.35 0.11 8.74
N LYS C 94 28.35 -0.36 7.99
CA LYS C 94 26.99 0.12 8.17
C LYS C 94 26.41 -0.35 9.49
N GLY C 95 25.79 0.57 10.23
CA GLY C 95 25.02 0.22 11.40
C GLY C 95 25.84 0.19 12.67
N HIS C 96 25.46 -0.69 13.60
CA HIS C 96 26.19 -0.95 14.85
C HIS C 96 26.52 0.34 15.60
N ARG C 97 25.46 1.14 15.83
CA ARG C 97 25.66 2.42 16.48
C ARG C 97 26.11 2.26 17.93
N MET C 98 25.59 1.28 18.64
CA MET C 98 25.92 1.11 20.04
C MET C 98 27.34 0.65 20.25
N ALA C 99 27.81 -0.27 19.45
CA ALA C 99 29.20 -0.70 19.52
C ALA C 99 30.13 0.43 19.15
N LYS C 100 29.84 1.12 18.04
CA LYS C 100 30.65 2.26 17.63
C LYS C 100 30.69 3.33 18.71
N GLY C 101 29.55 3.60 19.36
CA GLY C 101 29.52 4.62 20.39
C GLY C 101 30.34 4.25 21.59
N ALA C 102 30.35 2.97 21.98
CA ALA C 102 31.20 2.54 23.09
C ALA C 102 32.68 2.70 22.75
N LEU C 103 33.08 2.28 21.55
CA LEU C 103 34.47 2.45 21.14
C LEU C 103 34.86 3.93 21.14
N GLU C 104 34.00 4.80 20.55
CA GLU C 104 34.26 6.23 20.55
C GLU C 104 34.35 6.78 21.97
N MET C 105 33.50 6.27 22.87
CA MET C 105 33.54 6.70 24.26
C MET C 105 34.91 6.41 24.88
N ALA C 106 35.44 5.21 24.62
CA ALA C 106 36.74 4.88 25.19
C ALA C 106 37.84 5.75 24.58
N VAL C 107 37.83 5.92 23.25
CA VAL C 107 38.84 6.76 22.61
C VAL C 107 38.76 8.18 23.15
N LEU C 108 37.55 8.70 23.33
CA LEU C 108 37.38 10.07 23.80
C LEU C 108 37.83 10.21 25.26
N ASP C 109 37.56 9.20 26.10
CA ASP C 109 38.06 9.21 27.46
C ASP C 109 39.59 9.32 27.48
N ALA C 110 40.25 8.48 26.70
CA ALA C 110 41.71 8.52 26.64
C ALA C 110 42.22 9.87 26.16
N GLU C 111 41.65 10.38 25.06
CA GLU C 111 42.08 11.66 24.50
C GLU C 111 41.89 12.80 25.52
N LEU C 112 40.73 12.84 26.17
CA LEU C 112 40.45 13.95 27.07
C LEU C 112 41.33 13.86 28.32
N ARG C 113 41.59 12.64 28.79
CA ARG C 113 42.54 12.49 29.89
C ARG C 113 43.94 12.93 29.48
N ALA C 114 44.35 12.62 28.25
CA ALA C 114 45.63 13.10 27.72
C ALA C 114 45.69 14.62 27.71
N HIS C 115 44.56 15.29 27.75
CA HIS C 115 44.56 16.75 27.62
C HIS C 115 44.04 17.40 28.84
N GLU C 116 43.86 16.62 29.88
CA GLU C 116 43.32 17.12 31.10
C GLU C 116 42.10 17.95 30.89
N ARG C 117 41.03 17.32 30.43
CA ARG C 117 39.80 18.00 30.18
C ARG C 117 38.74 16.99 30.46
N SER C 118 37.65 17.40 31.08
CA SER C 118 36.55 16.50 31.41
C SER C 118 35.59 16.32 30.23
N PHE C 119 34.74 15.28 30.33
CA PHE C 119 33.66 15.16 29.35
C PHE C 119 32.80 16.40 29.33
N ALA C 120 32.44 16.91 30.51
CA ALA C 120 31.58 18.08 30.59
C ALA C 120 32.20 19.27 29.85
N ALA C 121 33.53 19.42 29.93
CA ALA C 121 34.17 20.52 29.23
C ALA C 121 34.05 20.34 27.72
N GLU C 122 34.35 19.12 27.23
CA GLU C 122 34.34 18.88 25.80
C GLU C 122 32.94 19.02 25.22
N LEU C 123 31.92 18.56 25.94
CA LEU C 123 30.55 18.56 25.43
C LEU C 123 29.89 19.94 25.51
N GLY C 124 30.33 20.78 26.43
CA GLY C 124 29.75 22.11 26.55
C GLY C 124 28.78 22.23 27.72
N SER C 125 29.17 21.71 28.88
CA SER C 125 28.33 21.79 30.06
C SER C 125 28.11 23.25 30.46
N VAL C 126 26.95 23.53 31.05
CA VAL C 126 26.64 24.87 31.56
C VAL C 126 26.14 24.85 32.99
N ARG C 127 25.97 23.69 33.61
CA ARG C 127 25.52 23.57 34.99
C ARG C 127 26.38 22.55 35.72
N ASP C 128 26.45 22.69 37.04
CA ASP C 128 27.32 21.82 37.83
C ASP C 128 26.64 20.58 38.35
N SER C 129 25.31 20.53 38.37
CA SER C 129 24.61 19.31 38.72
C SER C 129 23.35 19.22 37.87
N VAL C 130 22.83 18.00 37.74
CA VAL C 130 21.66 17.76 36.89
C VAL C 130 20.49 17.21 37.72
N PRO C 131 19.25 17.57 37.37
CA PRO C 131 18.08 16.96 38.02
C PRO C 131 17.76 15.59 37.45
N CYS C 132 17.38 14.68 38.34
CA CYS C 132 17.29 13.26 38.01
C CYS C 132 15.88 12.76 38.23
N GLY C 133 15.29 12.15 37.20
CA GLY C 133 14.08 11.38 37.34
C GLY C 133 14.43 9.91 37.51
N VAL C 134 13.40 9.11 37.71
CA VAL C 134 13.57 7.67 37.84
C VAL C 134 12.55 6.97 36.95
N SER C 135 12.96 5.85 36.36
CA SER C 135 12.14 5.06 35.47
C SER C 135 11.76 3.76 36.17
N VAL C 136 10.47 3.59 36.44
CA VAL C 136 9.93 2.41 37.10
C VAL C 136 9.22 1.53 36.06
N GLY C 137 9.57 0.25 36.08
CA GLY C 137 9.03 -0.70 35.14
C GLY C 137 7.61 -1.15 35.46
N ILE C 138 7.12 -2.07 34.63
CA ILE C 138 5.79 -2.64 34.81
C ILE C 138 5.78 -3.45 36.11
N MET C 139 4.71 -3.29 36.88
CA MET C 139 4.55 -3.98 38.15
C MET C 139 3.45 -5.04 38.04
N ASP C 140 3.38 -5.90 39.05
CA ASP C 140 2.40 -6.98 39.03
C ASP C 140 1.02 -6.50 39.49
N THR C 141 0.97 -5.60 40.47
CA THR C 141 -0.30 -5.06 40.92
C THR C 141 -0.18 -3.54 40.99
N ILE C 142 -1.34 -2.89 41.05
CA ILE C 142 -1.34 -1.44 41.24
C ILE C 142 -0.77 -1.04 42.59
N PRO C 143 -1.11 -1.69 43.71
CA PRO C 143 -0.50 -1.28 44.99
C PRO C 143 1.02 -1.39 45.01
N GLN C 144 1.58 -2.42 44.38
CA GLN C 144 3.03 -2.50 44.28
C GLN C 144 3.60 -1.27 43.61
N LEU C 145 2.99 -0.87 42.49
CA LEU C 145 3.48 0.31 41.77
C LEU C 145 3.37 1.55 42.65
N LEU C 146 2.24 1.72 43.35
CA LEU C 146 2.10 2.91 44.18
C LEU C 146 3.18 2.95 45.26
N ASP C 147 3.51 1.79 45.82
CA ASP C 147 4.54 1.76 46.87
C ASP C 147 5.91 2.08 46.30
N VAL C 148 6.23 1.55 45.11
CA VAL C 148 7.54 1.81 44.51
C VAL C 148 7.65 3.30 44.17
N VAL C 149 6.57 3.89 43.66
CA VAL C 149 6.60 5.29 43.27
C VAL C 149 6.76 6.19 44.50
N GLY C 150 6.04 5.87 45.59
CA GLY C 150 6.23 6.63 46.81
C GLY C 150 7.63 6.51 47.38
N GLY C 151 8.20 5.30 47.32
CA GLY C 151 9.56 5.12 47.80
C GLY C 151 10.57 5.91 46.99
N TYR C 152 10.40 5.93 45.67
CA TYR C 152 11.30 6.70 44.82
C TYR C 152 11.10 8.20 45.01
N LEU C 153 9.89 8.64 45.31
CA LEU C 153 9.67 10.06 45.60
C LEU C 153 10.30 10.43 46.94
N ASP C 154 10.28 9.52 47.92
CA ASP C 154 10.94 9.78 49.21
C ASP C 154 12.45 9.91 49.06
N GLU C 155 13.04 9.17 48.11
CA GLU C 155 14.47 9.33 47.84
C GLU C 155 14.80 10.68 47.22
N GLY C 156 13.79 11.41 46.73
CA GLY C 156 14.01 12.75 46.23
C GLY C 156 14.03 12.90 44.72
N TYR C 157 13.69 11.85 43.97
CA TYR C 157 13.64 11.98 42.52
C TYR C 157 12.57 12.99 42.11
N VAL C 158 12.87 13.80 41.10
CA VAL C 158 12.04 14.93 40.71
C VAL C 158 11.08 14.60 39.57
N ARG C 159 11.16 13.39 39.03
CA ARG C 159 10.28 12.97 37.94
C ARG C 159 10.09 11.46 38.02
N ILE C 160 8.86 11.03 37.74
CA ILE C 160 8.51 9.61 37.68
C ILE C 160 8.16 9.24 36.25
N LYS C 161 8.75 8.14 35.77
CA LYS C 161 8.49 7.59 34.44
C LYS C 161 7.98 6.16 34.61
N LEU C 162 6.83 5.88 34.04
CA LEU C 162 6.18 4.58 34.13
C LEU C 162 6.25 3.90 32.79
N LYS C 163 6.78 2.69 32.81
CA LYS C 163 6.69 1.82 31.65
C LYS C 163 5.23 1.44 31.39
N ILE C 164 4.69 1.75 30.21
CA ILE C 164 3.31 1.35 29.94
C ILE C 164 3.28 0.38 28.78
N GLU C 165 2.19 -0.37 28.70
CA GLU C 165 2.01 -1.49 27.79
C GLU C 165 0.52 -1.66 27.58
N PRO C 166 0.08 -2.37 26.54
CA PRO C 166 -1.37 -2.61 26.38
C PRO C 166 -1.97 -3.32 27.58
N GLY C 167 -3.02 -2.71 28.15
CA GLY C 167 -3.69 -3.23 29.32
C GLY C 167 -3.16 -2.70 30.64
N TRP C 168 -1.97 -2.07 30.62
CA TRP C 168 -1.30 -1.51 31.80
C TRP C 168 -0.85 -0.12 31.35
N ASP C 169 -1.80 0.80 31.30
CA ASP C 169 -1.58 2.18 30.88
C ASP C 169 -2.48 3.15 31.63
N VAL C 170 -3.77 3.22 31.27
CA VAL C 170 -4.63 4.21 31.92
C VAL C 170 -4.72 3.95 33.41
N GLU C 171 -4.82 2.68 33.83
CA GLU C 171 -5.02 2.40 35.25
C GLU C 171 -3.81 2.77 36.10
N PRO C 172 -2.58 2.35 35.78
CA PRO C 172 -1.43 2.80 36.60
C PRO C 172 -1.31 4.30 36.67
N VAL C 173 -1.56 4.99 35.56
CA VAL C 173 -1.45 6.45 35.55
C VAL C 173 -2.52 7.08 36.42
N ARG C 174 -3.76 6.59 36.30
CA ARG C 174 -4.85 7.08 37.13
C ARG C 174 -4.53 6.88 38.62
N ALA C 175 -4.05 5.68 38.97
CA ALA C 175 -3.70 5.36 40.36
C ALA C 175 -2.61 6.28 40.91
N VAL C 176 -1.54 6.46 40.13
CA VAL C 176 -0.44 7.30 40.58
C VAL C 176 -0.93 8.73 40.76
N ARG C 177 -1.75 9.21 39.82
CA ARG C 177 -2.29 10.57 39.93
C ARG C 177 -3.19 10.73 41.15
N GLU C 178 -4.02 9.78 41.44
CA GLU C 178 -4.95 9.98 42.52
C GLU C 178 -4.27 10.03 43.84
N ARG C 179 -3.29 9.18 44.03
CA ARG C 179 -2.64 9.04 45.33
C ARG C 179 -1.57 10.09 45.55
N PHE C 180 -0.91 10.57 44.49
CA PHE C 180 0.25 11.42 44.72
C PHE C 180 0.06 12.84 44.22
N GLY C 181 -1.05 13.15 43.56
CA GLY C 181 -1.37 14.52 43.25
C GLY C 181 -1.08 14.90 41.81
N ASP C 182 -1.28 16.18 41.54
CA ASP C 182 -1.15 16.70 40.18
C ASP C 182 0.16 17.43 39.92
N ASP C 183 0.99 17.60 40.95
CA ASP C 183 2.24 18.33 40.80
C ASP C 183 3.44 17.45 40.54
N VAL C 184 3.27 16.13 40.56
CA VAL C 184 4.39 15.23 40.30
C VAL C 184 4.67 15.20 38.81
N LEU C 185 5.92 15.44 38.43
CA LEU C 185 6.33 15.28 37.05
C LEU C 185 6.17 13.83 36.61
N LEU C 186 5.19 13.56 35.75
CA LEU C 186 4.85 12.20 35.37
C LEU C 186 4.92 12.05 33.86
N GLN C 187 5.47 10.93 33.43
CA GLN C 187 5.60 10.61 32.01
C GLN C 187 5.59 9.10 31.84
N VAL C 188 5.36 8.65 30.61
CA VAL C 188 5.20 7.23 30.33
C VAL C 188 6.04 6.83 29.12
N ASP C 189 6.40 5.55 29.07
CA ASP C 189 7.20 4.98 27.99
C ASP C 189 6.61 3.64 27.61
N ALA C 190 6.36 3.45 26.31
CA ALA C 190 5.68 2.26 25.80
C ALA C 190 6.60 1.27 25.11
N ASN C 191 7.80 1.71 24.71
CA ASN C 191 8.80 0.83 24.06
C ASN C 191 8.20 0.13 22.84
N THR C 192 7.55 0.94 21.99
CA THR C 192 7.01 0.55 20.67
C THR C 192 5.79 -0.38 20.76
N ALA C 193 5.15 -0.49 21.93
CA ALA C 193 4.18 -1.55 22.14
C ALA C 193 2.79 -1.23 21.60
N TYR C 194 2.57 -0.05 21.04
CA TYR C 194 1.27 0.34 20.54
C TYR C 194 1.30 0.51 19.03
N THR C 195 0.11 0.71 18.47
CA THR C 195 -0.06 0.87 17.05
C THR C 195 -0.98 2.07 16.83
N LEU C 196 -0.87 2.69 15.64
CA LEU C 196 -1.73 3.84 15.32
C LEU C 196 -3.19 3.53 15.60
N GLY C 197 -3.62 2.29 15.34
CA GLY C 197 -4.99 1.90 15.65
C GLY C 197 -5.33 1.95 17.12
N ASP C 198 -4.33 1.90 17.99
CA ASP C 198 -4.55 2.06 19.42
C ASP C 198 -4.69 3.52 19.83
N ALA C 199 -4.79 4.44 18.87
CA ALA C 199 -4.87 5.85 19.21
C ALA C 199 -5.98 6.20 20.19
N PRO C 200 -7.21 5.65 20.09
CA PRO C 200 -8.24 6.03 21.08
C PRO C 200 -7.83 5.72 22.51
N GLN C 201 -7.30 4.52 22.75
CA GLN C 201 -6.93 4.13 24.10
C GLN C 201 -5.85 5.06 24.66
N LEU C 202 -4.86 5.44 23.84
CA LEU C 202 -3.83 6.37 24.31
C LEU C 202 -4.42 7.75 24.57
N ALA C 203 -5.48 8.12 23.83
CA ALA C 203 -6.17 9.37 24.14
C ALA C 203 -6.80 9.33 25.52
N ARG C 204 -7.08 8.14 26.04
CA ARG C 204 -7.61 8.06 27.39
C ARG C 204 -6.61 8.58 28.43
N LEU C 205 -5.35 8.83 28.03
CA LEU C 205 -4.31 9.37 28.90
C LEU C 205 -4.34 10.89 28.82
N ASP C 206 -5.10 11.48 27.95
CA ASP C 206 -5.08 12.93 27.82
C ASP C 206 -5.32 13.79 29.12
N PRO C 207 -6.32 13.44 29.98
CA PRO C 207 -6.55 14.29 31.19
C PRO C 207 -5.53 14.31 32.32
N PHE C 208 -4.60 13.34 32.40
CA PHE C 208 -3.73 13.25 33.57
C PHE C 208 -2.50 14.15 33.47
N GLY C 209 -2.39 14.92 32.39
CA GLY C 209 -1.34 15.92 32.30
C GLY C 209 0.06 15.36 32.33
N LEU C 210 0.31 14.28 31.60
CA LEU C 210 1.65 13.74 31.49
C LEU C 210 2.54 14.67 30.68
N LEU C 211 3.83 14.66 30.99
CA LEU C 211 4.79 15.45 30.22
C LEU C 211 4.89 14.94 28.79
N LEU C 212 4.80 13.64 28.63
CA LEU C 212 5.08 13.03 27.34
C LEU C 212 4.66 11.58 27.39
N ILE C 213 4.42 11.03 26.21
CA ILE C 213 4.34 9.60 26.02
C ILE C 213 5.52 9.22 25.13
N GLU C 214 6.40 8.38 25.66
CA GLU C 214 7.65 8.07 24.99
C GLU C 214 7.47 6.84 24.10
N GLN C 215 7.85 6.98 22.83
CA GLN C 215 7.83 5.95 21.79
C GLN C 215 6.60 5.03 21.85
N PRO C 216 5.40 5.54 21.53
CA PRO C 216 4.24 4.64 21.49
C PRO C 216 4.30 3.61 20.37
N LEU C 217 4.76 3.98 19.16
CA LEU C 217 4.70 3.12 17.99
C LEU C 217 6.11 2.62 17.62
N GLU C 218 6.21 1.85 16.53
CA GLU C 218 7.47 1.22 16.16
C GLU C 218 8.52 2.28 15.81
N GLU C 219 9.80 1.84 15.81
CA GLU C 219 10.92 2.74 15.55
C GLU C 219 10.81 3.42 14.20
N GLU C 220 10.43 2.66 13.19
CA GLU C 220 10.52 3.14 11.82
C GLU C 220 9.25 3.86 11.40
N ASP C 221 8.22 3.85 12.24
CA ASP C 221 6.97 4.52 11.91
C ASP C 221 7.00 5.96 12.43
N VAL C 222 7.77 6.78 11.73
CA VAL C 222 7.83 8.20 12.10
C VAL C 222 6.57 8.94 11.66
N LEU C 223 6.11 8.70 10.43
CA LEU C 223 4.87 9.33 9.98
C LEU C 223 3.71 8.95 10.88
N GLY C 224 3.71 7.69 11.35
CA GLY C 224 2.67 7.25 12.27
C GLY C 224 2.67 8.04 13.56
N HIS C 225 3.85 8.43 14.05
CA HIS C 225 3.90 9.25 15.25
C HIS C 225 3.36 10.65 15.00
N ALA C 226 3.62 11.23 13.81
CA ALA C 226 3.05 12.54 13.54
C ALA C 226 1.53 12.48 13.50
N GLU C 227 1.01 11.42 12.90
CA GLU C 227 -0.44 11.25 12.81
C GLU C 227 -1.08 11.02 14.19
N LEU C 228 -0.40 10.30 15.06
CA LEU C 228 -0.88 10.15 16.42
C LEU C 228 -0.86 11.47 17.11
N ALA C 229 0.17 12.24 16.81
CA ALA C 229 0.25 13.55 17.43
C ALA C 229 -0.92 14.41 17.03
N ARG C 230 -1.44 14.20 15.82
CA ARG C 230 -2.64 14.93 15.44
C ARG C 230 -3.86 14.46 16.23
N ARG C 231 -3.87 13.24 16.72
CA ARG C 231 -5.05 12.74 17.36
C ARG C 231 -5.04 12.77 18.88
N ILE C 232 -3.88 12.98 19.50
CA ILE C 232 -3.82 13.09 20.94
C ILE C 232 -3.16 14.40 21.36
N GLN C 233 -3.19 14.58 22.67
CA GLN C 233 -3.04 15.75 23.52
C GLN C 233 -1.74 15.73 24.34
N THR C 234 -1.31 14.55 24.80
CA THR C 234 0.01 14.41 25.44
C THR C 234 1.11 14.57 24.39
N PRO C 235 2.16 15.35 24.68
CA PRO C 235 3.25 15.49 23.70
C PRO C 235 3.91 14.14 23.41
N ILE C 236 4.37 13.98 22.17
CA ILE C 236 4.97 12.73 21.72
C ILE C 236 6.47 12.87 21.89
N CYS C 237 7.08 11.88 22.55
CA CYS C 237 8.52 11.83 22.73
C CYS C 237 9.05 10.59 22.01
N LEU C 238 10.09 10.77 21.22
CA LEU C 238 10.72 9.68 20.50
C LEU C 238 12.03 9.28 21.18
N ASP C 239 12.26 7.98 21.25
CA ASP C 239 13.44 7.40 21.89
C ASP C 239 14.11 6.48 20.87
N GLU C 240 13.56 5.28 20.68
CA GLU C 240 14.15 4.31 19.77
C GLU C 240 14.33 4.86 18.36
N SER C 241 13.47 5.79 17.94
CA SER C 241 13.57 6.34 16.60
C SER C 241 14.73 7.32 16.44
N ILE C 242 15.19 7.92 17.53
CA ILE C 242 16.24 8.93 17.45
C ILE C 242 17.57 8.21 17.49
N VAL C 243 18.11 7.92 16.30
CA VAL C 243 19.36 7.18 16.16
C VAL C 243 20.48 8.04 15.60
N SER C 244 20.22 9.32 15.30
CA SER C 244 21.20 10.20 14.67
C SER C 244 20.67 11.62 14.74
N ALA C 245 21.55 12.59 14.47
CA ALA C 245 21.08 13.95 14.33
C ALA C 245 20.12 14.08 13.15
N ARG C 246 20.43 13.40 12.02
CA ARG C 246 19.55 13.46 10.86
C ARG C 246 18.18 12.87 11.19
N ALA C 247 18.15 11.83 12.02
CA ALA C 247 16.87 11.24 12.38
C ALA C 247 16.03 12.23 13.16
N ALA C 248 16.64 12.93 14.12
CA ALA C 248 15.91 13.94 14.88
C ALA C 248 15.42 15.06 13.99
N ALA C 249 16.29 15.55 13.09
CA ALA C 249 15.88 16.60 12.15
C ALA C 249 14.66 16.16 11.35
N ASP C 250 14.70 14.93 10.82
CA ASP C 250 13.59 14.47 9.99
C ASP C 250 12.30 14.35 10.81
N ALA C 251 12.41 13.83 12.04
CA ALA C 251 11.20 13.69 12.86
C ALA C 251 10.62 15.05 13.21
N ILE C 252 11.47 16.04 13.45
CA ILE C 252 10.96 17.38 13.74
C ILE C 252 10.30 17.98 12.51
N LYS C 253 10.94 17.85 11.34
CA LYS C 253 10.37 18.37 10.11
C LYS C 253 9.01 17.74 9.81
N LEU C 254 8.83 16.47 10.17
CA LEU C 254 7.58 15.80 9.87
C LEU C 254 6.53 15.95 10.96
N GLY C 255 6.81 16.74 12.00
CA GLY C 255 5.86 16.87 13.10
C GLY C 255 5.61 15.61 13.91
N ALA C 256 6.61 14.75 14.07
CA ALA C 256 6.44 13.50 14.79
C ALA C 256 6.86 13.55 16.27
N VAL C 257 7.42 14.66 16.76
CA VAL C 257 8.00 14.65 18.10
C VAL C 257 8.03 16.05 18.67
N GLN C 258 7.67 16.19 19.97
CA GLN C 258 7.88 17.48 20.60
C GLN C 258 8.99 17.49 21.64
N ILE C 259 9.35 16.33 22.18
CA ILE C 259 10.47 16.17 23.11
C ILE C 259 11.29 14.95 22.68
N VAL C 260 12.62 15.08 22.67
CA VAL C 260 13.51 14.04 22.17
C VAL C 260 14.27 13.43 23.34
N ASN C 261 14.33 12.09 23.37
CA ASN C 261 15.16 11.34 24.31
C ASN C 261 16.51 11.03 23.64
N ILE C 262 17.59 11.56 24.20
CA ILE C 262 18.93 11.32 23.66
C ILE C 262 19.56 10.14 24.43
N LYS C 263 19.75 9.00 23.74
CA LYS C 263 20.52 7.87 24.25
C LYS C 263 21.86 7.84 23.52
N PRO C 264 22.95 8.25 24.16
CA PRO C 264 24.22 8.40 23.41
C PRO C 264 24.65 7.16 22.67
N GLY C 265 24.55 5.97 23.28
CA GLY C 265 24.92 4.76 22.57
C GLY C 265 24.02 4.51 21.38
N GLN C 266 22.74 4.86 21.50
CA GLN C 266 21.76 4.59 20.46
C GLN C 266 22.04 5.41 19.21
N VAL C 267 22.55 6.64 19.38
CA VAL C 267 22.87 7.50 18.25
C VAL C 267 24.32 7.34 17.79
N GLY C 268 25.10 6.48 18.45
CA GLY C 268 26.45 6.20 18.02
C GLY C 268 27.55 6.98 18.70
N GLY C 269 27.36 7.44 19.92
CA GLY C 269 28.41 8.12 20.63
C GLY C 269 27.97 9.45 21.20
N TYR C 270 28.83 10.00 22.05
CA TYR C 270 28.51 11.25 22.72
C TYR C 270 28.67 12.46 21.82
N LEU C 271 29.58 12.42 20.84
CA LEU C 271 29.71 13.50 19.88
C LEU C 271 28.44 13.65 19.05
N GLU C 272 27.94 12.54 18.51
CA GLU C 272 26.65 12.58 17.84
C GLU C 272 25.54 13.00 18.80
N ALA C 273 25.62 12.60 20.08
CA ALA C 273 24.60 12.99 21.05
C ALA C 273 24.54 14.51 21.22
N ARG C 274 25.69 15.17 21.20
CA ARG C 274 25.71 16.61 21.27
C ARG C 274 25.09 17.10 20.04
N ARG C 275 25.46 16.53 18.91
CA ARG C 275 24.89 17.03 17.66
C ARG C 275 23.36 16.97 17.68
N VAL C 276 22.80 15.90 18.24
CA VAL C 276 21.36 15.77 18.36
C VAL C 276 20.80 16.88 19.25
N HIS C 277 21.46 17.10 20.40
CA HIS C 277 21.06 18.17 21.30
C HIS C 277 21.02 19.51 20.58
N ASP C 278 22.02 19.79 19.74
CA ASP C 278 22.11 21.09 19.08
C ASP C 278 21.03 21.23 18.01
N VAL C 279 20.77 20.16 17.26
CA VAL C 279 19.70 20.18 16.25
C VAL C 279 18.35 20.44 16.92
N CYS C 280 18.04 19.65 17.95
CA CYS C 280 16.79 19.85 18.68
C CYS C 280 16.71 21.26 19.25
N ALA C 281 17.80 21.78 19.78
CA ALA C 281 17.79 23.15 20.29
C ALA C 281 17.44 24.13 19.17
N ALA C 282 18.03 23.94 18.00
CA ALA C 282 17.78 24.86 16.89
C ALA C 282 16.33 24.85 16.44
N HIS C 283 15.59 23.78 16.73
CA HIS C 283 14.17 23.71 16.35
C HIS C 283 13.21 23.95 17.52
N GLY C 284 13.72 24.35 18.68
CA GLY C 284 12.84 24.56 19.83
C GLY C 284 12.35 23.30 20.50
N ILE C 285 13.05 22.18 20.34
CA ILE C 285 12.60 20.88 20.84
C ILE C 285 13.42 20.53 22.08
N PRO C 286 12.80 20.42 23.26
CA PRO C 286 13.56 20.02 24.46
C PRO C 286 14.08 18.59 24.38
N VAL C 287 15.25 18.36 24.97
CA VAL C 287 15.82 17.03 25.08
C VAL C 287 16.07 16.68 26.55
N TRP C 288 16.13 15.37 26.82
CA TRP C 288 16.57 14.87 28.10
C TRP C 288 17.38 13.60 27.86
N CYS C 289 18.16 13.22 28.87
CA CYS C 289 19.10 12.13 28.73
C CYS C 289 18.46 10.80 29.07
N GLY C 290 18.72 9.80 28.24
CA GLY C 290 18.14 8.47 28.42
C GLY C 290 19.11 7.51 29.09
N GLY C 291 18.54 6.54 29.79
CA GLY C 291 19.35 5.54 30.46
C GLY C 291 19.26 4.16 29.87
N MET C 292 20.26 3.34 30.13
CA MET C 292 20.27 1.93 29.72
C MET C 292 20.82 1.05 30.86
N ILE C 293 20.53 1.42 32.10
CA ILE C 293 21.00 0.71 33.29
C ILE C 293 22.52 0.58 33.22
N GLU C 294 23.19 1.70 32.99
CA GLU C 294 24.63 1.67 32.80
C GLU C 294 25.36 1.61 34.14
N THR C 295 26.64 1.27 34.07
CA THR C 295 27.50 1.36 35.23
C THR C 295 27.81 2.81 35.53
N GLY C 296 28.68 3.02 36.52
CA GLY C 296 29.13 4.36 36.81
C GLY C 296 29.84 5.03 35.66
N LEU C 297 30.43 4.24 34.76
CA LEU C 297 31.14 4.81 33.61
C LEU C 297 30.18 5.51 32.66
N GLY C 298 29.22 4.77 32.11
CA GLY C 298 28.23 5.37 31.26
C GLY C 298 27.41 6.41 32.00
N ARG C 299 27.15 6.19 33.29
CA ARG C 299 26.41 7.17 34.08
C ARG C 299 27.17 8.50 34.17
N ALA C 300 28.49 8.44 34.32
CA ALA C 300 29.28 9.68 34.41
C ALA C 300 29.23 10.43 33.08
N ALA C 301 29.44 9.72 31.98
CA ALA C 301 29.34 10.40 30.70
C ALA C 301 27.93 10.96 30.48
N ASN C 302 26.91 10.25 30.98
CA ASN C 302 25.53 10.70 30.79
C ASN C 302 25.19 11.94 31.60
N VAL C 303 25.64 12.04 32.84
CA VAL C 303 25.36 13.27 33.58
C VAL C 303 26.12 14.44 32.96
N ALA C 304 27.37 14.21 32.54
CA ALA C 304 28.09 15.23 31.78
C ALA C 304 27.27 15.74 30.62
N LEU C 305 26.81 14.82 29.75
CA LEU C 305 25.96 15.21 28.62
C LEU C 305 24.70 15.94 29.08
N ALA C 306 24.04 15.42 30.12
CA ALA C 306 22.78 15.98 30.60
C ALA C 306 22.95 17.36 31.22
N SER C 307 24.19 17.82 31.42
CA SER C 307 24.41 19.18 31.90
C SER C 307 24.49 20.20 30.77
N LEU C 308 24.16 19.83 29.54
CA LEU C 308 24.12 20.78 28.44
C LEU C 308 22.85 21.64 28.49
N PRO C 309 22.86 22.80 27.81
CA PRO C 309 21.81 23.80 28.06
C PRO C 309 20.40 23.38 27.69
N ASN C 310 20.21 22.58 26.64
CA ASN C 310 18.87 22.24 26.20
C ASN C 310 18.29 20.99 26.87
N PHE C 311 18.99 20.41 27.84
CA PHE C 311 18.43 19.31 28.63
C PHE C 311 17.56 19.92 29.73
N THR C 312 16.37 20.36 29.34
CA THR C 312 15.49 21.11 30.22
C THR C 312 14.43 20.23 30.87
N LEU C 313 14.53 18.92 30.72
CA LEU C 313 13.66 17.98 31.41
C LEU C 313 14.52 16.92 32.08
N PRO C 314 14.13 16.44 33.26
CA PRO C 314 14.97 15.48 33.98
C PRO C 314 15.19 14.20 33.18
N GLY C 315 16.43 13.72 33.18
CA GLY C 315 16.79 12.55 32.42
C GLY C 315 16.69 11.27 33.24
N ASP C 316 16.93 10.15 32.55
CA ASP C 316 16.99 8.83 33.18
C ASP C 316 18.37 8.59 33.77
N THR C 317 18.86 9.58 34.50
CA THR C 317 20.15 9.50 35.17
C THR C 317 19.91 9.29 36.67
N SER C 318 19.40 8.11 37.00
CA SER C 318 19.15 7.79 38.39
C SER C 318 20.46 7.55 39.13
N ALA C 319 20.35 7.40 40.46
CA ALA C 319 21.53 7.15 41.28
C ALA C 319 22.01 5.71 41.11
N SER C 320 23.26 5.46 41.49
CA SER C 320 23.81 4.11 41.37
C SER C 320 23.01 3.08 42.16
N ASP C 321 22.63 3.41 43.40
CA ASP C 321 21.93 2.42 44.23
C ASP C 321 20.49 2.19 43.80
N ARG C 322 20.04 2.85 42.72
CA ARG C 322 18.73 2.54 42.18
C ARG C 322 18.75 1.22 41.43
N PHE C 323 19.92 0.81 40.94
CA PHE C 323 20.10 -0.42 40.17
C PHE C 323 21.11 -1.38 40.78
N TYR C 324 22.19 -0.87 41.35
CA TYR C 324 23.31 -1.70 41.79
C TYR C 324 23.66 -1.40 43.23
N LYS C 325 23.71 -2.45 44.06
CA LYS C 325 24.16 -2.29 45.43
C LYS C 325 25.65 -1.91 45.46
N THR C 326 26.43 -2.31 44.45
CA THR C 326 27.86 -1.97 44.37
C THR C 326 28.22 -1.67 42.92
N ASP C 327 28.33 -0.37 42.61
CA ASP C 327 28.79 0.08 41.31
C ASP C 327 30.27 -0.19 41.19
N ILE C 328 30.74 -0.40 39.97
CA ILE C 328 32.15 -0.72 39.75
C ILE C 328 33.04 0.52 39.89
N THR C 329 32.40 1.65 40.08
CA THR C 329 33.13 2.87 40.14
C THR C 329 32.66 3.56 41.36
N GLU C 330 33.17 4.76 41.59
CA GLU C 330 32.74 5.53 42.70
C GLU C 330 31.29 5.78 42.49
N PRO C 331 30.51 5.61 43.51
CA PRO C 331 29.09 5.73 43.27
C PRO C 331 28.53 7.08 42.96
N PHE C 332 27.37 7.11 42.33
CA PHE C 332 26.68 8.36 42.06
C PHE C 332 25.54 8.45 43.06
N VAL C 333 25.61 9.43 43.96
CA VAL C 333 24.69 9.51 45.08
C VAL C 333 23.74 10.69 44.87
N LEU C 334 22.45 10.41 44.94
CA LEU C 334 21.46 11.46 44.75
C LEU C 334 21.55 12.46 45.90
N SER C 335 21.58 13.75 45.56
CA SER C 335 21.64 14.83 46.56
C SER C 335 20.57 15.85 46.20
N GLY C 336 19.47 15.87 46.95
CA GLY C 336 18.37 16.76 46.62
C GLY C 336 17.84 16.53 45.22
N GLY C 337 17.69 15.27 44.83
CA GLY C 337 17.21 15.01 43.49
C GLY C 337 18.18 15.33 42.35
N HIS C 338 19.44 15.62 42.66
CA HIS C 338 20.43 15.95 41.65
C HIS C 338 21.62 15.01 41.73
N LEU C 339 22.34 14.94 40.61
CA LEU C 339 23.66 14.31 40.60
C LEU C 339 24.72 15.32 40.19
N PRO C 340 25.91 15.27 40.80
CA PRO C 340 26.95 16.25 40.47
C PRO C 340 27.71 15.84 39.22
N VAL C 341 27.97 16.83 38.36
CA VAL C 341 28.75 16.60 37.16
C VAL C 341 30.20 16.35 37.56
N PRO C 342 30.79 15.22 37.14
CA PRO C 342 32.19 14.94 37.47
C PRO C 342 33.10 16.06 37.00
N THR C 343 34.20 16.26 37.73
CA THR C 343 35.14 17.33 37.44
C THR C 343 36.52 16.85 37.06
N GLY C 344 36.84 15.58 37.31
CA GLY C 344 38.12 15.01 36.96
C GLY C 344 38.32 14.99 35.47
N PRO C 345 39.53 14.65 35.04
CA PRO C 345 39.79 14.51 33.61
C PRO C 345 38.98 13.36 33.02
N GLY C 346 38.61 13.50 31.74
CA GLY C 346 37.87 12.46 31.06
C GLY C 346 36.49 12.27 31.68
N LEU C 347 36.13 11.01 31.90
CA LEU C 347 34.88 10.67 32.58
C LEU C 347 34.84 11.22 33.99
N GLY C 348 35.99 11.54 34.59
CA GLY C 348 36.02 11.90 36.00
C GLY C 348 35.80 10.73 36.91
N VAL C 349 35.84 9.53 36.35
CA VAL C 349 35.58 8.27 37.03
C VAL C 349 36.37 7.17 36.35
N ALA C 350 36.68 6.12 37.11
CA ALA C 350 37.36 4.96 36.55
C ALA C 350 36.94 3.74 37.35
N PRO C 351 37.01 2.55 36.77
CA PRO C 351 36.62 1.34 37.52
C PRO C 351 37.56 1.10 38.69
N ILE C 352 36.98 0.71 39.81
CA ILE C 352 37.74 0.28 40.97
C ILE C 352 38.05 -1.21 40.78
N PRO C 353 39.33 -1.57 40.60
CA PRO C 353 39.67 -2.92 40.09
C PRO C 353 39.16 -4.09 40.93
N GLU C 354 39.14 -3.96 42.25
CA GLU C 354 38.68 -5.09 43.05
C GLU C 354 37.21 -5.38 42.76
N LEU C 355 36.43 -4.31 42.68
CA LEU C 355 35.01 -4.39 42.37
C LEU C 355 34.77 -4.87 40.94
N LEU C 356 35.53 -4.33 39.97
CA LEU C 356 35.34 -4.72 38.56
C LEU C 356 35.67 -6.19 38.34
N ASP C 357 36.76 -6.66 38.91
CA ASP C 357 37.12 -8.06 38.74
C ASP C 357 36.07 -8.97 39.36
N GLU C 358 35.42 -8.55 40.45
CA GLU C 358 34.39 -9.43 41.02
C GLU C 358 33.24 -9.71 40.04
N VAL C 359 32.95 -8.80 39.12
CA VAL C 359 31.81 -8.97 38.20
C VAL C 359 32.23 -9.26 36.76
N THR C 360 33.53 -9.42 36.50
CA THR C 360 34.01 -9.66 35.14
C THR C 360 33.88 -11.14 34.81
N THR C 361 33.12 -11.45 33.76
CA THR C 361 32.98 -12.84 33.29
C THR C 361 33.87 -13.16 32.10
N ALA C 362 34.38 -12.15 31.39
CA ALA C 362 35.29 -12.48 30.30
C ALA C 362 36.17 -11.29 29.95
N LYS C 363 37.37 -11.56 29.44
CA LYS C 363 38.17 -10.45 28.97
C LYS C 363 39.11 -10.95 27.87
N VAL C 364 39.36 -10.09 26.89
CA VAL C 364 40.21 -10.41 25.74
C VAL C 364 40.91 -9.13 25.31
N TRP C 365 42.11 -9.29 24.79
CA TRP C 365 42.94 -8.18 24.33
C TRP C 365 42.97 -8.20 22.81
N ILE C 366 42.62 -7.09 22.18
CA ILE C 366 42.71 -6.95 20.73
C ILE C 366 43.75 -5.87 20.49
N GLY C 367 44.86 -6.21 19.85
CA GLY C 367 45.90 -5.20 19.77
C GLY C 367 46.86 -5.28 18.60
N SER C 368 47.93 -4.47 18.67
CA SER C 368 49.00 -4.48 17.68
C SER C 368 50.21 -5.16 18.28
N MET D 1 -46.11 14.05 -16.17
CA MET D 1 -47.11 14.13 -17.22
C MET D 1 -47.67 12.70 -17.39
N LYS D 2 -47.19 11.76 -16.59
CA LYS D 2 -47.54 10.34 -16.75
C LYS D 2 -46.95 9.73 -18.00
N LEU D 3 -45.97 8.88 -17.82
CA LEU D 3 -45.38 8.25 -18.95
C LEU D 3 -46.31 7.16 -19.34
N SER D 4 -46.70 7.14 -20.60
CA SER D 4 -47.53 6.05 -21.11
C SER D 4 -46.72 4.79 -21.40
N GLY D 5 -45.51 4.92 -21.92
CA GLY D 5 -44.65 3.77 -22.14
C GLY D 5 -43.37 4.17 -22.83
N VAL D 6 -42.53 3.17 -23.06
CA VAL D 6 -41.24 3.34 -23.73
C VAL D 6 -41.06 2.16 -24.68
N GLU D 7 -40.73 2.44 -25.93
CA GLU D 7 -40.34 1.40 -26.88
C GLU D 7 -38.82 1.27 -26.91
N LEU D 8 -38.32 0.08 -26.57
CA LEU D 8 -36.90 -0.23 -26.68
C LEU D 8 -36.57 -0.84 -28.06
N ARG D 9 -35.56 -0.21 -28.66
CA ARG D 9 -35.09 -0.63 -29.95
C ARG D 9 -33.61 -0.83 -30.08
N ARG D 10 -33.21 -1.87 -30.71
CA ARG D 10 -31.87 -2.32 -31.00
C ARG D 10 -31.66 -1.95 -32.44
N VAL D 11 -30.58 -1.23 -32.67
CA VAL D 11 -30.29 -0.67 -33.96
C VAL D 11 -28.87 -1.08 -34.26
N GLN D 12 -28.62 -1.44 -35.52
CA GLN D 12 -27.29 -1.88 -35.95
C GLN D 12 -26.96 -1.07 -37.19
N MET D 13 -25.91 -0.25 -37.10
CA MET D 13 -25.63 0.70 -38.16
C MET D 13 -24.21 0.58 -38.71
N PRO D 14 -24.06 0.52 -40.03
CA PRO D 14 -22.73 0.32 -40.59
C PRO D 14 -21.94 1.61 -40.60
N LEU D 15 -20.65 1.49 -40.25
CA LEU D 15 -19.80 2.67 -40.26
C LEU D 15 -19.15 2.78 -41.62
N VAL D 16 -18.91 4.03 -42.03
CA VAL D 16 -18.30 4.29 -43.33
C VAL D 16 -17.01 3.50 -43.48
N ALA D 17 -16.23 3.42 -42.41
CA ALA D 17 -15.00 2.67 -42.36
C ALA D 17 -14.79 2.23 -40.92
N PRO D 18 -14.08 1.13 -40.69
CA PRO D 18 -13.81 0.73 -39.31
C PRO D 18 -13.11 1.82 -38.53
N PHE D 19 -13.42 1.86 -37.22
CA PHE D 19 -12.90 2.85 -36.29
C PHE D 19 -12.19 2.11 -35.17
N ARG D 20 -10.88 2.31 -35.06
CA ARG D 20 -10.06 1.54 -34.14
C ARG D 20 -9.61 2.43 -32.99
N THR D 21 -9.81 1.93 -31.77
CA THR D 21 -9.33 2.59 -30.56
C THR D 21 -8.55 1.55 -29.77
N SER D 22 -7.86 2.02 -28.73
CA SER D 22 -7.02 1.14 -27.92
C SER D 22 -7.79 0.00 -27.24
N PHE D 23 -9.12 0.00 -27.27
CA PHE D 23 -9.89 -1.09 -26.65
C PHE D 23 -10.67 -1.91 -27.67
N GLY D 24 -10.37 -1.78 -28.95
CA GLY D 24 -10.93 -2.68 -29.94
C GLY D 24 -11.07 -2.04 -31.31
N THR D 25 -11.34 -2.88 -32.29
CA THR D 25 -11.59 -2.42 -33.66
C THR D 25 -13.09 -2.55 -33.96
N GLN D 26 -13.71 -1.44 -34.36
CA GLN D 26 -15.14 -1.40 -34.69
C GLN D 26 -15.47 -1.39 -36.17
N SER D 27 -16.48 -2.21 -36.54
CA SER D 27 -16.96 -2.31 -37.93
C SER D 27 -18.45 -2.03 -38.05
N VAL D 28 -19.25 -2.28 -37.00
CA VAL D 28 -20.66 -1.89 -37.02
C VAL D 28 -20.99 -1.40 -35.60
N ARG D 29 -21.77 -0.32 -35.51
CA ARG D 29 -22.15 0.28 -34.22
C ARG D 29 -23.52 -0.27 -33.83
N GLU D 30 -23.60 -1.02 -32.75
CA GLU D 30 -24.88 -1.51 -32.27
C GLU D 30 -25.30 -0.60 -31.18
N LEU D 31 -26.49 -0.06 -31.31
CA LEU D 31 -26.96 0.88 -30.36
C LEU D 31 -28.29 0.51 -29.79
N LEU D 32 -28.72 1.24 -28.80
CA LEU D 32 -30.00 1.03 -28.15
C LEU D 32 -30.73 2.38 -28.16
N LEU D 33 -31.95 2.38 -28.71
CA LEU D 33 -32.75 3.59 -28.84
C LEU D 33 -34.04 3.49 -28.01
N LEU D 34 -34.52 4.66 -27.55
CA LEU D 34 -35.68 4.75 -26.67
C LEU D 34 -36.74 5.64 -27.29
N ARG D 35 -37.99 5.18 -27.29
CA ARG D 35 -39.13 5.98 -27.72
C ARG D 35 -40.06 6.14 -26.52
N ALA D 36 -40.00 7.30 -25.87
CA ALA D 36 -40.91 7.60 -24.78
C ALA D 36 -42.22 8.13 -25.33
N VAL D 37 -43.33 7.65 -24.81
CA VAL D 37 -44.65 8.08 -25.24
C VAL D 37 -45.37 8.65 -24.03
N THR D 38 -45.83 9.89 -24.14
CA THR D 38 -46.64 10.56 -23.14
C THR D 38 -47.94 11.01 -23.81
N PRO D 39 -48.99 11.31 -23.04
CA PRO D 39 -50.21 11.88 -23.64
C PRO D 39 -49.95 13.13 -24.49
N ALA D 40 -48.88 13.88 -24.19
CA ALA D 40 -48.52 15.10 -24.92
C ALA D 40 -47.79 14.81 -26.24
N GLY D 41 -47.08 13.69 -26.34
CA GLY D 41 -46.43 13.32 -27.59
C GLY D 41 -45.27 12.36 -27.35
N GLU D 42 -44.43 12.24 -28.38
CA GLU D 42 -43.31 11.30 -28.42
C GLU D 42 -41.98 12.01 -28.15
N GLY D 43 -41.01 11.24 -27.68
CA GLY D 43 -39.65 11.72 -27.55
C GLY D 43 -38.68 10.58 -27.77
N TRP D 44 -37.49 10.91 -28.29
CA TRP D 44 -36.49 9.91 -28.66
C TRP D 44 -35.23 10.07 -27.81
N GLY D 45 -34.71 8.96 -27.31
CA GLY D 45 -33.44 8.95 -26.61
C GLY D 45 -32.50 7.89 -27.14
N GLU D 46 -31.20 8.16 -26.98
CA GLU D 46 -30.15 7.27 -27.45
C GLU D 46 -29.22 6.92 -26.29
N CYS D 47 -28.92 5.64 -26.16
CA CYS D 47 -27.94 5.16 -25.18
C CYS D 47 -26.60 5.00 -25.87
N VAL D 48 -25.53 5.38 -25.17
CA VAL D 48 -24.19 5.38 -25.76
C VAL D 48 -23.42 4.12 -25.38
N THR D 49 -24.07 3.15 -24.75
CA THR D 49 -23.46 1.86 -24.47
C THR D 49 -23.10 1.17 -25.78
N MET D 50 -22.17 0.24 -25.68
CA MET D 50 -21.81 -0.49 -26.87
C MET D 50 -22.10 -1.97 -26.66
N ALA D 51 -21.71 -2.81 -27.61
CA ALA D 51 -22.00 -4.25 -27.52
C ALA D 51 -21.48 -4.87 -26.21
N GLY D 52 -20.21 -4.66 -25.89
CA GLY D 52 -19.62 -5.24 -24.70
C GLY D 52 -19.11 -4.22 -23.71
N PRO D 53 -18.78 -4.67 -22.50
CA PRO D 53 -18.24 -3.76 -21.48
C PRO D 53 -16.74 -3.51 -21.68
N LEU D 54 -16.40 -3.02 -22.86
CA LEU D 54 -15.01 -2.76 -23.22
C LEU D 54 -14.57 -1.32 -22.97
N TYR D 55 -15.50 -0.37 -23.06
CA TYR D 55 -15.23 1.02 -22.74
C TYR D 55 -15.62 1.37 -21.31
N SER D 56 -16.78 0.90 -20.84
CA SER D 56 -17.22 1.07 -19.46
C SER D 56 -17.91 -0.21 -19.01
N SER D 57 -18.42 -0.22 -17.77
CA SER D 57 -19.08 -1.40 -17.25
C SER D 57 -20.44 -1.62 -17.89
N GLU D 58 -20.97 -0.61 -18.56
CA GLU D 58 -22.29 -0.68 -19.18
C GLU D 58 -22.17 -1.16 -20.62
N TYR D 59 -23.06 -2.08 -21.00
CA TYR D 59 -23.12 -2.56 -22.36
C TYR D 59 -24.59 -2.69 -22.74
N ASN D 60 -24.82 -2.85 -24.05
CA ASN D 60 -26.18 -2.82 -24.61
C ASN D 60 -27.13 -3.78 -23.90
N ASP D 61 -26.79 -5.08 -23.84
CA ASP D 61 -27.72 -6.01 -23.23
C ASP D 61 -28.04 -5.62 -21.79
N GLY D 62 -27.01 -5.27 -21.01
CA GLY D 62 -27.23 -4.92 -19.62
C GLY D 62 -28.01 -3.63 -19.46
N ALA D 63 -27.76 -2.65 -20.33
CA ALA D 63 -28.53 -1.42 -20.33
C ALA D 63 -30.01 -1.70 -20.58
N GLU D 64 -30.30 -2.51 -21.59
CA GLU D 64 -31.69 -2.87 -21.88
C GLU D 64 -32.34 -3.56 -20.68
N HIS D 65 -31.59 -4.43 -19.99
CA HIS D 65 -32.17 -5.16 -18.86
C HIS D 65 -32.51 -4.22 -17.70
N VAL D 66 -31.59 -3.32 -17.34
CA VAL D 66 -31.83 -2.42 -16.21
C VAL D 66 -32.95 -1.44 -16.55
N LEU D 67 -33.02 -1.01 -17.81
CA LEU D 67 -34.12 -0.16 -18.24
C LEU D 67 -35.45 -0.89 -18.16
N ARG D 68 -35.50 -2.10 -18.73
CA ARG D 68 -36.75 -2.83 -18.89
C ARG D 68 -37.35 -3.26 -17.57
N HIS D 69 -36.51 -3.54 -16.56
CA HIS D 69 -36.99 -4.10 -15.29
C HIS D 69 -36.91 -3.17 -14.08
N TYR D 70 -36.26 -2.01 -14.20
CA TYR D 70 -36.09 -1.17 -13.03
C TYR D 70 -36.40 0.30 -13.30
N LEU D 71 -35.72 0.88 -14.30
CA LEU D 71 -35.81 2.31 -14.53
C LEU D 71 -37.17 2.71 -15.13
N ILE D 72 -37.53 2.09 -16.25
CA ILE D 72 -38.82 2.42 -16.87
C ILE D 72 -39.99 2.08 -15.97
N PRO D 73 -40.07 0.91 -15.32
CA PRO D 73 -41.14 0.71 -14.34
C PRO D 73 -41.22 1.81 -13.28
N ALA D 74 -40.08 2.25 -12.74
CA ALA D 74 -40.08 3.27 -11.69
C ALA D 74 -40.68 4.59 -12.20
N LEU D 75 -40.37 4.98 -13.43
CA LEU D 75 -40.96 6.18 -14.01
C LEU D 75 -42.44 5.98 -14.32
N LEU D 76 -42.80 4.80 -14.82
CA LEU D 76 -44.20 4.50 -15.12
C LEU D 76 -45.06 4.52 -13.87
N ALA D 77 -44.46 4.19 -12.72
CA ALA D 77 -45.21 4.11 -11.47
C ALA D 77 -45.44 5.46 -10.82
N ALA D 78 -44.92 6.49 -11.42
CA ALA D 78 -45.06 7.80 -10.86
C ALA D 78 -46.23 8.57 -11.30
N GLU D 79 -46.80 9.34 -10.40
CA GLU D 79 -47.95 10.12 -10.73
C GLU D 79 -47.61 11.20 -11.71
N ASP D 80 -46.59 11.98 -11.39
CA ASP D 80 -46.16 12.96 -12.34
C ASP D 80 -44.70 12.86 -12.50
N ILE D 81 -44.27 12.93 -13.73
CA ILE D 81 -42.84 12.96 -14.05
C ILE D 81 -42.53 14.19 -14.90
N THR D 82 -41.34 14.73 -14.68
CA THR D 82 -40.72 15.71 -15.56
C THR D 82 -39.29 15.25 -15.79
N ALA D 83 -38.65 15.81 -16.81
CA ALA D 83 -37.26 15.45 -17.09
C ALA D 83 -36.39 15.69 -15.86
N ALA D 84 -36.68 16.76 -15.13
CA ALA D 84 -35.91 17.04 -13.92
C ALA D 84 -36.16 16.00 -12.82
N LYS D 85 -37.38 15.51 -12.68
CA LYS D 85 -37.63 14.56 -11.61
C LYS D 85 -37.12 13.16 -11.93
N VAL D 86 -36.63 12.94 -13.15
CA VAL D 86 -36.19 11.61 -13.54
C VAL D 86 -35.04 11.17 -12.64
N THR D 87 -34.08 12.06 -12.36
CA THR D 87 -32.94 11.73 -11.52
C THR D 87 -33.36 11.32 -10.12
N PRO D 88 -34.19 12.11 -9.39
CA PRO D 88 -34.65 11.63 -8.06
C PRO D 88 -35.42 10.32 -8.11
N LEU D 89 -36.20 10.07 -9.18
CA LEU D 89 -37.02 8.87 -9.22
C LEU D 89 -36.18 7.62 -9.46
N LEU D 90 -35.12 7.72 -10.27
CA LEU D 90 -34.21 6.62 -10.50
C LEU D 90 -33.00 6.64 -9.56
N ALA D 91 -33.03 7.49 -8.53
CA ALA D 91 -31.85 7.67 -7.67
C ALA D 91 -31.54 6.45 -6.81
N LYS D 92 -32.56 5.71 -6.37
CA LYS D 92 -32.31 4.54 -5.53
C LYS D 92 -31.59 3.43 -6.29
N PHE D 93 -31.54 3.52 -7.61
CA PHE D 93 -30.80 2.56 -8.41
C PHE D 93 -29.37 3.06 -8.59
N LYS D 94 -28.44 2.38 -7.91
CA LYS D 94 -27.02 2.77 -7.93
C LYS D 94 -26.44 2.52 -9.31
N GLY D 95 -25.83 3.56 -9.87
CA GLY D 95 -25.09 3.41 -11.10
C GLY D 95 -25.87 3.60 -12.39
N HIS D 96 -25.48 2.86 -13.43
CA HIS D 96 -26.19 2.81 -14.72
C HIS D 96 -26.47 4.19 -15.30
N ARG D 97 -25.40 4.99 -15.39
CA ARG D 97 -25.55 6.38 -15.83
C ARG D 97 -25.98 6.46 -17.29
N MET D 98 -25.44 5.57 -18.14
CA MET D 98 -25.72 5.66 -19.57
C MET D 98 -27.16 5.27 -19.88
N ALA D 99 -27.68 4.25 -19.20
CA ALA D 99 -29.08 3.90 -19.36
C ALA D 99 -30.00 5.02 -18.87
N LYS D 100 -29.73 5.53 -17.67
CA LYS D 100 -30.51 6.65 -17.14
C LYS D 100 -30.43 7.87 -18.05
N GLY D 101 -29.26 8.18 -18.58
CA GLY D 101 -29.14 9.35 -19.41
C GLY D 101 -29.94 9.23 -20.69
N ALA D 102 -29.99 8.02 -21.27
CA ALA D 102 -30.81 7.78 -22.46
C ALA D 102 -32.30 7.93 -22.14
N LEU D 103 -32.75 7.34 -21.02
CA LEU D 103 -34.13 7.49 -20.60
C LEU D 103 -34.47 8.94 -20.36
N GLU D 104 -33.59 9.68 -19.67
CA GLU D 104 -33.81 11.10 -19.47
C GLU D 104 -33.89 11.84 -20.80
N MET D 105 -33.03 11.47 -21.73
CA MET D 105 -33.00 12.14 -23.03
C MET D 105 -34.35 12.05 -23.74
N ALA D 106 -34.93 10.84 -23.76
CA ALA D 106 -36.21 10.64 -24.43
C ALA D 106 -37.33 11.39 -23.72
N VAL D 107 -37.36 11.31 -22.38
CA VAL D 107 -38.38 12.04 -21.61
C VAL D 107 -38.28 13.54 -21.89
N LEU D 108 -37.07 14.07 -21.95
CA LEU D 108 -36.90 15.51 -22.15
C LEU D 108 -37.33 15.93 -23.56
N ASP D 109 -37.03 15.10 -24.57
CA ASP D 109 -37.50 15.39 -25.92
C ASP D 109 -39.02 15.48 -25.95
N ALA D 110 -39.71 14.51 -25.35
CA ALA D 110 -41.17 14.53 -25.31
C ALA D 110 -41.68 15.76 -24.57
N GLU D 111 -41.11 16.04 -23.40
CA GLU D 111 -41.51 17.21 -22.63
C GLU D 111 -41.29 18.49 -23.42
N LEU D 112 -40.15 18.61 -24.09
CA LEU D 112 -39.82 19.85 -24.79
C LEU D 112 -40.67 20.04 -26.03
N ARG D 113 -40.95 18.97 -26.77
CA ARG D 113 -41.86 19.07 -27.90
C ARG D 113 -43.25 19.50 -27.44
N ALA D 114 -43.70 18.98 -26.30
CA ALA D 114 -44.99 19.36 -25.72
C ALA D 114 -45.07 20.86 -25.41
N HIS D 115 -43.94 21.50 -25.17
CA HIS D 115 -43.91 22.94 -24.95
C HIS D 115 -43.39 23.68 -26.17
N GLU D 116 -43.17 22.93 -27.26
CA GLU D 116 -42.62 23.43 -28.51
C GLU D 116 -41.41 24.33 -28.26
N ARG D 117 -40.42 23.71 -27.60
CA ARG D 117 -39.18 24.34 -27.14
C ARG D 117 -38.02 23.42 -27.53
N SER D 118 -36.91 24.00 -28.00
CA SER D 118 -35.79 23.18 -28.47
C SER D 118 -34.91 22.72 -27.31
N PHE D 119 -33.97 21.85 -27.59
CA PHE D 119 -33.06 21.43 -26.57
C PHE D 119 -32.19 22.62 -26.29
N ALA D 120 -31.74 23.30 -27.32
CA ALA D 120 -30.83 24.43 -27.15
C ALA D 120 -31.43 25.49 -26.22
N ALA D 121 -32.74 25.69 -26.32
CA ALA D 121 -33.40 26.67 -25.46
C ALA D 121 -33.34 26.25 -23.98
N GLU D 122 -33.63 24.98 -23.68
CA GLU D 122 -33.61 24.54 -22.28
C GLU D 122 -32.22 24.61 -21.69
N LEU D 123 -31.22 24.24 -22.49
CA LEU D 123 -29.85 24.19 -22.00
C LEU D 123 -29.25 25.59 -21.91
N GLY D 124 -29.72 26.53 -22.73
CA GLY D 124 -29.27 27.89 -22.67
C GLY D 124 -28.26 28.23 -23.75
N SER D 125 -28.53 27.78 -24.97
CA SER D 125 -27.62 28.03 -26.08
C SER D 125 -27.50 29.52 -26.35
N VAL D 126 -26.33 29.92 -26.84
CA VAL D 126 -26.06 31.30 -27.21
C VAL D 126 -25.44 31.42 -28.60
N ARG D 127 -25.23 30.31 -29.29
CA ARG D 127 -24.64 30.28 -30.61
C ARG D 127 -25.57 29.52 -31.53
N ASP D 128 -25.56 29.90 -32.81
CA ASP D 128 -26.42 29.23 -33.77
C ASP D 128 -25.71 28.12 -34.53
N SER D 129 -24.38 28.10 -34.54
CA SER D 129 -23.64 26.99 -35.10
C SER D 129 -22.43 26.70 -34.22
N VAL D 130 -21.92 25.48 -34.29
CA VAL D 130 -20.80 25.05 -33.45
C VAL D 130 -19.63 24.58 -34.32
N PRO D 131 -18.40 24.85 -33.91
CA PRO D 131 -17.24 24.33 -34.65
C PRO D 131 -16.98 22.88 -34.31
N CYS D 132 -16.56 22.12 -35.32
CA CYS D 132 -16.48 20.68 -35.24
C CYS D 132 -15.07 20.20 -35.52
N GLY D 133 -14.55 19.37 -34.61
CA GLY D 133 -13.36 18.61 -34.85
C GLY D 133 -13.71 17.19 -35.30
N VAL D 134 -12.66 16.41 -35.54
CA VAL D 134 -12.83 15.00 -35.90
C VAL D 134 -11.85 14.17 -35.08
N SER D 135 -12.29 12.95 -34.75
CA SER D 135 -11.50 12.00 -34.00
C SER D 135 -11.05 10.90 -34.96
N VAL D 136 -9.75 10.77 -35.14
CA VAL D 136 -9.16 9.79 -36.04
C VAL D 136 -8.65 8.62 -35.21
N GLY D 137 -9.07 7.41 -35.58
CA GLY D 137 -8.66 6.22 -34.85
C GLY D 137 -7.24 5.79 -35.17
N ILE D 138 -6.84 4.68 -34.55
CA ILE D 138 -5.52 4.13 -34.82
C ILE D 138 -5.50 3.57 -36.24
N MET D 139 -4.45 3.90 -36.98
CA MET D 139 -4.25 3.43 -38.35
C MET D 139 -3.06 2.46 -38.37
N ASP D 140 -2.92 1.75 -39.49
CA ASP D 140 -1.87 0.75 -39.58
C ASP D 140 -0.50 1.33 -39.89
N THR D 141 -0.41 2.40 -40.69
CA THR D 141 0.88 2.99 -41.02
C THR D 141 0.81 4.50 -40.78
N ILE D 142 1.99 5.13 -40.70
CA ILE D 142 2.07 6.59 -40.61
C ILE D 142 1.58 7.30 -41.86
N PRO D 143 2.01 6.92 -43.08
CA PRO D 143 1.42 7.57 -44.26
C PRO D 143 -0.06 7.34 -44.37
N GLN D 144 -0.52 6.14 -44.00
CA GLN D 144 -1.95 5.87 -44.02
C GLN D 144 -2.71 6.92 -43.21
N LEU D 145 -2.20 7.24 -42.01
CA LEU D 145 -2.83 8.26 -41.16
C LEU D 145 -2.79 9.63 -41.81
N LEU D 146 -1.69 9.99 -42.45
CA LEU D 146 -1.60 11.31 -43.00
C LEU D 146 -2.60 11.50 -44.10
N ASP D 147 -2.88 10.46 -44.88
CA ASP D 147 -3.92 10.59 -45.90
C ASP D 147 -5.27 10.84 -45.25
N VAL D 148 -5.56 10.15 -44.14
CA VAL D 148 -6.87 10.29 -43.51
C VAL D 148 -7.05 11.69 -42.94
N VAL D 149 -6.02 12.22 -42.26
CA VAL D 149 -6.17 13.52 -41.61
C VAL D 149 -6.18 14.64 -42.65
N GLY D 150 -5.37 14.51 -43.71
CA GLY D 150 -5.43 15.49 -44.78
C GLY D 150 -6.78 15.51 -45.47
N GLY D 151 -7.38 14.33 -45.65
CA GLY D 151 -8.71 14.27 -46.21
C GLY D 151 -9.74 14.93 -45.30
N TYR D 152 -9.59 14.74 -43.98
CA TYR D 152 -10.48 15.39 -43.02
C TYR D 152 -10.25 16.89 -42.95
N LEU D 153 -9.00 17.34 -43.14
CA LEU D 153 -8.73 18.78 -43.20
C LEU D 153 -9.29 19.39 -44.47
N ASP D 154 -9.24 18.66 -45.59
CA ASP D 154 -9.85 19.15 -46.82
C ASP D 154 -11.37 19.27 -46.70
N GLU D 155 -12.00 18.41 -45.88
CA GLU D 155 -13.44 18.54 -45.63
C GLU D 155 -13.78 19.78 -44.81
N GLY D 156 -12.81 20.41 -44.17
CA GLY D 156 -13.05 21.64 -43.44
C GLY D 156 -13.11 21.51 -41.93
N TYR D 157 -12.81 20.33 -41.36
CA TYR D 157 -12.79 20.17 -39.92
C TYR D 157 -11.73 21.08 -39.29
N VAL D 158 -12.06 21.65 -38.13
CA VAL D 158 -11.23 22.69 -37.49
C VAL D 158 -10.30 22.13 -36.42
N ARG D 159 -10.38 20.84 -36.12
CA ARG D 159 -9.49 20.24 -35.13
C ARG D 159 -9.31 18.77 -35.47
N ILE D 160 -8.09 18.27 -35.29
CA ILE D 160 -7.77 16.87 -35.51
C ILE D 160 -7.42 16.26 -34.17
N LYS D 161 -8.03 15.13 -33.85
CA LYS D 161 -7.78 14.39 -32.62
C LYS D 161 -7.31 12.98 -32.97
N LEU D 162 -6.16 12.57 -32.44
CA LEU D 162 -5.54 11.29 -32.76
C LEU D 162 -5.63 10.32 -31.59
N LYS D 163 -6.20 9.14 -31.85
CA LYS D 163 -6.24 8.06 -30.86
C LYS D 163 -4.84 7.49 -30.63
N ILE D 164 -4.41 7.44 -29.38
CA ILE D 164 -3.06 6.97 -29.01
C ILE D 164 -3.14 5.74 -28.09
N GLU D 165 -2.00 5.08 -28.02
CA GLU D 165 -1.89 3.76 -27.43
C GLU D 165 -0.44 3.46 -27.18
N PRO D 166 -0.14 2.51 -26.34
CA PRO D 166 1.29 2.12 -26.32
C PRO D 166 1.72 1.58 -27.69
N GLY D 167 2.70 2.19 -28.20
CA GLY D 167 3.19 1.95 -29.63
C GLY D 167 2.65 2.89 -30.67
N TRP D 168 1.65 3.77 -30.34
CA TRP D 168 1.09 4.69 -31.36
C TRP D 168 0.91 6.05 -30.69
N ASP D 169 2.00 6.82 -30.55
CA ASP D 169 1.83 8.12 -29.91
C ASP D 169 2.78 9.21 -30.41
N VAL D 170 4.06 9.16 -30.02
CA VAL D 170 4.96 10.26 -30.39
C VAL D 170 5.10 10.34 -31.90
N GLU D 171 5.18 9.18 -32.57
CA GLU D 171 5.41 9.16 -34.01
C GLU D 171 4.24 9.73 -34.81
N PRO D 172 2.99 9.30 -34.59
CA PRO D 172 1.90 9.94 -35.33
C PRO D 172 1.84 11.43 -35.14
N VAL D 173 2.13 11.92 -33.92
CA VAL D 173 2.06 13.36 -33.67
C VAL D 173 3.17 14.09 -34.40
N ARG D 174 4.40 13.54 -34.37
CA ARG D 174 5.49 14.17 -35.13
C ARG D 174 5.15 14.25 -36.61
N ALA D 175 4.64 13.16 -37.18
CA ALA D 175 4.31 13.12 -38.60
C ALA D 175 3.28 14.18 -38.95
N VAL D 176 2.21 14.28 -38.16
CA VAL D 176 1.17 15.26 -38.47
C VAL D 176 1.72 16.67 -38.36
N ARG D 177 2.55 16.94 -37.33
CA ARG D 177 3.08 18.28 -37.15
C ARG D 177 3.98 18.69 -38.32
N GLU D 178 4.86 17.78 -38.77
CA GLU D 178 5.78 18.14 -39.85
C GLU D 178 5.08 18.17 -41.22
N ARG D 179 4.11 17.27 -41.50
CA ARG D 179 3.40 17.34 -42.79
C ARG D 179 2.33 18.42 -42.85
N PHE D 180 1.66 18.74 -41.75
CA PHE D 180 0.52 19.64 -41.82
C PHE D 180 0.71 20.93 -41.06
N GLY D 181 1.80 21.09 -40.32
CA GLY D 181 2.19 22.38 -39.77
C GLY D 181 1.85 22.54 -38.30
N ASP D 182 2.11 23.75 -37.81
CA ASP D 182 1.98 24.11 -36.40
C ASP D 182 0.69 24.86 -36.08
N ASP D 183 -0.12 25.18 -37.09
CA ASP D 183 -1.36 25.92 -36.87
C ASP D 183 -2.58 25.02 -36.77
N VAL D 184 -2.40 23.72 -36.98
CA VAL D 184 -3.50 22.77 -36.90
C VAL D 184 -3.82 22.51 -35.44
N LEU D 185 -5.08 22.70 -35.08
CA LEU D 185 -5.58 22.34 -33.76
C LEU D 185 -5.53 20.82 -33.63
N LEU D 186 -4.60 20.33 -32.79
CA LEU D 186 -4.31 18.92 -32.67
C LEU D 186 -4.33 18.50 -31.20
N GLN D 187 -4.92 17.34 -30.94
CA GLN D 187 -5.02 16.79 -29.59
C GLN D 187 -5.05 15.27 -29.71
N VAL D 188 -4.84 14.60 -28.58
CA VAL D 188 -4.74 13.15 -28.56
C VAL D 188 -5.58 12.59 -27.41
N ASP D 189 -6.01 11.33 -27.57
CA ASP D 189 -6.81 10.64 -26.57
C ASP D 189 -6.30 9.21 -26.43
N ALA D 190 -6.01 8.80 -25.19
CA ALA D 190 -5.38 7.51 -24.93
C ALA D 190 -6.34 6.45 -24.38
N ASN D 191 -7.52 6.85 -23.90
CA ASN D 191 -8.54 5.90 -23.43
C ASN D 191 -7.97 4.96 -22.36
N THR D 192 -7.32 5.57 -21.36
CA THR D 192 -6.81 4.92 -20.15
C THR D 192 -5.62 4.00 -20.41
N ALA D 193 -4.95 4.12 -21.55
CA ALA D 193 -3.99 3.10 -21.99
C ALA D 193 -2.61 3.25 -21.37
N TYR D 194 -2.37 4.28 -20.60
CA TYR D 194 -1.06 4.48 -20.05
C TYR D 194 -1.05 4.39 -18.57
N THR D 195 0.13 4.48 -17.99
CA THR D 195 0.26 4.42 -16.54
C THR D 195 1.10 5.58 -16.13
N LEU D 196 1.22 5.79 -14.83
CA LEU D 196 2.00 6.89 -14.31
C LEU D 196 3.41 6.50 -14.55
N GLY D 197 3.65 5.21 -14.65
CA GLY D 197 4.97 4.71 -14.94
C GLY D 197 5.33 4.97 -16.38
N ASP D 198 4.35 5.30 -17.20
CA ASP D 198 4.65 5.62 -18.57
C ASP D 198 4.85 7.10 -18.73
N ALA D 199 4.90 7.83 -17.61
CA ALA D 199 5.03 9.28 -17.69
C ALA D 199 6.18 9.75 -18.59
N PRO D 200 7.34 9.07 -18.59
CA PRO D 200 8.44 9.53 -19.47
C PRO D 200 8.06 9.64 -20.95
N GLN D 201 7.38 8.63 -21.50
CA GLN D 201 6.99 8.65 -22.91
C GLN D 201 6.06 9.82 -23.22
N LEU D 202 5.07 10.07 -22.36
CA LEU D 202 4.11 11.16 -22.58
C LEU D 202 4.78 12.52 -22.50
N ALA D 203 5.89 12.63 -21.77
CA ALA D 203 6.68 13.85 -21.78
C ALA D 203 7.31 14.12 -23.15
N ARG D 204 7.51 13.08 -23.96
CA ARG D 204 8.01 13.28 -25.31
C ARG D 204 6.99 13.94 -26.24
N LEU D 205 5.77 14.12 -25.78
CA LEU D 205 4.73 14.73 -26.61
C LEU D 205 4.62 16.20 -26.34
N ASP D 206 5.38 16.65 -25.37
CA ASP D 206 5.34 18.06 -25.01
C ASP D 206 5.79 19.02 -26.16
N PRO D 207 6.88 18.75 -26.91
CA PRO D 207 7.21 19.77 -27.93
C PRO D 207 6.28 20.12 -29.05
N PHE D 208 5.29 19.31 -29.35
CA PHE D 208 4.46 19.48 -30.54
C PHE D 208 3.23 20.40 -30.42
N GLY D 209 3.02 21.02 -29.27
CA GLY D 209 1.95 22.00 -29.11
C GLY D 209 0.53 21.48 -29.22
N LEU D 210 0.25 20.35 -28.58
CA LEU D 210 -1.11 19.80 -28.52
C LEU D 210 -2.00 20.65 -27.61
N LEU D 211 -3.30 20.60 -27.82
CA LEU D 211 -4.21 21.34 -26.98
C LEU D 211 -4.42 20.65 -25.67
N LEU D 212 -4.27 19.34 -25.65
CA LEU D 212 -4.55 18.53 -24.46
C LEU D 212 -4.16 17.07 -24.71
N ILE D 213 -4.06 16.31 -23.63
CA ILE D 213 -4.06 14.85 -23.68
C ILE D 213 -5.32 14.36 -22.97
N GLU D 214 -6.13 13.61 -23.69
CA GLU D 214 -7.39 13.14 -23.14
C GLU D 214 -7.19 11.80 -22.47
N GLN D 215 -7.63 11.69 -21.21
CA GLN D 215 -7.61 10.48 -20.38
C GLN D 215 -6.38 9.59 -20.56
N PRO D 216 -5.20 10.02 -20.10
CA PRO D 216 -4.04 9.11 -20.20
C PRO D 216 -4.13 7.90 -19.30
N LEU D 217 -4.62 8.04 -18.06
CA LEU D 217 -4.53 6.95 -17.10
C LEU D 217 -5.93 6.39 -16.87
N GLU D 218 -6.06 5.45 -15.92
CA GLU D 218 -7.36 4.79 -15.74
C GLU D 218 -8.41 5.80 -15.26
N GLU D 219 -9.68 5.43 -15.47
CA GLU D 219 -10.77 6.33 -15.07
C GLU D 219 -10.73 6.64 -13.58
N GLU D 220 -10.33 5.68 -12.75
CA GLU D 220 -10.43 5.83 -11.30
C GLU D 220 -9.17 6.43 -10.68
N ASP D 221 -8.10 6.63 -11.45
CA ASP D 221 -6.86 7.18 -10.93
C ASP D 221 -6.85 8.70 -11.15
N VAL D 222 -7.62 9.40 -10.30
CA VAL D 222 -7.64 10.86 -10.40
C VAL D 222 -6.37 11.48 -9.83
N LEU D 223 -5.88 10.95 -8.69
CA LEU D 223 -4.64 11.47 -8.11
C LEU D 223 -3.45 11.30 -9.04
N GLY D 224 -3.36 10.15 -9.72
CA GLY D 224 -2.27 9.95 -10.65
C GLY D 224 -2.29 10.94 -11.79
N HIS D 225 -3.49 11.36 -12.20
CA HIS D 225 -3.57 12.37 -13.24
C HIS D 225 -3.01 13.72 -12.75
N ALA D 226 -3.29 14.05 -11.48
CA ALA D 226 -2.69 15.26 -10.89
C ALA D 226 -1.18 15.11 -10.76
N GLU D 227 -0.71 13.93 -10.38
CA GLU D 227 0.73 13.67 -10.34
C GLU D 227 1.32 13.84 -11.73
N LEU D 228 0.68 13.31 -12.75
CA LEU D 228 1.18 13.44 -14.12
C LEU D 228 1.20 14.85 -14.58
N ALA D 229 0.18 15.59 -14.24
CA ALA D 229 0.06 16.95 -14.74
C ALA D 229 1.20 17.84 -14.27
N ARG D 230 1.75 17.54 -13.09
CA ARG D 230 2.93 18.25 -12.62
C ARG D 230 4.17 17.94 -13.43
N ARG D 231 4.22 16.74 -13.98
CA ARG D 231 5.41 16.15 -14.60
C ARG D 231 5.55 16.44 -16.10
N ILE D 232 4.42 16.67 -16.77
CA ILE D 232 4.44 16.99 -18.20
C ILE D 232 3.92 18.36 -18.47
N GLN D 233 3.98 18.79 -19.70
CA GLN D 233 3.61 20.15 -19.98
C GLN D 233 2.41 20.35 -20.83
N THR D 234 2.01 19.32 -21.55
CA THR D 234 0.79 19.50 -22.29
C THR D 234 -0.45 19.40 -21.44
N PRO D 235 -1.44 20.31 -21.63
CA PRO D 235 -2.60 20.18 -20.71
C PRO D 235 -3.25 18.81 -20.62
N ILE D 236 -3.83 18.52 -19.45
CA ILE D 236 -4.50 17.25 -19.16
C ILE D 236 -6.00 17.42 -19.34
N CYS D 237 -6.62 16.52 -20.11
CA CYS D 237 -8.06 16.49 -20.30
C CYS D 237 -8.59 15.16 -19.81
N LEU D 238 -9.66 15.19 -19.01
CA LEU D 238 -10.28 13.98 -18.49
C LEU D 238 -11.56 13.69 -19.27
N ASP D 239 -11.79 12.40 -19.51
CA ASP D 239 -12.95 11.92 -20.26
C ASP D 239 -13.69 10.88 -19.44
N GLU D 240 -13.19 9.64 -19.44
CA GLU D 240 -13.87 8.57 -18.72
C GLU D 240 -14.05 8.88 -17.25
N SER D 241 -13.15 9.69 -16.67
CA SER D 241 -13.23 10.00 -15.25
C SER D 241 -14.36 10.98 -14.91
N ILE D 242 -14.81 11.78 -15.87
CA ILE D 242 -15.84 12.78 -15.62
C ILE D 242 -17.19 12.08 -15.80
N VAL D 243 -17.75 11.59 -14.68
CA VAL D 243 -19.01 10.86 -14.68
C VAL D 243 -20.14 11.64 -14.01
N SER D 244 -19.86 12.83 -13.48
CA SER D 244 -20.87 13.62 -12.81
C SER D 244 -20.29 15.01 -12.58
N ALA D 245 -21.17 15.95 -12.25
CA ALA D 245 -20.71 17.27 -11.86
C ALA D 245 -19.84 17.20 -10.60
N ARG D 246 -20.23 16.36 -9.64
CA ARG D 246 -19.41 16.17 -8.45
C ARG D 246 -18.03 15.63 -8.81
N ALA D 247 -17.96 14.74 -9.80
CA ALA D 247 -16.68 14.18 -10.23
C ALA D 247 -15.78 15.25 -10.86
N ALA D 248 -16.35 16.13 -11.69
CA ALA D 248 -15.54 17.22 -12.25
C ALA D 248 -15.09 18.16 -11.15
N ALA D 249 -16.00 18.49 -10.23
CA ALA D 249 -15.64 19.32 -9.09
C ALA D 249 -14.46 18.73 -8.32
N ASP D 250 -14.53 17.43 -8.02
CA ASP D 250 -13.47 16.77 -7.26
C ASP D 250 -12.16 16.76 -8.05
N ALA D 251 -12.20 16.54 -9.36
CA ALA D 251 -10.97 16.54 -10.15
C ALA D 251 -10.35 17.92 -10.23
N ILE D 252 -11.17 18.98 -10.33
CA ILE D 252 -10.63 20.33 -10.37
C ILE D 252 -10.01 20.70 -9.03
N LYS D 253 -10.69 20.35 -7.94
CA LYS D 253 -10.15 20.63 -6.62
C LYS D 253 -8.78 19.98 -6.43
N LEU D 254 -8.57 18.80 -7.02
CA LEU D 254 -7.33 18.07 -6.87
C LEU D 254 -6.29 18.42 -7.93
N GLY D 255 -6.57 19.40 -8.79
CA GLY D 255 -5.62 19.72 -9.86
C GLY D 255 -5.38 18.59 -10.85
N ALA D 256 -6.39 17.77 -11.13
CA ALA D 256 -6.17 16.63 -12.00
C ALA D 256 -6.53 16.91 -13.46
N VAL D 257 -7.05 18.10 -13.78
CA VAL D 257 -7.65 18.34 -15.09
C VAL D 257 -7.63 19.83 -15.38
N GLN D 258 -7.33 20.21 -16.64
CA GLN D 258 -7.62 21.60 -16.99
C GLN D 258 -8.63 21.73 -18.11
N ILE D 259 -8.97 20.65 -18.82
CA ILE D 259 -10.04 20.66 -19.82
C ILE D 259 -10.89 19.40 -19.64
N VAL D 260 -12.21 19.55 -19.69
CA VAL D 260 -13.14 18.46 -19.45
C VAL D 260 -13.84 18.08 -20.74
N ASN D 261 -13.89 16.78 -21.03
CA ASN D 261 -14.71 16.24 -22.11
C ASN D 261 -16.07 15.88 -21.50
N ILE D 262 -17.11 16.56 -21.95
CA ILE D 262 -18.46 16.28 -21.47
C ILE D 262 -19.13 15.31 -22.43
N LYS D 263 -19.36 14.08 -21.97
CA LYS D 263 -20.17 13.10 -22.68
C LYS D 263 -21.51 12.98 -21.97
N PRO D 264 -22.59 13.51 -22.54
CA PRO D 264 -23.86 13.53 -21.79
C PRO D 264 -24.30 12.16 -21.29
N GLY D 265 -24.20 11.12 -22.13
CA GLY D 265 -24.59 9.80 -21.68
C GLY D 265 -23.72 9.29 -20.56
N GLN D 266 -22.43 9.61 -20.60
CA GLN D 266 -21.49 9.12 -19.60
C GLN D 266 -21.73 9.73 -18.23
N VAL D 267 -22.18 10.99 -18.18
CA VAL D 267 -22.47 11.67 -16.92
C VAL D 267 -23.92 11.49 -16.46
N GLY D 268 -24.73 10.74 -17.20
CA GLY D 268 -26.07 10.43 -16.79
C GLY D 268 -27.16 11.31 -17.35
N GLY D 269 -26.93 11.93 -18.50
CA GLY D 269 -27.96 12.73 -19.15
C GLY D 269 -27.46 14.11 -19.49
N TYR D 270 -28.29 14.79 -20.30
CA TYR D 270 -27.96 16.13 -20.76
C TYR D 270 -28.16 17.17 -19.66
N LEU D 271 -29.10 16.94 -18.74
CA LEU D 271 -29.27 17.84 -17.61
C LEU D 271 -28.03 17.86 -16.73
N GLU D 272 -27.56 16.68 -16.33
CA GLU D 272 -26.28 16.61 -15.62
C GLU D 272 -25.16 17.17 -16.48
N ALA D 273 -25.22 16.95 -17.79
CA ALA D 273 -24.19 17.47 -18.69
C ALA D 273 -24.10 18.98 -18.60
N ARG D 274 -25.24 19.66 -18.59
CA ARG D 274 -25.25 21.11 -18.40
C ARG D 274 -24.69 21.48 -17.04
N ARG D 275 -25.05 20.72 -16.00
CA ARG D 275 -24.49 21.00 -14.68
C ARG D 275 -22.97 20.86 -14.67
N VAL D 276 -22.45 19.87 -15.40
CA VAL D 276 -20.99 19.73 -15.52
C VAL D 276 -20.39 20.95 -16.21
N HIS D 277 -21.02 21.38 -17.32
CA HIS D 277 -20.60 22.60 -18.01
C HIS D 277 -20.55 23.79 -17.08
N ASP D 278 -21.57 23.93 -16.21
CA ASP D 278 -21.65 25.10 -15.33
C ASP D 278 -20.58 25.04 -14.25
N VAL D 279 -20.37 23.85 -13.68
CA VAL D 279 -19.34 23.68 -12.64
C VAL D 279 -17.96 24.01 -13.20
N CYS D 280 -17.60 23.43 -14.34
CA CYS D 280 -16.33 23.77 -14.96
C CYS D 280 -16.22 25.24 -15.28
N ALA D 281 -17.29 25.83 -15.81
CA ALA D 281 -17.25 27.26 -16.12
C ALA D 281 -16.99 28.09 -14.88
N ALA D 282 -17.64 27.74 -13.77
CA ALA D 282 -17.43 28.47 -12.52
C ALA D 282 -15.99 28.37 -12.03
N HIS D 283 -15.25 27.34 -12.43
CA HIS D 283 -13.86 27.12 -12.03
C HIS D 283 -12.86 27.52 -13.10
N GLY D 284 -13.33 28.14 -14.20
CA GLY D 284 -12.42 28.53 -15.25
C GLY D 284 -11.91 27.40 -16.11
N ILE D 285 -12.64 26.28 -16.18
CA ILE D 285 -12.21 25.08 -16.89
C ILE D 285 -12.94 25.02 -18.22
N PRO D 286 -12.24 25.04 -19.36
CA PRO D 286 -12.92 24.87 -20.64
C PRO D 286 -13.44 23.46 -20.79
N VAL D 287 -14.60 23.35 -21.45
CA VAL D 287 -15.18 22.05 -21.79
C VAL D 287 -15.36 21.97 -23.30
N TRP D 288 -15.45 20.74 -23.79
CA TRP D 288 -15.85 20.49 -25.16
C TRP D 288 -16.71 19.23 -25.17
N CYS D 289 -17.52 19.10 -26.21
CA CYS D 289 -18.50 18.02 -26.24
C CYS D 289 -17.89 16.76 -26.86
N GLY D 290 -18.16 15.62 -26.24
CA GLY D 290 -17.62 14.36 -26.68
C GLY D 290 -18.62 13.53 -27.46
N GLY D 291 -18.10 12.68 -28.34
CA GLY D 291 -18.96 11.83 -29.13
C GLY D 291 -18.86 10.38 -28.72
N MET D 292 -19.88 9.62 -29.08
CA MET D 292 -19.89 8.18 -28.85
C MET D 292 -20.40 7.46 -30.09
N ILE D 293 -20.04 8.00 -31.25
CA ILE D 293 -20.43 7.52 -32.57
C ILE D 293 -21.96 7.44 -32.60
N GLU D 294 -22.60 8.56 -32.29
CA GLU D 294 -24.05 8.59 -32.15
C GLU D 294 -24.74 8.72 -33.52
N THR D 295 -26.05 8.47 -33.51
CA THR D 295 -26.92 8.78 -34.63
C THR D 295 -27.24 10.26 -34.64
N GLY D 296 -28.10 10.68 -35.56
CA GLY D 296 -28.56 12.05 -35.58
C GLY D 296 -29.31 12.46 -34.33
N LEU D 297 -29.89 11.50 -33.62
CA LEU D 297 -30.58 11.83 -32.38
C LEU D 297 -29.59 12.35 -31.35
N GLY D 298 -28.60 11.52 -31.00
CA GLY D 298 -27.56 11.97 -30.10
C GLY D 298 -26.75 13.12 -30.66
N ARG D 299 -26.53 13.13 -31.98
CA ARG D 299 -25.77 14.22 -32.59
C ARG D 299 -26.50 15.55 -32.45
N ALA D 300 -27.82 15.55 -32.60
CA ALA D 300 -28.59 16.80 -32.45
C ALA D 300 -28.51 17.31 -31.02
N ALA D 301 -28.71 16.42 -30.05
CA ALA D 301 -28.60 16.84 -28.66
C ALA D 301 -27.19 17.31 -28.33
N ASN D 302 -26.18 16.66 -28.92
CA ASN D 302 -24.79 17.05 -28.65
C ASN D 302 -24.49 18.41 -29.23
N VAL D 303 -24.98 18.70 -30.44
CA VAL D 303 -24.78 20.01 -31.05
C VAL D 303 -25.45 21.09 -30.22
N ALA D 304 -26.70 20.86 -29.79
CA ALA D 304 -27.36 21.79 -28.90
C ALA D 304 -26.51 22.05 -27.66
N LEU D 305 -26.15 20.99 -26.94
CA LEU D 305 -25.35 21.15 -25.74
C LEU D 305 -24.04 21.89 -26.04
N ALA D 306 -23.38 21.53 -27.14
CA ALA D 306 -22.08 22.10 -27.49
C ALA D 306 -22.16 23.57 -27.88
N SER D 307 -23.36 24.12 -28.04
CA SER D 307 -23.55 25.55 -28.28
C SER D 307 -23.71 26.36 -26.99
N LEU D 308 -23.50 25.74 -25.84
CA LEU D 308 -23.54 26.50 -24.59
C LEU D 308 -22.25 27.29 -24.46
N PRO D 309 -22.24 28.33 -23.61
CA PRO D 309 -21.14 29.31 -23.69
C PRO D 309 -19.75 28.78 -23.37
N ASN D 310 -19.59 27.81 -22.47
CA ASN D 310 -18.26 27.37 -22.07
C ASN D 310 -17.68 26.26 -22.95
N PHE D 311 -18.35 25.91 -24.04
CA PHE D 311 -17.78 24.97 -25.00
C PHE D 311 -16.86 25.77 -25.92
N THR D 312 -15.65 26.03 -25.43
CA THR D 312 -14.69 26.89 -26.10
C THR D 312 -13.65 26.11 -26.90
N LEU D 313 -13.81 24.80 -27.03
CA LEU D 313 -12.99 23.98 -27.91
C LEU D 313 -13.93 23.19 -28.81
N PRO D 314 -13.57 22.99 -30.07
CA PRO D 314 -14.46 22.23 -30.95
C PRO D 314 -14.61 20.83 -30.41
N GLY D 315 -15.86 20.34 -30.39
CA GLY D 315 -16.14 19.06 -29.81
C GLY D 315 -16.05 17.93 -30.82
N ASP D 316 -16.25 16.72 -30.33
CA ASP D 316 -16.34 15.56 -31.20
C ASP D 316 -17.73 15.43 -31.80
N THR D 317 -18.25 16.55 -32.29
CA THR D 317 -19.55 16.61 -32.94
C THR D 317 -19.31 16.68 -34.44
N SER D 318 -18.75 15.60 -34.97
CA SER D 318 -18.42 15.56 -36.39
C SER D 318 -19.69 15.49 -37.22
N ALA D 319 -19.53 15.54 -38.54
CA ALA D 319 -20.68 15.46 -39.42
C ALA D 319 -21.21 14.03 -39.50
N SER D 320 -22.47 13.92 -39.92
CA SER D 320 -23.12 12.61 -40.03
C SER D 320 -22.36 11.70 -40.98
N ASP D 321 -21.87 12.26 -42.10
CA ASP D 321 -21.18 11.44 -43.11
C ASP D 321 -19.80 10.98 -42.68
N ARG D 322 -19.36 11.33 -41.46
CA ARG D 322 -18.09 10.83 -40.94
C ARG D 322 -18.22 9.39 -40.43
N PHE D 323 -19.42 8.98 -40.01
CA PHE D 323 -19.67 7.63 -39.51
C PHE D 323 -20.74 6.92 -40.31
N TYR D 324 -21.76 7.65 -40.76
CA TYR D 324 -22.92 7.06 -41.43
C TYR D 324 -23.21 7.81 -42.75
N THR D 326 -26.47 5.28 -43.77
CA THR D 326 -26.65 6.71 -43.52
C THR D 326 -27.46 6.98 -42.27
N ASP D 327 -27.52 8.25 -41.89
CA ASP D 327 -28.19 8.64 -40.66
C ASP D 327 -29.69 8.48 -40.75
N ILE D 328 -30.31 8.09 -39.63
CA ILE D 328 -31.74 7.83 -39.55
C ILE D 328 -32.57 9.10 -39.43
N THR D 329 -31.95 10.28 -39.46
CA THR D 329 -32.58 11.59 -39.39
C THR D 329 -32.12 12.39 -40.61
N GLU D 330 -32.39 13.67 -40.61
CA GLU D 330 -31.86 14.49 -41.64
C GLU D 330 -30.34 14.46 -41.38
N PRO D 331 -29.47 14.23 -42.41
CA PRO D 331 -28.04 14.21 -42.07
C PRO D 331 -27.59 15.58 -41.60
N PHE D 332 -26.55 15.59 -40.76
CA PHE D 332 -25.88 16.80 -40.29
C PHE D 332 -24.71 17.04 -41.22
N VAL D 333 -24.74 18.13 -41.98
CA VAL D 333 -23.80 18.36 -43.08
C VAL D 333 -22.88 19.51 -42.69
N LEU D 334 -21.56 19.28 -42.77
CA LEU D 334 -20.60 20.29 -42.35
C LEU D 334 -20.62 21.49 -43.29
N SER D 335 -20.66 22.68 -42.72
CA SER D 335 -20.64 23.93 -43.50
C SER D 335 -19.57 24.85 -42.91
N GLY D 336 -18.45 24.96 -43.60
CA GLY D 336 -17.32 25.75 -43.11
C GLY D 336 -16.79 25.24 -41.78
N GLY D 337 -16.69 23.92 -41.64
CA GLY D 337 -16.25 23.34 -40.40
C GLY D 337 -17.23 23.42 -39.24
N HIS D 338 -18.47 23.87 -39.50
CA HIS D 338 -19.46 24.04 -38.45
C HIS D 338 -20.70 23.20 -38.73
N LEU D 339 -21.44 22.87 -37.67
CA LEU D 339 -22.76 22.30 -37.83
C LEU D 339 -23.81 23.23 -37.23
N PRO D 340 -25.00 23.29 -37.82
CA PRO D 340 -26.03 24.19 -37.31
C PRO D 340 -26.79 23.59 -36.13
N VAL D 341 -27.06 24.43 -35.14
CA VAL D 341 -27.86 24.05 -33.97
C VAL D 341 -29.31 23.88 -34.42
N PRO D 342 -29.93 22.72 -34.19
CA PRO D 342 -31.33 22.55 -34.61
C PRO D 342 -32.26 23.58 -33.99
N THR D 343 -33.32 23.90 -34.73
CA THR D 343 -34.29 24.91 -34.32
C THR D 343 -35.68 24.36 -34.08
N GLY D 344 -35.97 23.13 -34.52
CA GLY D 344 -37.25 22.52 -34.28
C GLY D 344 -37.52 22.31 -32.81
N PRO D 345 -38.76 21.95 -32.48
CA PRO D 345 -39.07 21.60 -31.10
C PRO D 345 -38.34 20.34 -30.67
N GLY D 346 -38.00 20.28 -29.38
CA GLY D 346 -37.31 19.10 -28.86
C GLY D 346 -35.92 18.97 -29.45
N LEU D 347 -35.58 17.77 -29.88
CA LEU D 347 -34.31 17.54 -30.56
C LEU D 347 -34.21 18.31 -31.87
N GLY D 348 -35.33 18.71 -32.46
CA GLY D 348 -35.29 19.27 -33.79
C GLY D 348 -35.02 18.26 -34.89
N VAL D 349 -35.01 16.97 -34.55
CA VAL D 349 -34.84 15.87 -35.50
C VAL D 349 -35.57 14.65 -34.96
N ALA D 350 -35.94 13.76 -35.87
CA ALA D 350 -36.63 12.52 -35.51
C ALA D 350 -36.26 11.45 -36.53
N PRO D 351 -36.41 10.18 -36.17
CA PRO D 351 -36.07 9.11 -37.12
C PRO D 351 -36.99 9.13 -38.33
N ILE D 352 -36.41 8.83 -39.48
CA ILE D 352 -37.15 8.58 -40.72
C ILE D 352 -37.56 7.10 -40.69
N PRO D 353 -38.89 6.82 -40.50
CA PRO D 353 -39.23 5.42 -40.27
C PRO D 353 -38.68 4.39 -41.19
N GLU D 354 -38.47 4.74 -42.43
CA GLU D 354 -38.05 3.76 -43.39
C GLU D 354 -36.64 3.37 -43.14
N LEU D 355 -35.84 4.31 -42.68
CA LEU D 355 -34.46 4.05 -42.43
C LEU D 355 -34.28 3.41 -41.08
N LEU D 356 -35.10 3.81 -40.13
CA LEU D 356 -35.01 3.26 -38.78
C LEU D 356 -35.43 1.79 -38.77
N ASP D 357 -36.53 1.47 -39.46
CA ASP D 357 -36.97 0.08 -39.55
C ASP D 357 -35.92 -0.74 -40.28
N GLU D 358 -35.30 -0.10 -41.24
CA GLU D 358 -34.31 -0.75 -42.06
C GLU D 358 -33.14 -1.29 -41.26
N VAL D 359 -32.77 -0.61 -40.17
CA VAL D 359 -31.63 -0.95 -39.34
C VAL D 359 -32.05 -1.49 -38.00
N THR D 360 -33.34 -1.69 -37.76
CA THR D 360 -33.84 -2.16 -36.46
C THR D 360 -33.70 -3.67 -36.37
N THR D 361 -33.03 -4.16 -35.33
CA THR D 361 -32.88 -5.61 -35.18
C THR D 361 -33.82 -6.21 -34.16
N ALA D 362 -34.38 -5.39 -33.26
CA ALA D 362 -35.28 -5.87 -32.21
C ALA D 362 -36.13 -4.70 -31.72
N LYS D 363 -37.32 -5.04 -31.24
CA LYS D 363 -38.22 -4.03 -30.73
C LYS D 363 -39.06 -4.69 -29.66
N VAL D 364 -39.33 -3.96 -28.58
CA VAL D 364 -40.16 -4.42 -27.45
C VAL D 364 -40.82 -3.19 -26.85
N TRP D 365 -42.06 -3.34 -26.36
CA TRP D 365 -42.78 -2.25 -25.76
C TRP D 365 -42.95 -2.48 -24.26
N ILE D 366 -42.55 -1.51 -23.45
CA ILE D 366 -42.77 -1.54 -22.01
C ILE D 366 -43.74 -0.41 -21.70
N GLY D 367 -44.94 -0.75 -21.25
CA GLY D 367 -45.92 0.31 -21.14
C GLY D 367 -47.12 0.13 -20.24
N SER D 368 -48.25 0.60 -20.76
CA SER D 368 -49.53 0.61 -20.07
C SER D 368 -50.64 0.80 -21.10
C15 8JI E . -24.21 -8.36 7.34
C01 8JI E . -27.09 -5.64 2.43
C02 8JI E . -26.90 -6.09 3.72
C03 8JI E . -25.69 -5.88 4.35
C04 8JI E . -24.69 -5.22 3.68
C05 8JI E . -24.87 -4.79 2.38
C06 8JI E . -26.08 -5.00 1.75
C07 8JI E . -23.34 -5.02 4.39
C08 8JI E . -23.04 -3.55 4.75
C12 8JI E . -23.65 -5.98 6.81
C14 8JI E . -23.32 -7.18 7.69
C16 8JI E . -23.54 -9.70 7.59
N11 8JI E . -23.17 -6.02 5.45
O09 8JI E . -23.76 -2.65 4.23
O10 8JI E . -22.07 -3.22 5.50
O13 8JI E . -24.27 -5.06 7.23
O17 8JI E . -23.37 -10.49 6.63
O18 8JI E . -23.16 -10.02 8.75
MG MG F . -21.44 -1.62 5.27
C15 8JI G . 23.93 -8.08 -8.33
C01 8JI G . 26.91 -5.39 -3.31
C02 8JI G . 26.81 -5.15 -4.67
C03 8JI G . 25.57 -5.00 -5.26
C04 8JI G . 24.42 -5.07 -4.50
C05 8JI G . 24.53 -5.32 -3.13
C06 8JI G . 25.77 -5.47 -2.55
C07 8JI G . 23.03 -4.92 -5.12
C08 8JI G . 22.66 -3.45 -5.43
C12 8JI G . 23.42 -5.72 -7.56
C14 8JI G . 23.13 -6.81 -8.59
C16 8JI G . 23.34 -9.27 -9.06
N11 8JI G . 22.86 -5.85 -6.24
O09 8JI G . 21.78 -3.17 -6.30
O10 8JI G . 23.22 -2.53 -4.77
O13 8JI G . 24.09 -4.78 -7.86
O17 8JI G . 23.11 -9.19 -10.29
O18 8JI G . 23.10 -10.35 -8.44
MG MG H . 21.37 -1.34 -5.42
OH2 1PE I . -10.17 12.62 12.52
C12 1PE I . -9.18 13.48 12.05
C22 1PE I . -8.86 13.17 10.59
OH3 1PE I . -8.01 12.05 10.53
C13 1PE I . -7.15 10.76 8.66
C23 1PE I . -7.08 12.07 9.47
OH4 1PE I . -6.33 9.81 9.26
C14 1PE I . -4.77 8.01 9.23
C24 1PE I . -5.73 8.87 8.41
OH5 1PE I . -5.48 7.49 10.32
C15 1PE I . -6.25 5.65 11.61
C25 1PE I . -5.15 6.18 10.70
OH6 1PE I . -5.89 4.40 12.15
C16 1PE I . -7.86 4.42 13.59
C26 1PE I . -6.34 4.20 13.46
OH7 1PE I . -8.24 4.37 14.95
C15 8JI J . 16.67 3.07 32.52
C01 8JI J . 15.56 -1.77 28.57
C02 8JI J . 15.91 -1.15 27.39
C03 8JI J . 15.82 0.24 27.28
C04 8JI J . 15.36 0.99 28.35
C05 8JI J . 15.03 0.36 29.54
C06 8JI J . 15.11 -1.02 29.65
C07 8JI J . 15.29 2.51 28.22
C08 8JI J . 13.94 3.01 27.69
C12 8JI J . 14.95 3.30 30.69
C14 8JI J . 15.61 3.98 31.89
C16 8JI J . 17.64 3.80 33.45
N11 8JI J . 15.73 3.14 29.47
O09 8JI J . 13.10 2.17 27.28
O10 8JI J . 13.70 4.25 27.64
O13 8JI J . 13.83 2.93 30.76
O17 8JI J . 17.19 4.49 34.41
O18 8JI J . 18.88 3.72 33.26
MG MG K . 12.51 4.46 26.14
C15 8JI L . -16.22 9.84 -31.69
C01 8JI L . -15.28 4.27 -28.74
C02 8JI L . -15.92 4.71 -27.60
C03 8JI L . -15.82 6.05 -27.23
C04 8JI L . -15.06 6.94 -27.98
C05 8JI L . -14.43 6.48 -29.12
C06 8JI L . -14.53 5.14 -29.50
C07 8JI L . -15.00 8.41 -27.55
C08 8JI L . -13.71 8.82 -26.82
C12 8JI L . -14.53 9.61 -29.83
C14 8JI L . -15.10 10.53 -30.90
C16 8JI L . -17.12 10.82 -32.47
N11 8JI L . -15.35 9.27 -28.68
O09 8JI L . -13.37 10.03 -26.75
O10 8JI L . -13.00 7.94 -26.25
O13 8JI L . -13.42 9.19 -29.95
O17 8JI L . -18.36 10.82 -32.30
O18 8JI L . -16.59 11.64 -33.28
MG MG M . -12.21 10.07 -25.10
#